data_7VH9
#
_entry.id   7VH9
#
_entity_poly.entity_id   1
_entity_poly.type   'polypeptide(L)'
_entity_poly.pdbx_seq_one_letter_code
;GEVRNIVDKTASFVARNGPEFEARIRQNEINNPKFNFLNPNDPYHAYYRHKVSEFKEGKAQEPSSGSSGSSGSSGSSGQR
PGDPQSAQDKARMDKEYLSLMAELGEAPVPA
;
_entity_poly.pdbx_strand_id   A
#
# COMPACT_ATOMS: atom_id res chain seq x y z
N GLY A 1 2.86 -14.27 -15.92
CA GLY A 1 2.12 -13.02 -16.14
C GLY A 1 0.92 -12.96 -15.20
N GLU A 2 1.03 -12.18 -14.11
CA GLU A 2 0.06 -12.20 -13.00
C GLU A 2 -0.16 -10.81 -12.34
N VAL A 3 0.18 -9.72 -13.05
CA VAL A 3 0.17 -8.34 -12.51
C VAL A 3 -1.18 -7.92 -11.92
N ARG A 4 -2.30 -8.30 -12.52
CA ARG A 4 -3.66 -8.02 -11.99
C ARG A 4 -3.86 -8.56 -10.56
N ASN A 5 -3.36 -9.76 -10.27
CA ASN A 5 -3.44 -10.39 -8.96
C ASN A 5 -2.46 -9.74 -7.95
N ILE A 6 -1.26 -9.36 -8.41
CA ILE A 6 -0.30 -8.60 -7.60
C ILE A 6 -0.87 -7.23 -7.22
N VAL A 7 -1.50 -6.54 -8.16
CA VAL A 7 -2.18 -5.24 -7.96
C VAL A 7 -3.29 -5.39 -6.93
N ASP A 8 -4.16 -6.39 -7.05
CA ASP A 8 -5.22 -6.68 -6.07
C ASP A 8 -4.72 -6.84 -4.63
N LYS A 9 -3.75 -7.73 -4.42
CA LYS A 9 -3.17 -7.98 -3.09
C LYS A 9 -2.38 -6.79 -2.56
N THR A 10 -1.56 -6.15 -3.38
CA THR A 10 -0.81 -4.93 -3.00
C THR A 10 -1.76 -3.79 -2.63
N ALA A 11 -2.82 -3.56 -3.40
CA ALA A 11 -3.84 -2.56 -3.08
C ALA A 11 -4.53 -2.83 -1.73
N SER A 12 -4.81 -4.10 -1.41
CA SER A 12 -5.39 -4.50 -0.13
C SER A 12 -4.46 -4.18 1.04
N PHE A 13 -3.18 -4.53 0.89
CA PHE A 13 -2.13 -4.23 1.86
C PHE A 13 -1.79 -2.74 2.06
N VAL A 14 -1.74 -1.96 0.97
CA VAL A 14 -1.54 -0.50 0.99
C VAL A 14 -2.76 0.20 1.60
N ALA A 15 -3.99 -0.20 1.25
CA ALA A 15 -5.20 0.37 1.82
C ALA A 15 -5.30 0.15 3.34
N ARG A 16 -4.82 -1.00 3.84
CA ARG A 16 -4.72 -1.33 5.27
C ARG A 16 -3.60 -0.56 6.00
N ASN A 17 -2.40 -0.52 5.43
CA ASN A 17 -1.19 -0.03 6.10
C ASN A 17 -0.76 1.41 5.75
N GLY A 18 -1.44 2.09 4.83
CA GLY A 18 -1.26 3.51 4.49
C GLY A 18 -0.29 3.79 3.33
N PRO A 19 -0.16 5.06 2.90
CA PRO A 19 0.64 5.46 1.73
C PRO A 19 2.16 5.27 1.92
N GLU A 20 2.65 5.15 3.16
CA GLU A 20 4.05 4.78 3.43
C GLU A 20 4.33 3.31 3.05
N PHE A 21 3.32 2.44 3.06
CA PHE A 21 3.43 1.03 2.64
C PHE A 21 3.64 1.01 1.10
N GLU A 22 2.95 1.88 0.35
CA GLU A 22 3.19 2.07 -1.09
C GLU A 22 4.63 2.53 -1.34
N ALA A 23 5.10 3.54 -0.60
CA ALA A 23 6.47 4.06 -0.71
C ALA A 23 7.54 2.98 -0.41
N ARG A 24 7.29 2.09 0.56
CA ARG A 24 8.19 0.97 0.89
C ARG A 24 8.42 0.05 -0.31
N ILE A 25 7.34 -0.39 -0.97
CA ILE A 25 7.43 -1.26 -2.16
C ILE A 25 7.96 -0.46 -3.36
N ARG A 26 7.47 0.76 -3.59
CA ARG A 26 7.89 1.61 -4.72
C ARG A 26 9.39 1.91 -4.68
N GLN A 27 9.98 2.16 -3.52
CA GLN A 27 11.42 2.42 -3.42
C GLN A 27 12.26 1.15 -3.65
N ASN A 28 11.80 -0.01 -3.17
CA ASN A 28 12.49 -1.30 -3.30
C ASN A 28 12.40 -1.90 -4.72
N GLU A 29 11.29 -1.66 -5.44
CA GLU A 29 10.94 -2.31 -6.71
C GLU A 29 10.61 -1.29 -7.83
N ILE A 30 11.25 -0.11 -7.79
CA ILE A 30 10.92 1.07 -8.61
C ILE A 30 10.84 0.82 -10.13
N ASN A 31 11.68 -0.08 -10.65
CA ASN A 31 11.77 -0.45 -12.08
C ASN A 31 11.33 -1.91 -12.37
N ASN A 32 10.87 -2.66 -11.35
CA ASN A 32 10.50 -4.07 -11.50
C ASN A 32 9.26 -4.19 -12.41
N PRO A 33 9.28 -5.03 -13.47
CA PRO A 33 8.17 -5.14 -14.44
C PRO A 33 6.85 -5.56 -13.79
N LYS A 34 6.88 -6.31 -12.67
CA LYS A 34 5.69 -6.68 -11.90
C LYS A 34 5.12 -5.53 -11.07
N PHE A 35 5.97 -4.65 -10.54
CA PHE A 35 5.62 -3.58 -9.60
C PHE A 35 5.53 -2.15 -10.15
N ASN A 36 5.78 -1.98 -11.45
CA ASN A 36 5.76 -0.68 -12.13
C ASN A 36 4.39 0.05 -12.04
N PHE A 37 3.30 -0.64 -11.68
CA PHE A 37 1.98 -0.04 -11.47
C PHE A 37 1.94 0.98 -10.32
N LEU A 38 2.93 0.98 -9.41
CA LEU A 38 3.06 2.01 -8.37
C LEU A 38 3.53 3.36 -8.94
N ASN A 39 4.16 3.37 -10.13
CA ASN A 39 4.46 4.58 -10.89
C ASN A 39 3.19 5.03 -11.66
N PRO A 40 2.93 6.35 -11.79
CA PRO A 40 1.70 6.88 -12.40
C PRO A 40 1.58 6.65 -13.92
N ASN A 41 2.66 6.23 -14.59
CA ASN A 41 2.74 6.06 -16.05
C ASN A 41 2.00 4.82 -16.58
N ASP A 42 1.73 3.82 -15.74
CA ASP A 42 1.21 2.50 -16.16
C ASP A 42 -0.31 2.38 -16.39
N PRO A 43 -0.77 1.52 -17.32
CA PRO A 43 -2.20 1.19 -17.46
C PRO A 43 -2.76 0.56 -16.18
N TYR A 44 -1.98 -0.29 -15.51
CA TYR A 44 -2.32 -0.85 -14.21
C TYR A 44 -2.50 0.13 -13.04
N HIS A 45 -1.94 1.34 -13.14
CA HIS A 45 -2.03 2.36 -12.08
C HIS A 45 -3.50 2.77 -11.84
N ALA A 46 -4.30 2.94 -12.88
CA ALA A 46 -5.72 3.28 -12.76
C ALA A 46 -6.52 2.20 -12.00
N TYR A 47 -6.28 0.92 -12.32
CA TYR A 47 -6.87 -0.20 -11.58
C TYR A 47 -6.38 -0.29 -10.12
N TYR A 48 -5.07 -0.17 -9.93
CA TYR A 48 -4.42 -0.09 -8.62
C TYR A 48 -4.98 0.98 -7.66
N ARG A 49 -5.00 2.23 -8.13
CA ARG A 49 -5.53 3.39 -7.38
C ARG A 49 -7.01 3.23 -7.03
N HIS A 50 -7.79 2.67 -7.95
CA HIS A 50 -9.20 2.35 -7.71
C HIS A 50 -9.35 1.24 -6.66
N LYS A 51 -8.54 0.18 -6.74
CA LYS A 51 -8.55 -0.92 -5.77
C LYS A 51 -8.17 -0.49 -4.36
N VAL A 52 -7.23 0.43 -4.19
CA VAL A 52 -6.87 0.98 -2.87
C VAL A 52 -8.09 1.68 -2.25
N SER A 53 -8.77 2.53 -3.03
CA SER A 53 -10.00 3.22 -2.62
C SER A 53 -11.13 2.24 -2.27
N GLU A 54 -11.27 1.17 -3.07
CA GLU A 54 -12.24 0.11 -2.83
C GLU A 54 -11.96 -0.65 -1.52
N PHE A 55 -10.69 -1.00 -1.28
CA PHE A 55 -10.24 -1.59 -0.03
C PHE A 55 -10.32 -0.71 1.23
N LYS A 56 -10.20 0.62 1.04
CA LYS A 56 -10.35 1.64 2.08
C LYS A 56 -11.81 1.89 2.48
N GLU A 57 -12.68 2.17 1.51
CA GLU A 57 -14.04 2.66 1.76
C GLU A 57 -15.14 1.59 1.73
N GLY A 58 -14.93 0.47 1.03
CA GLY A 58 -15.96 -0.55 0.79
C GLY A 58 -17.19 -0.01 0.03
N LYS A 59 -18.35 -0.67 0.22
CA LYS A 59 -19.64 -0.31 -0.41
C LYS A 59 -20.83 -0.23 0.57
N ALA A 60 -20.58 -0.30 1.88
CA ALA A 60 -21.61 -0.20 2.92
C ALA A 60 -22.24 1.21 2.98
N GLN A 61 -23.57 1.27 3.09
CA GLN A 61 -24.34 2.52 3.16
C GLN A 61 -24.26 3.20 4.54
N GLU A 62 -24.30 4.53 4.58
CA GLU A 62 -24.36 5.34 5.80
C GLU A 62 -25.06 6.70 5.52
N PRO A 63 -26.05 7.14 6.31
CA PRO A 63 -26.75 8.40 6.10
C PRO A 63 -25.91 9.62 6.50
N SER A 64 -26.05 10.73 5.77
CA SER A 64 -25.46 12.03 6.11
C SER A 64 -26.28 12.77 7.17
N SER A 65 -25.63 13.44 8.12
CA SER A 65 -26.26 14.24 9.19
C SER A 65 -25.30 15.29 9.79
N GLY A 66 -25.88 16.31 10.43
CA GLY A 66 -25.15 17.40 11.11
C GLY A 66 -24.44 18.40 10.19
N SER A 67 -23.75 19.37 10.80
CA SER A 67 -22.95 20.40 10.09
C SER A 67 -21.68 19.81 9.43
N SER A 68 -21.24 20.43 8.33
CA SER A 68 -20.02 20.02 7.61
C SER A 68 -18.74 20.31 8.40
N GLY A 69 -17.72 19.45 8.25
CA GLY A 69 -16.40 19.59 8.88
C GLY A 69 -15.55 20.76 8.37
N SER A 70 -16.01 21.47 7.33
CA SER A 70 -15.39 22.71 6.83
C SER A 70 -15.54 23.91 7.79
N SER A 71 -16.50 23.86 8.73
CA SER A 71 -16.74 24.92 9.73
C SER A 71 -15.65 24.98 10.80
N GLY A 72 -15.18 26.19 11.13
CA GLY A 72 -14.15 26.44 12.15
C GLY A 72 -12.75 25.92 11.80
N SER A 73 -11.89 25.82 12.81
CA SER A 73 -10.52 25.27 12.73
C SER A 73 -10.03 24.74 14.08
N SER A 74 -8.91 24.02 14.09
CA SER A 74 -8.24 23.54 15.31
C SER A 74 -7.54 24.65 16.12
N GLY A 75 -7.26 25.81 15.49
CA GLY A 75 -6.64 26.99 16.11
C GLY A 75 -5.72 27.76 15.15
N SER A 76 -5.56 29.07 15.39
CA SER A 76 -4.66 29.93 14.62
C SER A 76 -3.19 29.60 14.87
N SER A 77 -2.36 29.66 13.82
CA SER A 77 -0.90 29.44 13.85
C SER A 77 -0.45 28.08 14.46
N GLY A 78 -1.29 27.04 14.38
CA GLY A 78 -1.10 25.73 15.01
C GLY A 78 -0.06 24.80 14.34
N GLN A 79 0.89 25.34 13.58
CA GLN A 79 1.95 24.58 12.89
C GLN A 79 2.94 23.90 13.85
N ARG A 80 3.51 22.77 13.42
CA ARG A 80 4.51 21.96 14.15
C ARG A 80 5.37 21.12 13.19
N PRO A 81 6.61 20.75 13.55
CA PRO A 81 7.44 19.81 12.77
C PRO A 81 6.86 18.39 12.80
N GLY A 82 7.15 17.59 11.76
CA GLY A 82 6.75 16.18 11.66
C GLY A 82 7.55 15.25 12.58
N ASP A 83 6.89 14.25 13.16
CA ASP A 83 7.48 13.19 13.97
C ASP A 83 8.14 12.02 13.18
N PRO A 84 9.22 11.39 13.70
CA PRO A 84 9.84 10.22 13.08
C PRO A 84 8.95 8.97 13.19
N GLN A 85 9.16 8.01 12.28
CA GLN A 85 8.43 6.73 12.19
C GLN A 85 8.88 5.68 13.24
N SER A 86 9.15 6.12 14.48
CA SER A 86 9.67 5.29 15.59
C SER A 86 8.62 4.35 16.22
N ALA A 87 7.33 4.55 15.92
CA ALA A 87 6.21 3.77 16.44
C ALA A 87 6.19 2.31 15.92
N GLN A 88 5.42 1.44 16.60
CA GLN A 88 5.24 0.02 16.23
C GLN A 88 4.64 -0.20 14.83
N ASP A 89 3.99 0.82 14.25
CA ASP A 89 3.56 0.82 12.85
C ASP A 89 4.67 0.55 11.81
N LYS A 90 5.94 0.85 12.15
CA LYS A 90 7.12 0.50 11.32
C LYS A 90 7.40 -1.01 11.33
N ALA A 91 7.47 -1.63 12.51
CA ALA A 91 7.63 -3.09 12.63
C ALA A 91 6.45 -3.86 12.00
N ARG A 92 5.23 -3.30 12.11
CA ARG A 92 4.04 -3.78 11.41
C ARG A 92 4.21 -3.77 9.89
N MET A 93 4.54 -2.64 9.27
CA MET A 93 4.70 -2.59 7.80
C MET A 93 5.88 -3.44 7.31
N ASP A 94 6.95 -3.56 8.08
CA ASP A 94 8.05 -4.47 7.78
C ASP A 94 7.64 -5.94 7.70
N LYS A 95 6.87 -6.43 8.68
CA LYS A 95 6.34 -7.81 8.68
C LYS A 95 5.22 -7.99 7.66
N GLU A 96 4.30 -7.04 7.52
CA GLU A 96 3.24 -7.06 6.50
C GLU A 96 3.81 -7.08 5.07
N TYR A 97 4.94 -6.42 4.84
CA TYR A 97 5.69 -6.48 3.57
C TYR A 97 6.23 -7.88 3.25
N LEU A 98 6.86 -8.53 4.22
CA LEU A 98 7.27 -9.95 4.11
C LEU A 98 6.05 -10.84 3.81
N SER A 99 4.93 -10.58 4.49
CA SER A 99 3.69 -11.36 4.35
C SER A 99 3.06 -11.18 2.97
N LEU A 100 3.12 -9.98 2.38
CA LEU A 100 2.69 -9.72 1.00
C LEU A 100 3.53 -10.53 0.02
N MET A 101 4.86 -10.43 0.10
CA MET A 101 5.77 -11.12 -0.80
C MET A 101 5.65 -12.65 -0.70
N ALA A 102 5.49 -13.18 0.51
CA ALA A 102 5.25 -14.61 0.75
C ALA A 102 3.91 -15.11 0.15
N GLU A 103 2.83 -14.32 0.27
CA GLU A 103 1.53 -14.64 -0.33
C GLU A 103 1.51 -14.56 -1.87
N LEU A 104 2.31 -13.66 -2.46
CA LEU A 104 2.55 -13.58 -3.91
C LEU A 104 3.48 -14.69 -4.43
N GLY A 105 4.17 -15.42 -3.53
CA GLY A 105 5.11 -16.49 -3.87
C GLY A 105 6.49 -15.99 -4.32
N GLU A 106 6.83 -14.74 -4.03
CA GLU A 106 8.12 -14.12 -4.36
C GLU A 106 9.27 -14.61 -3.45
N ALA A 107 10.51 -14.56 -3.97
CA ALA A 107 11.68 -15.16 -3.34
C ALA A 107 12.05 -14.48 -1.99
N PRO A 108 12.29 -15.25 -0.90
CA PRO A 108 12.84 -14.75 0.36
C PRO A 108 14.26 -14.16 0.22
N VAL A 109 14.71 -13.44 1.25
CA VAL A 109 16.05 -12.85 1.36
C VAL A 109 16.60 -12.89 2.81
N PRO A 110 17.87 -13.28 3.05
CA PRO A 110 18.45 -13.31 4.39
C PRO A 110 18.69 -11.90 4.97
N ALA A 111 18.75 -11.81 6.30
CA ALA A 111 19.05 -10.58 7.06
C ALA A 111 20.51 -10.10 6.87
N GLY A 1 3.01 -12.82 -16.63
CA GLY A 1 2.96 -12.65 -15.16
C GLY A 1 1.59 -12.14 -14.72
N GLU A 2 1.13 -12.57 -13.54
CA GLU A 2 -0.21 -12.25 -12.99
C GLU A 2 -0.29 -10.84 -12.36
N VAL A 3 0.05 -9.79 -13.13
CA VAL A 3 0.10 -8.40 -12.62
C VAL A 3 -1.21 -7.95 -11.99
N ARG A 4 -2.37 -8.32 -12.56
CA ARG A 4 -3.69 -7.97 -11.99
C ARG A 4 -3.91 -8.53 -10.57
N ASN A 5 -3.41 -9.74 -10.30
CA ASN A 5 -3.46 -10.37 -8.97
C ASN A 5 -2.45 -9.74 -7.99
N ILE A 6 -1.25 -9.39 -8.47
CA ILE A 6 -0.25 -8.66 -7.68
C ILE A 6 -0.78 -7.26 -7.29
N VAL A 7 -1.42 -6.56 -8.23
CA VAL A 7 -2.08 -5.26 -8.03
C VAL A 7 -3.18 -5.41 -6.97
N ASP A 8 -4.09 -6.37 -7.10
CA ASP A 8 -5.14 -6.65 -6.11
C ASP A 8 -4.66 -6.84 -4.67
N LYS A 9 -3.69 -7.74 -4.48
CA LYS A 9 -3.12 -8.01 -3.15
C LYS A 9 -2.32 -6.82 -2.61
N THR A 10 -1.49 -6.19 -3.44
CA THR A 10 -0.75 -4.97 -3.04
C THR A 10 -1.69 -3.83 -2.66
N ALA A 11 -2.76 -3.59 -3.42
CA ALA A 11 -3.77 -2.59 -3.10
C ALA A 11 -4.46 -2.87 -1.76
N SER A 12 -4.75 -4.14 -1.44
CA SER A 12 -5.34 -4.54 -0.16
C SER A 12 -4.40 -4.24 1.01
N PHE A 13 -3.12 -4.60 0.87
CA PHE A 13 -2.06 -4.32 1.83
C PHE A 13 -1.69 -2.84 2.04
N VAL A 14 -1.68 -2.05 0.97
CA VAL A 14 -1.48 -0.59 1.00
C VAL A 14 -2.69 0.10 1.62
N ALA A 15 -3.92 -0.28 1.25
CA ALA A 15 -5.13 0.29 1.84
C ALA A 15 -5.21 0.08 3.36
N ARG A 16 -4.70 -1.06 3.85
CA ARG A 16 -4.56 -1.40 5.27
C ARG A 16 -3.49 -0.56 5.97
N ASN A 17 -2.27 -0.56 5.42
CA ASN A 17 -1.06 0.01 6.04
C ASN A 17 -0.74 1.49 5.72
N GLY A 18 -1.47 2.13 4.80
CA GLY A 18 -1.31 3.53 4.42
C GLY A 18 -0.34 3.81 3.25
N PRO A 19 -0.24 5.06 2.79
CA PRO A 19 0.53 5.44 1.58
C PRO A 19 2.05 5.33 1.74
N GLU A 20 2.57 5.26 2.97
CA GLU A 20 3.99 4.93 3.21
C GLU A 20 4.32 3.50 2.76
N PHE A 21 3.34 2.57 2.82
CA PHE A 21 3.52 1.17 2.42
C PHE A 21 3.62 1.12 0.86
N GLU A 22 2.89 2.00 0.14
CA GLU A 22 3.05 2.18 -1.30
C GLU A 22 4.47 2.67 -1.65
N ALA A 23 4.93 3.73 -0.97
CA ALA A 23 6.26 4.29 -1.17
C ALA A 23 7.38 3.27 -0.88
N ARG A 24 7.22 2.44 0.16
CA ARG A 24 8.13 1.35 0.51
C ARG A 24 8.33 0.37 -0.65
N ILE A 25 7.25 -0.19 -1.18
CA ILE A 25 7.30 -1.15 -2.29
C ILE A 25 7.80 -0.47 -3.56
N ARG A 26 7.32 0.76 -3.86
CA ARG A 26 7.75 1.55 -5.02
C ARG A 26 9.25 1.82 -5.05
N GLN A 27 9.88 2.07 -3.91
CA GLN A 27 11.33 2.27 -3.82
C GLN A 27 12.12 0.94 -3.82
N ASN A 28 11.66 -0.08 -3.09
CA ASN A 28 12.35 -1.37 -2.97
C ASN A 28 12.33 -2.18 -4.27
N GLU A 29 11.21 -2.16 -4.99
CA GLU A 29 10.96 -2.90 -6.24
C GLU A 29 10.95 -1.97 -7.48
N ILE A 30 11.68 -0.84 -7.42
CA ILE A 30 11.61 0.25 -8.42
C ILE A 30 12.02 -0.19 -9.84
N ASN A 31 12.94 -1.16 -9.96
CA ASN A 31 13.38 -1.73 -11.23
C ASN A 31 12.60 -2.99 -11.65
N ASN A 32 11.72 -3.51 -10.79
CA ASN A 32 10.97 -4.75 -11.01
C ASN A 32 9.81 -4.52 -12.01
N PRO A 33 9.72 -5.26 -13.13
CA PRO A 33 8.66 -5.07 -14.12
C PRO A 33 7.25 -5.37 -13.58
N LYS A 34 7.12 -6.26 -12.58
CA LYS A 34 5.83 -6.60 -11.96
C LYS A 34 5.24 -5.46 -11.13
N PHE A 35 6.09 -4.68 -10.45
CA PHE A 35 5.71 -3.62 -9.51
C PHE A 35 5.55 -2.19 -10.08
N ASN A 36 5.80 -2.02 -11.38
CA ASN A 36 5.74 -0.72 -12.07
C ASN A 36 4.37 -0.02 -12.02
N PHE A 37 3.28 -0.73 -11.68
CA PHE A 37 1.95 -0.14 -11.50
C PHE A 37 1.87 0.90 -10.37
N LEU A 38 2.83 0.91 -9.44
CA LEU A 38 2.92 1.94 -8.40
C LEU A 38 3.40 3.29 -8.96
N ASN A 39 3.98 3.32 -10.16
CA ASN A 39 4.31 4.54 -10.89
C ASN A 39 3.10 5.04 -11.71
N PRO A 40 2.85 6.36 -11.81
CA PRO A 40 1.65 6.92 -12.46
C PRO A 40 1.58 6.72 -13.98
N ASN A 41 2.68 6.31 -14.62
CA ASN A 41 2.80 6.11 -16.06
C ASN A 41 2.07 4.84 -16.59
N ASP A 42 1.77 3.86 -15.73
CA ASP A 42 1.26 2.54 -16.13
C ASP A 42 -0.27 2.42 -16.38
N PRO A 43 -0.71 1.57 -17.32
CA PRO A 43 -2.14 1.26 -17.48
C PRO A 43 -2.74 0.63 -16.21
N TYR A 44 -1.96 -0.22 -15.52
CA TYR A 44 -2.33 -0.79 -14.24
C TYR A 44 -2.52 0.19 -13.07
N HIS A 45 -1.96 1.40 -13.16
CA HIS A 45 -2.05 2.40 -12.09
C HIS A 45 -3.51 2.83 -11.84
N ALA A 46 -4.32 3.00 -12.89
CA ALA A 46 -5.73 3.35 -12.77
C ALA A 46 -6.53 2.28 -11.99
N TYR A 47 -6.31 1.00 -12.32
CA TYR A 47 -6.89 -0.13 -11.58
C TYR A 47 -6.39 -0.23 -10.13
N TYR A 48 -5.07 -0.12 -9.96
CA TYR A 48 -4.41 -0.07 -8.65
C TYR A 48 -4.96 0.99 -7.68
N ARG A 49 -4.99 2.25 -8.12
CA ARG A 49 -5.50 3.40 -7.36
C ARG A 49 -6.98 3.24 -7.00
N HIS A 50 -7.79 2.71 -7.92
CA HIS A 50 -9.19 2.39 -7.66
C HIS A 50 -9.35 1.28 -6.62
N LYS A 51 -8.55 0.22 -6.73
CA LYS A 51 -8.54 -0.91 -5.77
C LYS A 51 -8.15 -0.48 -4.36
N VAL A 52 -7.19 0.44 -4.20
CA VAL A 52 -6.80 0.96 -2.87
C VAL A 52 -8.02 1.62 -2.24
N SER A 53 -8.66 2.57 -2.92
CA SER A 53 -9.87 3.25 -2.43
C SER A 53 -11.01 2.28 -2.13
N GLU A 54 -11.20 1.26 -2.97
CA GLU A 54 -12.19 0.20 -2.77
C GLU A 54 -11.91 -0.69 -1.55
N PHE A 55 -10.64 -0.95 -1.25
CA PHE A 55 -10.19 -1.58 -0.01
C PHE A 55 -10.25 -0.70 1.25
N LYS A 56 -10.02 0.60 1.10
CA LYS A 56 -10.00 1.60 2.20
C LYS A 56 -11.38 1.89 2.80
N GLU A 57 -12.41 1.98 1.96
CA GLU A 57 -13.78 2.29 2.40
C GLU A 57 -14.49 1.13 3.12
N GLY A 58 -13.99 -0.12 2.97
CA GLY A 58 -14.55 -1.31 3.62
C GLY A 58 -16.02 -1.61 3.25
N LYS A 59 -16.48 -1.07 2.12
CA LYS A 59 -17.87 -1.04 1.62
C LYS A 59 -18.88 -0.34 2.57
N ALA A 60 -18.40 0.39 3.58
CA ALA A 60 -19.21 1.17 4.51
C ALA A 60 -19.71 2.51 3.92
N GLN A 61 -20.78 3.06 4.50
CA GLN A 61 -21.37 4.35 4.12
C GLN A 61 -21.45 5.37 5.27
N GLU A 62 -21.14 4.97 6.52
CA GLU A 62 -21.14 5.85 7.69
C GLU A 62 -19.87 6.71 7.80
N PRO A 63 -19.96 7.96 8.32
CA PRO A 63 -18.79 8.82 8.55
C PRO A 63 -17.91 8.33 9.72
N SER A 64 -16.66 8.80 9.77
CA SER A 64 -15.69 8.51 10.84
C SER A 64 -14.67 9.65 11.03
N SER A 65 -14.11 9.77 12.24
CA SER A 65 -13.08 10.76 12.58
C SER A 65 -11.69 10.35 12.08
N GLY A 66 -10.86 11.32 11.68
CA GLY A 66 -9.48 11.13 11.24
C GLY A 66 -8.83 12.39 10.66
N SER A 67 -7.51 12.37 10.50
CA SER A 67 -6.68 13.44 9.92
C SER A 67 -5.36 12.92 9.34
N SER A 68 -4.77 13.67 8.41
CA SER A 68 -3.50 13.36 7.75
C SER A 68 -2.84 14.62 7.16
N GLY A 69 -1.54 14.55 6.83
CA GLY A 69 -0.78 15.63 6.17
C GLY A 69 -1.17 15.85 4.70
N SER A 70 -0.73 16.99 4.13
CA SER A 70 -1.00 17.39 2.74
C SER A 70 0.09 18.33 2.21
N SER A 71 0.20 18.44 0.88
CA SER A 71 1.18 19.29 0.15
C SER A 71 2.66 19.03 0.47
N GLY A 72 3.01 17.80 0.87
CA GLY A 72 4.39 17.39 1.17
C GLY A 72 5.29 17.36 -0.08
N SER A 73 6.53 17.84 0.05
CA SER A 73 7.53 17.92 -1.03
C SER A 73 8.96 17.99 -0.45
N SER A 74 9.97 17.87 -1.33
CA SER A 74 11.42 17.83 -1.02
C SER A 74 11.89 16.66 -0.14
N GLY A 75 13.20 16.49 -0.02
CA GLY A 75 13.85 15.42 0.74
C GLY A 75 15.37 15.57 0.83
N SER A 76 16.06 14.54 1.35
CA SER A 76 17.54 14.52 1.47
C SER A 76 18.26 14.53 0.12
N SER A 77 19.45 15.12 0.08
CA SER A 77 20.39 15.05 -1.05
C SER A 77 21.05 13.67 -1.21
N GLY A 78 20.95 12.79 -0.21
CA GLY A 78 21.51 11.43 -0.20
C GLY A 78 21.93 10.92 1.19
N GLN A 79 22.07 11.82 2.17
CA GLN A 79 22.37 11.53 3.58
C GLN A 79 21.13 11.01 4.35
N ARG A 80 20.45 10.00 3.81
CA ARG A 80 19.22 9.40 4.36
C ARG A 80 19.48 8.82 5.76
N PRO A 81 18.74 9.24 6.82
CA PRO A 81 18.95 8.77 8.19
C PRO A 81 18.78 7.25 8.36
N GLY A 82 19.60 6.64 9.23
CA GLY A 82 19.54 5.20 9.53
C GLY A 82 18.53 4.80 10.63
N ASP A 83 17.92 5.78 11.31
CA ASP A 83 17.02 5.55 12.46
C ASP A 83 15.62 4.96 12.13
N PRO A 84 15.02 4.16 13.04
CA PRO A 84 13.67 3.62 12.91
C PRO A 84 12.58 4.67 13.23
N GLN A 85 11.31 4.31 13.01
CA GLN A 85 10.15 5.10 13.44
C GLN A 85 10.01 5.12 14.98
N SER A 86 9.26 6.08 15.51
CA SER A 86 9.08 6.32 16.96
C SER A 86 8.24 5.28 17.72
N ALA A 87 7.67 4.28 17.03
CA ALA A 87 6.78 3.27 17.60
C ALA A 87 6.95 1.88 16.91
N GLN A 88 6.19 0.89 17.38
CA GLN A 88 6.16 -0.48 16.83
C GLN A 88 5.52 -0.59 15.43
N ASP A 89 4.97 0.51 14.89
CA ASP A 89 4.41 0.55 13.52
C ASP A 89 5.38 0.14 12.41
N LYS A 90 6.68 0.44 12.57
CA LYS A 90 7.76 -0.04 11.67
C LYS A 90 7.86 -1.56 11.66
N ALA A 91 7.86 -2.21 12.83
CA ALA A 91 7.85 -3.67 12.94
C ALA A 91 6.57 -4.30 12.37
N ARG A 92 5.42 -3.61 12.50
CA ARG A 92 4.18 -4.06 11.84
C ARG A 92 4.29 -3.98 10.32
N MET A 93 4.69 -2.84 9.73
CA MET A 93 4.83 -2.76 8.26
C MET A 93 5.95 -3.66 7.73
N ASP A 94 7.01 -3.92 8.50
CA ASP A 94 8.01 -4.95 8.16
C ASP A 94 7.40 -6.33 7.96
N LYS A 95 6.60 -6.80 8.93
CA LYS A 95 5.97 -8.12 8.86
C LYS A 95 4.84 -8.17 7.82
N GLU A 96 4.03 -7.12 7.69
CA GLU A 96 3.02 -6.99 6.62
C GLU A 96 3.67 -7.08 5.22
N TYR A 97 4.83 -6.45 5.04
CA TYR A 97 5.59 -6.47 3.79
C TYR A 97 6.14 -7.87 3.47
N LEU A 98 6.73 -8.55 4.46
CA LEU A 98 7.12 -9.96 4.35
C LEU A 98 5.91 -10.84 3.97
N SER A 99 4.74 -10.60 4.59
CA SER A 99 3.52 -11.37 4.36
C SER A 99 2.95 -11.16 2.97
N LEU A 100 2.99 -9.93 2.43
CA LEU A 100 2.61 -9.65 1.05
C LEU A 100 3.52 -10.41 0.07
N MET A 101 4.84 -10.28 0.23
CA MET A 101 5.80 -10.94 -0.66
C MET A 101 5.69 -12.46 -0.59
N ALA A 102 5.56 -13.05 0.60
CA ALA A 102 5.37 -14.49 0.78
C ALA A 102 4.07 -15.01 0.13
N GLU A 103 2.97 -14.26 0.20
CA GLU A 103 1.70 -14.61 -0.46
C GLU A 103 1.75 -14.49 -2.00
N LEU A 104 2.58 -13.60 -2.53
CA LEU A 104 2.87 -13.49 -3.98
C LEU A 104 3.91 -14.52 -4.47
N GLY A 105 4.64 -15.18 -3.56
CA GLY A 105 5.77 -16.07 -3.86
C GLY A 105 7.07 -15.32 -4.20
N GLU A 106 7.17 -14.04 -3.87
CA GLU A 106 8.31 -13.15 -4.12
C GLU A 106 9.38 -13.19 -3.01
N ALA A 107 10.61 -12.84 -3.37
CA ALA A 107 11.78 -12.78 -2.47
C ALA A 107 12.82 -11.74 -2.98
N PRO A 108 13.73 -11.25 -2.12
CA PRO A 108 14.79 -10.31 -2.52
C PRO A 108 15.72 -10.86 -3.62
N VAL A 109 16.31 -9.96 -4.42
CA VAL A 109 17.23 -10.30 -5.52
C VAL A 109 18.54 -10.96 -5.00
N PRO A 110 18.97 -12.12 -5.53
CA PRO A 110 20.19 -12.79 -5.10
C PRO A 110 21.48 -12.04 -5.51
N ALA A 111 22.57 -12.28 -4.77
CA ALA A 111 23.91 -11.73 -5.04
C ALA A 111 24.55 -12.28 -6.34
N GLY A 1 -2.14 -11.95 -17.60
CA GLY A 1 -0.87 -11.94 -16.82
C GLY A 1 -1.13 -11.75 -15.33
N GLU A 2 -0.18 -12.14 -14.49
CA GLU A 2 -0.33 -12.14 -13.02
C GLU A 2 -0.35 -10.75 -12.35
N VAL A 3 -0.05 -9.69 -13.11
CA VAL A 3 -0.05 -8.31 -12.62
C VAL A 3 -1.37 -7.88 -11.98
N ARG A 4 -2.53 -8.29 -12.53
CA ARG A 4 -3.83 -7.97 -11.92
C ARG A 4 -3.97 -8.55 -10.50
N ASN A 5 -3.47 -9.77 -10.28
CA ASN A 5 -3.47 -10.43 -8.96
C ASN A 5 -2.48 -9.80 -7.99
N ILE A 6 -1.29 -9.42 -8.47
CA ILE A 6 -0.28 -8.69 -7.68
C ILE A 6 -0.81 -7.30 -7.28
N VAL A 7 -1.45 -6.58 -8.20
CA VAL A 7 -2.10 -5.28 -7.99
C VAL A 7 -3.21 -5.43 -6.95
N ASP A 8 -4.10 -6.41 -7.09
CA ASP A 8 -5.17 -6.68 -6.11
C ASP A 8 -4.70 -6.87 -4.67
N LYS A 9 -3.73 -7.77 -4.46
CA LYS A 9 -3.16 -8.03 -3.13
C LYS A 9 -2.37 -6.83 -2.60
N THR A 10 -1.55 -6.20 -3.43
CA THR A 10 -0.82 -4.97 -3.04
C THR A 10 -1.76 -3.84 -2.65
N ALA A 11 -2.83 -3.61 -3.43
CA ALA A 11 -3.85 -2.60 -3.11
C ALA A 11 -4.56 -2.87 -1.78
N SER A 12 -4.85 -4.14 -1.47
CA SER A 12 -5.46 -4.55 -0.21
C SER A 12 -4.53 -4.24 0.98
N PHE A 13 -3.24 -4.56 0.82
CA PHE A 13 -2.20 -4.27 1.81
C PHE A 13 -1.85 -2.78 2.02
N VAL A 14 -1.78 -1.99 0.93
CA VAL A 14 -1.57 -0.53 0.96
C VAL A 14 -2.80 0.18 1.54
N ALA A 15 -4.02 -0.24 1.21
CA ALA A 15 -5.25 0.33 1.81
C ALA A 15 -5.28 0.18 3.34
N ARG A 16 -4.71 -0.92 3.87
CA ARG A 16 -4.54 -1.19 5.30
C ARG A 16 -3.37 -0.42 5.94
N ASN A 17 -2.20 -0.42 5.29
CA ASN A 17 -0.93 0.10 5.82
C ASN A 17 -0.59 1.56 5.44
N GLY A 18 -1.38 2.22 4.58
CA GLY A 18 -1.23 3.61 4.17
C GLY A 18 -0.22 3.84 3.02
N PRO A 19 -0.08 5.09 2.53
CA PRO A 19 0.76 5.44 1.39
C PRO A 19 2.27 5.26 1.66
N GLU A 20 2.69 5.19 2.92
CA GLU A 20 4.06 4.82 3.28
C GLU A 20 4.38 3.35 2.91
N PHE A 21 3.37 2.46 2.86
CA PHE A 21 3.55 1.07 2.42
C PHE A 21 3.73 1.04 0.89
N GLU A 22 3.01 1.90 0.16
CA GLU A 22 3.25 2.11 -1.29
C GLU A 22 4.68 2.62 -1.52
N ALA A 23 5.14 3.59 -0.74
CA ALA A 23 6.50 4.10 -0.82
C ALA A 23 7.56 3.03 -0.50
N ARG A 24 7.33 2.15 0.49
CA ARG A 24 8.22 1.02 0.83
C ARG A 24 8.40 0.08 -0.37
N ILE A 25 7.30 -0.37 -0.99
CA ILE A 25 7.36 -1.25 -2.17
C ILE A 25 7.94 -0.51 -3.38
N ARG A 26 7.49 0.72 -3.64
CA ARG A 26 7.96 1.53 -4.78
C ARG A 26 9.46 1.78 -4.75
N GLN A 27 10.05 2.03 -3.58
CA GLN A 27 11.50 2.24 -3.47
C GLN A 27 12.30 0.93 -3.61
N ASN A 28 11.82 -0.15 -2.99
CA ASN A 28 12.49 -1.46 -3.01
C ASN A 28 12.44 -2.15 -4.39
N GLU A 29 11.35 -1.97 -5.14
CA GLU A 29 11.05 -2.65 -6.41
C GLU A 29 10.91 -1.66 -7.59
N ILE A 30 11.63 -0.53 -7.53
CA ILE A 30 11.45 0.63 -8.44
C ILE A 30 11.64 0.30 -9.94
N ASN A 31 12.53 -0.66 -10.26
CA ASN A 31 12.81 -1.12 -11.62
C ASN A 31 12.15 -2.46 -11.98
N ASN A 32 11.42 -3.08 -11.04
CA ASN A 32 10.83 -4.41 -11.21
C ASN A 32 9.64 -4.35 -12.20
N PRO A 33 9.61 -5.17 -13.27
CA PRO A 33 8.54 -5.13 -14.28
C PRO A 33 7.16 -5.47 -13.73
N LYS A 34 7.08 -6.28 -12.67
CA LYS A 34 5.81 -6.63 -12.00
C LYS A 34 5.23 -5.48 -11.18
N PHE A 35 6.10 -4.71 -10.51
CA PHE A 35 5.73 -3.63 -9.58
C PHE A 35 5.62 -2.20 -10.14
N ASN A 36 5.87 -2.04 -11.44
CA ASN A 36 5.81 -0.74 -12.13
C ASN A 36 4.45 -0.01 -12.04
N PHE A 37 3.36 -0.70 -11.68
CA PHE A 37 2.03 -0.10 -11.52
C PHE A 37 1.95 0.98 -10.41
N LEU A 38 2.92 1.02 -9.48
CA LEU A 38 3.01 2.07 -8.47
C LEU A 38 3.45 3.42 -9.06
N ASN A 39 4.07 3.43 -10.26
CA ASN A 39 4.33 4.63 -11.04
C ASN A 39 3.07 5.10 -11.80
N PRO A 40 2.80 6.41 -11.92
CA PRO A 40 1.59 6.93 -12.56
C PRO A 40 1.52 6.71 -14.07
N ASN A 41 2.62 6.30 -14.71
CA ASN A 41 2.72 6.07 -16.15
C ASN A 41 2.00 4.81 -16.66
N ASP A 42 1.70 3.83 -15.79
CA ASP A 42 1.17 2.51 -16.17
C ASP A 42 -0.36 2.40 -16.40
N PRO A 43 -0.84 1.56 -17.32
CA PRO A 43 -2.27 1.24 -17.45
C PRO A 43 -2.83 0.62 -16.17
N TYR A 44 -2.04 -0.23 -15.50
CA TYR A 44 -2.38 -0.80 -14.19
C TYR A 44 -2.53 0.18 -13.03
N HIS A 45 -1.96 1.39 -13.13
CA HIS A 45 -2.03 2.40 -12.07
C HIS A 45 -3.49 2.83 -11.80
N ALA A 46 -4.30 3.02 -12.85
CA ALA A 46 -5.70 3.39 -12.71
C ALA A 46 -6.51 2.32 -11.94
N TYR A 47 -6.29 1.04 -12.26
CA TYR A 47 -6.88 -0.09 -11.52
C TYR A 47 -6.36 -0.20 -10.08
N TYR A 48 -5.05 -0.09 -9.90
CA TYR A 48 -4.40 -0.04 -8.59
C TYR A 48 -4.93 1.02 -7.62
N ARG A 49 -4.95 2.27 -8.07
CA ARG A 49 -5.47 3.43 -7.31
C ARG A 49 -6.95 3.26 -6.96
N HIS A 50 -7.76 2.75 -7.89
CA HIS A 50 -9.17 2.45 -7.64
C HIS A 50 -9.34 1.34 -6.60
N LYS A 51 -8.55 0.25 -6.72
CA LYS A 51 -8.58 -0.87 -5.77
C LYS A 51 -8.20 -0.47 -4.35
N VAL A 52 -7.24 0.45 -4.16
CA VAL A 52 -6.86 0.95 -2.82
C VAL A 52 -8.07 1.66 -2.19
N SER A 53 -8.71 2.57 -2.91
CA SER A 53 -9.92 3.28 -2.47
C SER A 53 -11.09 2.34 -2.18
N GLU A 54 -11.27 1.30 -3.00
CA GLU A 54 -12.29 0.27 -2.78
C GLU A 54 -11.99 -0.59 -1.52
N PHE A 55 -10.74 -0.98 -1.32
CA PHE A 55 -10.28 -1.64 -0.10
C PHE A 55 -10.37 -0.81 1.20
N LYS A 56 -10.21 0.52 1.07
CA LYS A 56 -10.40 1.50 2.16
C LYS A 56 -11.87 1.67 2.55
N GLU A 57 -12.74 2.00 1.59
CA GLU A 57 -14.13 2.38 1.84
C GLU A 57 -15.12 1.20 1.93
N GLY A 58 -14.81 0.07 1.29
CA GLY A 58 -15.69 -1.10 1.19
C GLY A 58 -16.93 -0.88 0.30
N LYS A 59 -17.73 -1.93 0.13
CA LYS A 59 -18.99 -1.94 -0.65
C LYS A 59 -20.19 -1.33 0.10
N ALA A 60 -20.00 -0.16 0.72
CA ALA A 60 -20.99 0.52 1.54
C ALA A 60 -22.20 1.01 0.70
N GLN A 61 -23.41 0.93 1.29
CA GLN A 61 -24.68 1.35 0.67
C GLN A 61 -25.01 2.85 0.87
N GLU A 62 -24.20 3.59 1.64
CA GLU A 62 -24.44 5.00 1.98
C GLU A 62 -24.26 5.97 0.79
N PRO A 63 -24.81 7.20 0.87
CA PRO A 63 -24.65 8.24 -0.16
C PRO A 63 -23.20 8.61 -0.45
N SER A 64 -22.93 9.04 -1.69
CA SER A 64 -21.60 9.44 -2.19
C SER A 64 -21.70 10.44 -3.35
N SER A 65 -20.68 11.30 -3.49
CA SER A 65 -20.48 12.19 -4.65
C SER A 65 -19.99 11.44 -5.90
N GLY A 66 -19.57 10.18 -5.78
CA GLY A 66 -18.99 9.37 -6.86
C GLY A 66 -17.53 9.69 -7.20
N SER A 67 -16.81 10.40 -6.30
CA SER A 67 -15.41 10.80 -6.48
C SER A 67 -14.63 10.80 -5.16
N SER A 68 -13.31 10.55 -5.25
CA SER A 68 -12.36 10.69 -4.13
C SER A 68 -12.08 12.16 -3.75
N GLY A 69 -12.34 13.10 -4.68
CA GLY A 69 -12.04 14.53 -4.52
C GLY A 69 -10.54 14.86 -4.69
N SER A 70 -10.15 16.06 -4.26
CA SER A 70 -8.76 16.54 -4.31
C SER A 70 -7.83 15.83 -3.31
N SER A 71 -6.51 15.82 -3.62
CA SER A 71 -5.47 15.19 -2.80
C SER A 71 -5.23 15.91 -1.46
N GLY A 72 -4.76 15.16 -0.46
CA GLY A 72 -4.43 15.69 0.88
C GLY A 72 -5.67 16.07 1.72
N SER A 73 -5.47 16.95 2.70
CA SER A 73 -6.50 17.46 3.62
C SER A 73 -6.15 18.85 4.18
N SER A 74 -7.17 19.63 4.53
CA SER A 74 -7.03 20.90 5.27
C SER A 74 -6.71 20.69 6.76
N GLY A 75 -6.93 19.49 7.30
CA GLY A 75 -6.57 19.12 8.67
C GLY A 75 -5.06 18.89 8.84
N SER A 76 -4.50 19.31 9.99
CA SER A 76 -3.08 19.19 10.38
C SER A 76 -2.05 19.80 9.39
N SER A 77 -2.48 20.75 8.55
CA SER A 77 -1.65 21.40 7.51
C SER A 77 -0.58 22.38 8.06
N GLY A 78 -0.72 22.85 9.30
CA GLY A 78 0.22 23.76 9.96
C GLY A 78 1.57 23.12 10.32
N GLN A 79 2.58 23.94 10.60
CA GLN A 79 3.93 23.50 10.97
C GLN A 79 3.94 22.78 12.33
N ARG A 80 4.55 21.59 12.38
CA ARG A 80 4.70 20.77 13.60
C ARG A 80 5.69 21.39 14.61
N PRO A 81 5.49 21.21 15.94
CA PRO A 81 6.42 21.69 16.96
C PRO A 81 7.75 20.91 17.01
N GLY A 82 7.77 19.68 16.49
CA GLY A 82 8.93 18.80 16.39
C GLY A 82 8.60 17.51 15.64
N ASP A 83 9.62 16.72 15.29
CA ASP A 83 9.45 15.45 14.56
C ASP A 83 8.70 14.33 15.33
N PRO A 84 7.87 13.50 14.66
CA PRO A 84 7.17 12.39 15.30
C PRO A 84 8.12 11.34 15.91
N GLN A 85 7.72 10.77 17.05
CA GLN A 85 8.42 9.65 17.71
C GLN A 85 8.13 8.30 17.01
N SER A 86 9.07 7.35 17.14
CA SER A 86 8.93 5.98 16.62
C SER A 86 7.80 5.19 17.32
N ALA A 87 7.19 4.24 16.60
CA ALA A 87 6.10 3.39 17.10
C ALA A 87 6.13 1.99 16.45
N GLN A 88 5.55 1.00 17.13
CA GLN A 88 5.56 -0.42 16.72
C GLN A 88 4.88 -0.69 15.37
N ASP A 89 4.00 0.20 14.89
CA ASP A 89 3.32 0.09 13.60
C ASP A 89 4.31 0.12 12.41
N LYS A 90 5.48 0.75 12.59
CA LYS A 90 6.60 0.75 11.62
C LYS A 90 7.19 -0.65 11.42
N ALA A 91 7.45 -1.37 12.52
CA ALA A 91 7.83 -2.79 12.48
C ALA A 91 6.68 -3.68 11.98
N ARG A 92 5.42 -3.33 12.30
CA ARG A 92 4.24 -4.05 11.83
C ARG A 92 4.10 -3.98 10.30
N MET A 93 4.29 -2.82 9.66
CA MET A 93 4.33 -2.75 8.18
C MET A 93 5.56 -3.46 7.60
N ASP A 94 6.72 -3.40 8.25
CA ASP A 94 7.89 -4.16 7.82
C ASP A 94 7.67 -5.69 7.81
N LYS A 95 6.85 -6.19 8.76
CA LYS A 95 6.36 -7.57 8.82
C LYS A 95 5.27 -7.83 7.75
N GLU A 96 4.29 -6.94 7.58
CA GLU A 96 3.25 -7.03 6.53
C GLU A 96 3.84 -7.14 5.12
N TYR A 97 4.97 -6.49 4.88
CA TYR A 97 5.69 -6.57 3.60
C TYR A 97 6.22 -7.98 3.32
N LEU A 98 6.81 -8.64 4.32
CA LEU A 98 7.20 -10.06 4.21
C LEU A 98 5.98 -10.95 3.95
N SER A 99 4.85 -10.66 4.59
CA SER A 99 3.58 -11.38 4.38
C SER A 99 3.04 -11.21 2.96
N LEU A 100 3.11 -10.00 2.38
CA LEU A 100 2.69 -9.72 1.01
C LEU A 100 3.56 -10.50 0.03
N MET A 101 4.88 -10.38 0.15
CA MET A 101 5.83 -11.05 -0.75
C MET A 101 5.70 -12.58 -0.68
N ALA A 102 5.59 -13.15 0.52
CA ALA A 102 5.38 -14.59 0.71
C ALA A 102 4.06 -15.10 0.09
N GLU A 103 2.98 -14.32 0.18
CA GLU A 103 1.69 -14.65 -0.46
C GLU A 103 1.69 -14.55 -1.99
N LEU A 104 2.52 -13.65 -2.56
CA LEU A 104 2.77 -13.56 -4.00
C LEU A 104 3.78 -14.61 -4.52
N GLY A 105 4.49 -15.30 -3.62
CA GLY A 105 5.58 -16.24 -3.95
C GLY A 105 6.92 -15.55 -4.28
N GLU A 106 7.04 -14.27 -3.94
CA GLU A 106 8.23 -13.43 -4.14
C GLU A 106 9.21 -13.51 -2.96
N ALA A 107 10.52 -13.39 -3.24
CA ALA A 107 11.55 -13.25 -2.21
C ALA A 107 11.56 -11.83 -1.60
N PRO A 108 11.71 -11.67 -0.27
CA PRO A 108 11.89 -10.37 0.37
C PRO A 108 13.30 -9.78 0.11
N VAL A 109 13.49 -8.50 0.47
CA VAL A 109 14.80 -7.81 0.39
C VAL A 109 15.87 -8.45 1.29
N PRO A 110 17.16 -8.44 0.90
CA PRO A 110 18.25 -8.98 1.72
C PRO A 110 18.54 -8.12 2.96
N ALA A 111 19.13 -8.74 3.99
CA ALA A 111 19.58 -8.09 5.23
C ALA A 111 20.75 -7.11 5.02
N GLY A 1 1.97 -15.86 -11.78
CA GLY A 1 1.32 -14.76 -11.05
C GLY A 1 1.08 -13.56 -11.95
N GLU A 2 -0.18 -13.30 -12.29
CA GLU A 2 -0.62 -12.20 -13.15
C GLU A 2 -0.46 -10.82 -12.47
N VAL A 3 -0.16 -9.78 -13.25
CA VAL A 3 -0.05 -8.40 -12.72
C VAL A 3 -1.34 -7.95 -12.05
N ARG A 4 -2.52 -8.28 -12.59
CA ARG A 4 -3.82 -7.93 -11.97
C ARG A 4 -3.98 -8.52 -10.56
N ASN A 5 -3.51 -9.75 -10.33
CA ASN A 5 -3.51 -10.39 -9.02
C ASN A 5 -2.47 -9.77 -8.06
N ILE A 6 -1.28 -9.42 -8.56
CA ILE A 6 -0.27 -8.69 -7.77
C ILE A 6 -0.79 -7.31 -7.36
N VAL A 7 -1.45 -6.59 -8.28
CA VAL A 7 -2.11 -5.30 -8.04
C VAL A 7 -3.19 -5.44 -6.98
N ASP A 8 -4.10 -6.42 -7.11
CA ASP A 8 -5.16 -6.68 -6.13
C ASP A 8 -4.66 -6.90 -4.68
N LYS A 9 -3.68 -7.79 -4.52
CA LYS A 9 -3.08 -8.06 -3.21
C LYS A 9 -2.30 -6.86 -2.68
N THR A 10 -1.46 -6.23 -3.49
CA THR A 10 -0.72 -5.02 -3.09
C THR A 10 -1.65 -3.88 -2.68
N ALA A 11 -2.73 -3.64 -3.43
CA ALA A 11 -3.74 -2.64 -3.09
C ALA A 11 -4.41 -2.92 -1.74
N SER A 12 -4.70 -4.19 -1.43
CA SER A 12 -5.28 -4.60 -0.15
C SER A 12 -4.34 -4.28 1.02
N PHE A 13 -3.06 -4.65 0.86
CA PHE A 13 -2.00 -4.33 1.82
C PHE A 13 -1.66 -2.84 2.02
N VAL A 14 -1.62 -2.06 0.94
CA VAL A 14 -1.40 -0.60 0.97
C VAL A 14 -2.61 0.11 1.59
N ALA A 15 -3.84 -0.27 1.24
CA ALA A 15 -5.07 0.33 1.82
C ALA A 15 -5.13 0.17 3.35
N ARG A 16 -4.66 -0.98 3.87
CA ARG A 16 -4.58 -1.30 5.30
C ARG A 16 -3.42 -0.59 6.02
N ASN A 17 -2.22 -0.59 5.43
CA ASN A 17 -0.99 -0.08 6.06
C ASN A 17 -0.64 1.40 5.77
N GLY A 18 -1.32 2.05 4.82
CA GLY A 18 -1.17 3.48 4.48
C GLY A 18 -0.23 3.76 3.29
N PRO A 19 -0.15 5.02 2.83
CA PRO A 19 0.58 5.41 1.61
C PRO A 19 2.10 5.26 1.71
N GLU A 20 2.67 5.21 2.91
CA GLU A 20 4.09 4.89 3.10
C GLU A 20 4.41 3.44 2.69
N PHE A 21 3.43 2.53 2.78
CA PHE A 21 3.59 1.12 2.39
C PHE A 21 3.71 1.04 0.85
N GLU A 22 3.02 1.91 0.10
CA GLU A 22 3.24 2.05 -1.35
C GLU A 22 4.67 2.52 -1.64
N ALA A 23 5.10 3.62 -1.02
CA ALA A 23 6.43 4.19 -1.23
C ALA A 23 7.56 3.19 -0.91
N ARG A 24 7.38 2.36 0.13
CA ARG A 24 8.27 1.25 0.50
C ARG A 24 8.47 0.26 -0.66
N ILE A 25 7.39 -0.29 -1.20
CA ILE A 25 7.45 -1.24 -2.32
C ILE A 25 7.96 -0.55 -3.60
N ARG A 26 7.46 0.65 -3.90
CA ARG A 26 7.88 1.46 -5.06
C ARG A 26 9.37 1.78 -5.07
N GLN A 27 9.99 1.98 -3.92
CA GLN A 27 11.45 2.16 -3.80
C GLN A 27 12.23 0.83 -3.84
N ASN A 28 11.77 -0.19 -3.12
CA ASN A 28 12.46 -1.49 -3.01
C ASN A 28 12.44 -2.31 -4.31
N GLU A 29 11.34 -2.24 -5.05
CA GLU A 29 11.08 -2.98 -6.30
C GLU A 29 11.04 -2.04 -7.52
N ILE A 30 11.76 -0.91 -7.47
CA ILE A 30 11.67 0.19 -8.45
C ILE A 30 12.03 -0.24 -9.89
N ASN A 31 12.94 -1.19 -10.05
CA ASN A 31 13.36 -1.74 -11.35
C ASN A 31 12.56 -3.01 -11.77
N ASN A 32 11.71 -3.55 -10.88
CA ASN A 32 10.97 -4.79 -11.12
C ASN A 32 9.79 -4.56 -12.10
N PRO A 33 9.70 -5.30 -13.21
CA PRO A 33 8.62 -5.11 -14.20
C PRO A 33 7.22 -5.41 -13.64
N LYS A 34 7.11 -6.30 -12.64
CA LYS A 34 5.82 -6.64 -12.00
C LYS A 34 5.24 -5.49 -11.18
N PHE A 35 6.09 -4.71 -10.51
CA PHE A 35 5.71 -3.63 -9.58
C PHE A 35 5.54 -2.22 -10.17
N ASN A 36 5.76 -2.06 -11.48
CA ASN A 36 5.69 -0.77 -12.17
C ASN A 36 4.31 -0.07 -12.10
N PHE A 37 3.24 -0.79 -11.76
CA PHE A 37 1.90 -0.19 -11.56
C PHE A 37 1.83 0.84 -10.42
N LEU A 38 2.80 0.82 -9.49
CA LEU A 38 2.91 1.82 -8.43
C LEU A 38 3.34 3.21 -8.97
N ASN A 39 3.97 3.24 -10.16
CA ASN A 39 4.32 4.47 -10.88
C ASN A 39 3.11 4.97 -11.71
N PRO A 40 2.88 6.30 -11.83
CA PRO A 40 1.69 6.87 -12.45
C PRO A 40 1.58 6.67 -13.98
N ASN A 41 2.65 6.23 -14.64
CA ASN A 41 2.69 6.06 -16.10
C ASN A 41 1.98 4.79 -16.62
N ASP A 42 1.70 3.80 -15.76
CA ASP A 42 1.16 2.49 -16.16
C ASP A 42 -0.37 2.40 -16.37
N PRO A 43 -0.87 1.57 -17.32
CA PRO A 43 -2.30 1.28 -17.45
C PRO A 43 -2.89 0.66 -16.17
N TYR A 44 -2.11 -0.20 -15.50
CA TYR A 44 -2.47 -0.76 -14.20
C TYR A 44 -2.60 0.21 -13.03
N HIS A 45 -2.02 1.41 -13.13
CA HIS A 45 -2.06 2.41 -12.05
C HIS A 45 -3.50 2.87 -11.76
N ALA A 46 -4.33 3.07 -12.79
CA ALA A 46 -5.72 3.46 -12.64
C ALA A 46 -6.54 2.39 -11.87
N TYR A 47 -6.35 1.11 -12.20
CA TYR A 47 -6.94 0.00 -11.46
C TYR A 47 -6.41 -0.15 -10.03
N TYR A 48 -5.09 -0.05 -9.87
CA TYR A 48 -4.41 -0.02 -8.57
C TYR A 48 -4.92 1.03 -7.58
N ARG A 49 -4.93 2.30 -8.02
CA ARG A 49 -5.43 3.45 -7.24
C ARG A 49 -6.91 3.30 -6.86
N HIS A 50 -7.73 2.80 -7.78
CA HIS A 50 -9.14 2.50 -7.52
C HIS A 50 -9.29 1.37 -6.49
N LYS A 51 -8.52 0.28 -6.62
CA LYS A 51 -8.53 -0.84 -5.68
C LYS A 51 -8.11 -0.45 -4.26
N VAL A 52 -7.15 0.46 -4.10
CA VAL A 52 -6.74 0.96 -2.77
C VAL A 52 -7.92 1.67 -2.10
N SER A 53 -8.58 2.58 -2.82
CA SER A 53 -9.78 3.28 -2.35
C SER A 53 -10.94 2.33 -2.03
N GLU A 54 -11.15 1.30 -2.85
CA GLU A 54 -12.15 0.26 -2.60
C GLU A 54 -11.83 -0.60 -1.36
N PHE A 55 -10.57 -0.99 -1.19
CA PHE A 55 -10.08 -1.64 0.03
C PHE A 55 -10.16 -0.81 1.32
N LYS A 56 -9.99 0.51 1.19
CA LYS A 56 -10.20 1.49 2.28
C LYS A 56 -11.67 1.64 2.68
N GLU A 57 -12.59 1.71 1.72
CA GLU A 57 -14.04 1.75 1.95
C GLU A 57 -14.64 0.41 2.42
N GLY A 58 -13.99 -0.71 2.09
CA GLY A 58 -14.39 -2.07 2.49
C GLY A 58 -15.59 -2.64 1.70
N LYS A 59 -15.99 -3.86 2.05
CA LYS A 59 -17.08 -4.63 1.39
C LYS A 59 -18.46 -3.99 1.54
N ALA A 60 -18.69 -3.25 2.63
CA ALA A 60 -19.92 -2.50 2.91
C ALA A 60 -19.62 -1.23 3.74
N GLN A 61 -20.46 -0.21 3.60
CA GLN A 61 -20.31 1.08 4.28
C GLN A 61 -20.51 0.96 5.80
N GLU A 62 -19.48 1.30 6.57
CA GLU A 62 -19.48 1.34 8.05
C GLU A 62 -18.69 2.57 8.57
N PRO A 63 -18.95 3.06 9.81
CA PRO A 63 -18.26 4.22 10.37
C PRO A 63 -16.74 4.05 10.46
N SER A 64 -15.99 5.09 10.08
CA SER A 64 -14.51 5.15 10.11
C SER A 64 -14.02 6.61 10.10
N SER A 65 -12.81 6.86 10.58
CA SER A 65 -12.18 8.20 10.60
C SER A 65 -11.75 8.69 9.21
N GLY A 66 -11.68 10.02 9.05
CA GLY A 66 -11.33 10.67 7.77
C GLY A 66 -10.93 12.16 7.87
N SER A 67 -10.58 12.65 9.06
CA SER A 67 -10.17 14.04 9.30
C SER A 67 -8.79 14.36 8.69
N SER A 68 -8.59 15.60 8.26
CA SER A 68 -7.31 16.11 7.69
C SER A 68 -7.19 17.63 7.90
N GLY A 69 -5.95 18.13 8.00
CA GLY A 69 -5.64 19.56 8.21
C GLY A 69 -5.79 20.44 6.97
N SER A 70 -5.77 21.76 7.17
CA SER A 70 -5.73 22.77 6.10
C SER A 70 -4.36 22.83 5.40
N SER A 71 -4.27 23.56 4.27
CA SER A 71 -3.02 23.75 3.51
C SER A 71 -1.88 24.38 4.33
N GLY A 72 -2.20 25.15 5.37
CA GLY A 72 -1.22 25.72 6.30
C GLY A 72 -0.50 24.69 7.19
N SER A 73 -0.99 23.45 7.26
CA SER A 73 -0.33 22.33 7.94
C SER A 73 0.86 21.74 7.14
N SER A 74 0.97 22.07 5.85
CA SER A 74 2.03 21.57 4.95
C SER A 74 3.44 22.08 5.34
N GLY A 75 4.47 21.30 5.03
CA GLY A 75 5.88 21.58 5.37
C GLY A 75 6.27 21.22 6.81
N SER A 76 7.58 21.28 7.10
CA SER A 76 8.16 20.96 8.41
C SER A 76 9.53 21.62 8.61
N SER A 77 9.85 21.99 9.86
CA SER A 77 11.18 22.46 10.29
C SER A 77 12.21 21.33 10.50
N GLY A 78 11.80 20.07 10.40
CA GLY A 78 12.66 18.89 10.64
C GLY A 78 13.87 18.82 9.69
N GLN A 79 15.07 18.70 10.26
CA GLN A 79 16.34 18.76 9.54
C GLN A 79 16.78 17.42 8.89
N ARG A 80 16.11 16.31 9.23
CA ARG A 80 16.38 14.94 8.72
C ARG A 80 15.08 14.19 8.36
N PRO A 81 15.10 13.31 7.34
CA PRO A 81 13.93 12.52 6.93
C PRO A 81 13.59 11.38 7.91
N GLY A 82 12.38 10.83 7.76
CA GLY A 82 11.90 9.65 8.50
C GLY A 82 11.47 9.90 9.95
N ASP A 83 11.16 8.80 10.66
CA ASP A 83 10.68 8.76 12.05
C ASP A 83 11.28 7.60 12.90
N PRO A 84 11.26 7.67 14.25
CA PRO A 84 11.85 6.65 15.12
C PRO A 84 11.25 5.25 14.91
N GLN A 85 12.12 4.23 14.83
CA GLN A 85 11.73 2.82 14.66
C GLN A 85 11.12 2.18 15.93
N SER A 86 11.16 2.88 17.07
CA SER A 86 10.53 2.47 18.34
C SER A 86 9.00 2.47 18.31
N ALA A 87 8.37 3.20 17.38
CA ALA A 87 6.92 3.16 17.16
C ALA A 87 6.47 1.80 16.60
N GLN A 88 5.49 1.16 17.26
CA GLN A 88 5.05 -0.21 16.94
C GLN A 88 4.50 -0.40 15.51
N ASP A 89 4.05 0.67 14.86
CA ASP A 89 3.66 0.64 13.44
C ASP A 89 4.77 0.28 12.43
N LYS A 90 6.04 0.46 12.80
CA LYS A 90 7.20 -0.03 12.02
C LYS A 90 7.23 -1.56 11.96
N ALA A 91 7.06 -2.24 13.11
CA ALA A 91 6.93 -3.70 13.15
C ALA A 91 5.68 -4.20 12.42
N ARG A 92 4.57 -3.43 12.48
CA ARG A 92 3.32 -3.70 11.74
C ARG A 92 3.55 -3.71 10.23
N MET A 93 4.17 -2.66 9.66
CA MET A 93 4.48 -2.64 8.22
C MET A 93 5.59 -3.61 7.82
N ASP A 94 6.58 -3.88 8.68
CA ASP A 94 7.62 -4.87 8.39
C ASP A 94 7.11 -6.27 8.12
N LYS A 95 6.26 -6.81 9.02
CA LYS A 95 5.69 -8.13 8.85
C LYS A 95 4.59 -8.18 7.79
N GLU A 96 3.80 -7.13 7.62
CA GLU A 96 2.85 -7.02 6.50
C GLU A 96 3.56 -7.02 5.14
N TYR A 97 4.71 -6.34 5.03
CA TYR A 97 5.53 -6.34 3.81
C TYR A 97 6.12 -7.72 3.49
N LEU A 98 6.69 -8.39 4.50
CA LEU A 98 7.15 -9.77 4.41
C LEU A 98 6.01 -10.72 4.00
N SER A 99 4.81 -10.53 4.55
CA SER A 99 3.63 -11.36 4.29
C SER A 99 3.08 -11.14 2.87
N LEU A 100 3.07 -9.91 2.36
CA LEU A 100 2.69 -9.61 0.98
C LEU A 100 3.64 -10.34 0.01
N MET A 101 4.95 -10.17 0.19
CA MET A 101 5.96 -10.80 -0.67
C MET A 101 5.88 -12.32 -0.62
N ALA A 102 5.75 -12.91 0.57
CA ALA A 102 5.60 -14.37 0.75
C ALA A 102 4.34 -14.92 0.07
N GLU A 103 3.21 -14.21 0.12
CA GLU A 103 1.96 -14.58 -0.57
C GLU A 103 2.03 -14.47 -2.10
N LEU A 104 2.85 -13.55 -2.63
CA LEU A 104 3.14 -13.42 -4.06
C LEU A 104 4.24 -14.40 -4.56
N GLY A 105 4.95 -15.07 -3.63
CA GLY A 105 6.11 -15.92 -3.94
C GLY A 105 7.41 -15.14 -4.20
N GLU A 106 7.45 -13.87 -3.80
CA GLU A 106 8.57 -12.92 -3.96
C GLU A 106 9.49 -12.88 -2.73
N ALA A 107 10.72 -12.39 -2.93
CA ALA A 107 11.70 -12.12 -1.86
C ALA A 107 12.70 -11.01 -2.27
N PRO A 108 13.29 -10.26 -1.33
CA PRO A 108 14.32 -9.25 -1.62
C PRO A 108 15.57 -9.83 -2.32
N VAL A 109 16.23 -9.00 -3.13
CA VAL A 109 17.47 -9.35 -3.84
C VAL A 109 18.66 -9.56 -2.87
N PRO A 110 19.41 -10.68 -2.94
CA PRO A 110 20.55 -10.95 -2.06
C PRO A 110 21.78 -10.06 -2.37
N ALA A 111 22.68 -9.93 -1.38
CA ALA A 111 23.94 -9.17 -1.43
C ALA A 111 23.77 -7.71 -1.89
N GLY A 1 -0.51 -12.69 -17.67
CA GLY A 1 0.46 -12.19 -16.67
C GLY A 1 -0.20 -11.97 -15.31
N GLU A 2 0.57 -12.16 -14.23
CA GLU A 2 0.06 -12.09 -12.85
C GLU A 2 -0.19 -10.69 -12.28
N VAL A 3 0.10 -9.62 -13.05
CA VAL A 3 0.03 -8.23 -12.60
C VAL A 3 -1.32 -7.83 -11.99
N ARG A 4 -2.44 -8.26 -12.57
CA ARG A 4 -3.79 -8.00 -12.02
C ARG A 4 -3.97 -8.56 -10.60
N ASN A 5 -3.44 -9.74 -10.33
CA ASN A 5 -3.46 -10.39 -9.01
C ASN A 5 -2.47 -9.73 -8.02
N ILE A 6 -1.27 -9.37 -8.49
CA ILE A 6 -0.27 -8.64 -7.69
C ILE A 6 -0.80 -7.25 -7.29
N VAL A 7 -1.45 -6.54 -8.22
CA VAL A 7 -2.11 -5.24 -8.00
C VAL A 7 -3.21 -5.40 -6.94
N ASP A 8 -4.11 -6.38 -7.10
CA ASP A 8 -5.16 -6.66 -6.11
C ASP A 8 -4.68 -6.87 -4.67
N LYS A 9 -3.69 -7.76 -4.50
CA LYS A 9 -3.11 -8.03 -3.17
C LYS A 9 -2.33 -6.84 -2.63
N THR A 10 -1.50 -6.19 -3.45
CA THR A 10 -0.76 -4.97 -3.03
C THR A 10 -1.70 -3.85 -2.63
N ALA A 11 -2.77 -3.61 -3.38
CA ALA A 11 -3.79 -2.62 -3.05
C ALA A 11 -4.48 -2.91 -1.70
N SER A 12 -4.75 -4.18 -1.40
CA SER A 12 -5.35 -4.60 -0.13
C SER A 12 -4.42 -4.29 1.05
N PHE A 13 -3.13 -4.64 0.91
CA PHE A 13 -2.08 -4.33 1.87
C PHE A 13 -1.76 -2.84 2.09
N VAL A 14 -1.70 -2.06 1.01
CA VAL A 14 -1.49 -0.59 1.05
C VAL A 14 -2.71 0.11 1.66
N ALA A 15 -3.93 -0.26 1.30
CA ALA A 15 -5.16 0.32 1.86
C ALA A 15 -5.23 0.16 3.39
N ARG A 16 -4.74 -0.97 3.92
CA ARG A 16 -4.62 -1.25 5.36
C ARG A 16 -3.47 -0.49 6.03
N ASN A 17 -2.27 -0.48 5.42
CA ASN A 17 -1.04 0.04 6.03
C ASN A 17 -0.73 1.54 5.78
N GLY A 18 -1.38 2.19 4.81
CA GLY A 18 -1.19 3.60 4.44
C GLY A 18 -0.23 3.85 3.27
N PRO A 19 -0.12 5.11 2.80
CA PRO A 19 0.63 5.47 1.59
C PRO A 19 2.16 5.33 1.72
N GLU A 20 2.69 5.26 2.95
CA GLU A 20 4.10 4.92 3.17
C GLU A 20 4.41 3.46 2.72
N PHE A 21 3.43 2.56 2.79
CA PHE A 21 3.58 1.16 2.38
C PHE A 21 3.67 1.11 0.84
N GLU A 22 2.95 1.98 0.12
CA GLU A 22 3.10 2.15 -1.34
C GLU A 22 4.51 2.64 -1.69
N ALA A 23 4.98 3.70 -1.01
CA ALA A 23 6.31 4.26 -1.22
C ALA A 23 7.43 3.24 -0.93
N ARG A 24 7.27 2.41 0.11
CA ARG A 24 8.19 1.30 0.46
C ARG A 24 8.37 0.32 -0.69
N ILE A 25 7.27 -0.23 -1.22
CA ILE A 25 7.32 -1.19 -2.33
C ILE A 25 7.83 -0.51 -3.61
N ARG A 26 7.36 0.71 -3.90
CA ARG A 26 7.79 1.50 -5.07
C ARG A 26 9.29 1.77 -5.08
N GLN A 27 9.91 2.01 -3.93
CA GLN A 27 11.37 2.21 -3.82
C GLN A 27 12.16 0.90 -3.85
N ASN A 28 11.69 -0.14 -3.13
CA ASN A 28 12.39 -1.42 -3.02
C ASN A 28 12.36 -2.25 -4.32
N GLU A 29 11.25 -2.20 -5.05
CA GLU A 29 10.99 -2.95 -6.29
C GLU A 29 10.98 -2.02 -7.52
N ILE A 30 11.70 -0.89 -7.47
CA ILE A 30 11.64 0.20 -8.46
C ILE A 30 12.02 -0.23 -9.89
N ASN A 31 12.94 -1.20 -10.02
CA ASN A 31 13.38 -1.76 -11.29
C ASN A 31 12.59 -3.02 -11.72
N ASN A 32 11.72 -3.55 -10.85
CA ASN A 32 10.97 -4.79 -11.08
C ASN A 32 9.80 -4.55 -12.07
N PRO A 33 9.70 -5.30 -13.18
CA PRO A 33 8.64 -5.10 -14.18
C PRO A 33 7.23 -5.39 -13.62
N LYS A 34 7.11 -6.28 -12.62
CA LYS A 34 5.82 -6.62 -11.99
C LYS A 34 5.24 -5.46 -11.16
N PHE A 35 6.11 -4.68 -10.49
CA PHE A 35 5.72 -3.61 -9.56
C PHE A 35 5.57 -2.19 -10.13
N ASN A 36 5.81 -2.03 -11.44
CA ASN A 36 5.74 -0.74 -12.14
C ASN A 36 4.38 -0.04 -12.08
N PHE A 37 3.29 -0.74 -11.73
CA PHE A 37 1.97 -0.15 -11.54
C PHE A 37 1.90 0.89 -10.41
N LEU A 38 2.87 0.90 -9.49
CA LEU A 38 2.97 1.92 -8.44
C LEU A 38 3.46 3.27 -9.00
N ASN A 39 4.03 3.29 -10.21
CA ASN A 39 4.38 4.52 -10.94
C ASN A 39 3.17 5.02 -11.77
N PRO A 40 2.94 6.34 -11.88
CA PRO A 40 1.72 6.90 -12.48
C PRO A 40 1.59 6.72 -14.00
N ASN A 41 2.66 6.30 -14.69
CA ASN A 41 2.69 6.11 -16.14
C ASN A 41 2.00 4.83 -16.64
N ASP A 42 1.74 3.84 -15.78
CA ASP A 42 1.20 2.53 -16.17
C ASP A 42 -0.32 2.43 -16.37
N PRO A 43 -0.82 1.59 -17.31
CA PRO A 43 -2.25 1.29 -17.42
C PRO A 43 -2.82 0.67 -16.15
N TYR A 44 -2.03 -0.20 -15.49
CA TYR A 44 -2.37 -0.77 -14.19
C TYR A 44 -2.51 0.21 -13.01
N HIS A 45 -1.93 1.42 -13.11
CA HIS A 45 -2.00 2.41 -12.05
C HIS A 45 -3.45 2.86 -11.78
N ALA A 46 -4.26 3.05 -12.81
CA ALA A 46 -5.66 3.42 -12.67
C ALA A 46 -6.47 2.34 -11.92
N TYR A 47 -6.26 1.06 -12.25
CA TYR A 47 -6.86 -0.06 -11.53
C TYR A 47 -6.35 -0.18 -10.08
N TYR A 48 -5.02 -0.08 -9.89
CA TYR A 48 -4.38 -0.05 -8.59
C TYR A 48 -4.90 1.01 -7.61
N ARG A 49 -4.90 2.27 -8.04
CA ARG A 49 -5.40 3.42 -7.27
C ARG A 49 -6.89 3.28 -6.91
N HIS A 50 -7.69 2.76 -7.84
CA HIS A 50 -9.10 2.45 -7.59
C HIS A 50 -9.26 1.33 -6.56
N LYS A 51 -8.48 0.25 -6.67
CA LYS A 51 -8.51 -0.87 -5.72
C LYS A 51 -8.12 -0.47 -4.30
N VAL A 52 -7.17 0.44 -4.11
CA VAL A 52 -6.79 0.95 -2.78
C VAL A 52 -8.00 1.64 -2.14
N SER A 53 -8.68 2.51 -2.90
CA SER A 53 -9.91 3.20 -2.46
C SER A 53 -11.03 2.21 -2.12
N GLU A 54 -11.20 1.17 -2.95
CA GLU A 54 -12.18 0.11 -2.72
C GLU A 54 -11.88 -0.70 -1.44
N PHE A 55 -10.61 -1.04 -1.22
CA PHE A 55 -10.15 -1.67 0.01
C PHE A 55 -10.23 -0.81 1.28
N LYS A 56 -10.09 0.51 1.14
CA LYS A 56 -10.27 1.50 2.20
C LYS A 56 -11.73 1.65 2.64
N GLU A 57 -12.66 1.77 1.69
CA GLU A 57 -14.10 1.88 1.96
C GLU A 57 -14.76 0.53 2.33
N GLY A 58 -14.20 -0.59 1.88
CA GLY A 58 -14.69 -1.95 2.17
C GLY A 58 -16.09 -2.20 1.60
N LYS A 59 -16.96 -2.82 2.41
CA LYS A 59 -18.36 -3.14 2.05
C LYS A 59 -19.21 -1.89 1.77
N ALA A 60 -19.04 -0.83 2.56
CA ALA A 60 -19.86 0.38 2.52
C ALA A 60 -19.75 1.15 1.18
N GLN A 61 -20.88 1.45 0.57
CA GLN A 61 -21.01 2.17 -0.70
C GLN A 61 -22.42 2.77 -0.89
N GLU A 62 -22.51 3.92 -1.55
CA GLU A 62 -23.77 4.61 -1.88
C GLU A 62 -23.56 5.58 -3.07
N PRO A 63 -24.49 5.68 -4.04
CA PRO A 63 -24.39 6.63 -5.16
C PRO A 63 -24.33 8.09 -4.70
N SER A 64 -23.49 8.90 -5.35
CA SER A 64 -23.28 10.33 -5.07
C SER A 64 -22.66 11.07 -6.26
N SER A 65 -22.49 12.39 -6.13
CA SER A 65 -21.76 13.24 -7.09
C SER A 65 -20.23 12.98 -7.13
N GLY A 66 -19.70 12.14 -6.24
CA GLY A 66 -18.27 11.86 -6.07
C GLY A 66 -17.52 12.90 -5.21
N SER A 67 -16.41 12.47 -4.60
CA SER A 67 -15.57 13.29 -3.69
C SER A 67 -14.57 14.21 -4.39
N SER A 68 -14.31 14.01 -5.69
CA SER A 68 -13.35 14.79 -6.49
C SER A 68 -13.80 16.24 -6.72
N GLY A 69 -12.84 17.17 -6.84
CA GLY A 69 -13.08 18.58 -7.16
C GLY A 69 -11.89 19.50 -6.89
N SER A 70 -11.08 19.20 -5.87
CA SER A 70 -9.84 19.92 -5.55
C SER A 70 -8.71 19.64 -6.55
N SER A 71 -7.99 20.69 -6.97
CA SER A 71 -6.86 20.59 -7.91
C SER A 71 -5.54 20.16 -7.26
N GLY A 72 -5.34 20.48 -5.97
CA GLY A 72 -4.07 20.34 -5.26
C GLY A 72 -2.96 21.31 -5.72
N SER A 73 -3.29 22.30 -6.56
CA SER A 73 -2.32 23.21 -7.19
C SER A 73 -1.76 24.33 -6.27
N SER A 74 -2.38 24.55 -5.11
CA SER A 74 -2.03 25.64 -4.17
C SER A 74 -0.59 25.53 -3.63
N GLY A 75 0.16 26.64 -3.68
CA GLY A 75 1.50 26.76 -3.11
C GLY A 75 1.51 27.09 -1.60
N SER A 76 2.71 27.10 -1.00
CA SER A 76 2.95 27.48 0.40
C SER A 76 4.39 27.96 0.62
N SER A 77 4.57 28.93 1.52
CA SER A 77 5.89 29.39 2.01
C SER A 77 6.51 28.49 3.09
N GLY A 78 5.73 27.55 3.65
CA GLY A 78 6.16 26.61 4.69
C GLY A 78 7.03 25.45 4.19
N GLN A 79 7.53 24.65 5.14
CA GLN A 79 8.34 23.45 4.89
C GLN A 79 8.09 22.38 5.96
N ARG A 80 7.95 21.11 5.55
CA ARG A 80 7.69 19.96 6.44
C ARG A 80 8.99 19.57 7.18
N PRO A 81 9.04 19.61 8.53
CA PRO A 81 10.23 19.25 9.31
C PRO A 81 10.50 17.73 9.34
N GLY A 82 11.62 17.30 9.91
CA GLY A 82 11.89 15.88 10.19
C GLY A 82 11.01 15.31 11.32
N ASP A 83 10.81 13.99 11.34
CA ASP A 83 10.12 13.31 12.45
C ASP A 83 10.84 13.35 13.81
N PRO A 84 10.12 13.47 14.95
CA PRO A 84 10.74 13.69 16.26
C PRO A 84 11.34 12.41 16.89
N GLN A 85 10.71 11.26 16.69
CA GLN A 85 11.06 9.97 17.30
C GLN A 85 10.67 8.77 16.40
N SER A 86 11.34 7.63 16.59
CA SER A 86 10.96 6.34 16.00
C SER A 86 9.74 5.73 16.72
N ALA A 87 9.04 4.78 16.09
CA ALA A 87 7.82 4.16 16.62
C ALA A 87 7.65 2.69 16.18
N GLN A 88 6.80 1.95 16.91
CA GLN A 88 6.57 0.50 16.72
C GLN A 88 5.85 0.13 15.41
N ASP A 89 5.26 1.10 14.69
CA ASP A 89 4.61 0.87 13.40
C ASP A 89 5.53 0.33 12.29
N LYS A 90 6.85 0.56 12.40
CA LYS A 90 7.86 -0.08 11.54
C LYS A 90 7.78 -1.61 11.60
N ALA A 91 7.71 -2.20 12.79
CA ALA A 91 7.59 -3.66 12.94
C ALA A 91 6.28 -4.20 12.36
N ARG A 92 5.19 -3.42 12.45
CA ARG A 92 3.89 -3.75 11.84
C ARG A 92 4.00 -3.80 10.32
N MET A 93 4.54 -2.76 9.69
CA MET A 93 4.71 -2.75 8.22
C MET A 93 5.81 -3.71 7.73
N ASP A 94 6.86 -3.96 8.51
CA ASP A 94 7.87 -4.96 8.20
C ASP A 94 7.29 -6.36 7.97
N LYS A 95 6.48 -6.83 8.93
CA LYS A 95 5.84 -8.15 8.84
C LYS A 95 4.69 -8.19 7.84
N GLU A 96 3.93 -7.11 7.66
CA GLU A 96 2.94 -6.99 6.58
C GLU A 96 3.60 -7.05 5.19
N TYR A 97 4.77 -6.42 5.02
CA TYR A 97 5.54 -6.45 3.78
C TYR A 97 6.10 -7.83 3.46
N LEU A 98 6.69 -8.49 4.47
CA LEU A 98 7.10 -9.89 4.39
C LEU A 98 5.92 -10.81 4.04
N SER A 99 4.74 -10.56 4.62
CA SER A 99 3.53 -11.34 4.35
C SER A 99 2.98 -11.14 2.93
N LEU A 100 3.02 -9.91 2.40
CA LEU A 100 2.64 -9.62 1.02
C LEU A 100 3.56 -10.38 0.05
N MET A 101 4.87 -10.22 0.22
CA MET A 101 5.86 -10.87 -0.65
C MET A 101 5.76 -12.40 -0.58
N ALA A 102 5.64 -12.98 0.61
CA ALA A 102 5.46 -14.43 0.78
C ALA A 102 4.18 -14.97 0.11
N GLU A 103 3.07 -14.23 0.17
CA GLU A 103 1.82 -14.59 -0.51
C GLU A 103 1.88 -14.48 -2.04
N LEU A 104 2.69 -13.57 -2.57
CA LEU A 104 2.99 -13.45 -4.02
C LEU A 104 4.05 -14.44 -4.51
N GLY A 105 4.77 -15.12 -3.60
CA GLY A 105 5.92 -15.99 -3.90
C GLY A 105 7.21 -15.22 -4.20
N GLU A 106 7.28 -13.95 -3.82
CA GLU A 106 8.41 -13.02 -4.01
C GLU A 106 9.39 -13.02 -2.81
N ALA A 107 10.62 -12.57 -3.05
CA ALA A 107 11.68 -12.42 -2.05
C ALA A 107 12.66 -11.28 -2.43
N PRO A 108 13.31 -10.61 -1.45
CA PRO A 108 14.31 -9.59 -1.72
C PRO A 108 15.59 -10.16 -2.36
N VAL A 109 16.37 -9.31 -3.03
CA VAL A 109 17.64 -9.67 -3.69
C VAL A 109 18.71 -10.19 -2.72
N PRO A 110 19.42 -11.30 -3.01
CA PRO A 110 20.49 -11.81 -2.15
C PRO A 110 21.77 -10.94 -2.21
N ALA A 111 22.64 -11.12 -1.20
CA ALA A 111 23.93 -10.44 -1.01
C ALA A 111 23.85 -8.89 -1.10
N GLY A 1 0.23 -16.39 -11.21
CA GLY A 1 -0.47 -15.13 -10.89
C GLY A 1 -0.10 -14.02 -11.86
N GLU A 2 -1.10 -13.30 -12.38
CA GLU A 2 -0.92 -12.14 -13.27
C GLU A 2 -0.54 -10.86 -12.50
N VAL A 3 -0.10 -9.82 -13.21
CA VAL A 3 0.09 -8.47 -12.64
C VAL A 3 -1.22 -7.97 -11.99
N ARG A 4 -2.39 -8.30 -12.56
CA ARG A 4 -3.71 -7.98 -11.97
C ARG A 4 -3.90 -8.56 -10.57
N ASN A 5 -3.39 -9.77 -10.31
CA ASN A 5 -3.42 -10.41 -8.99
C ASN A 5 -2.43 -9.75 -8.00
N ILE A 6 -1.23 -9.38 -8.48
CA ILE A 6 -0.23 -8.64 -7.69
C ILE A 6 -0.77 -7.26 -7.29
N VAL A 7 -1.42 -6.55 -8.23
CA VAL A 7 -2.08 -5.25 -8.02
C VAL A 7 -3.18 -5.41 -6.97
N ASP A 8 -4.08 -6.39 -7.11
CA ASP A 8 -5.14 -6.67 -6.13
C ASP A 8 -4.66 -6.86 -4.70
N LYS A 9 -3.68 -7.75 -4.50
CA LYS A 9 -3.12 -8.02 -3.18
C LYS A 9 -2.32 -6.83 -2.63
N THR A 10 -1.48 -6.18 -3.44
CA THR A 10 -0.74 -4.98 -3.04
C THR A 10 -1.68 -3.84 -2.64
N ALA A 11 -2.76 -3.60 -3.41
CA ALA A 11 -3.77 -2.61 -3.09
C ALA A 11 -4.47 -2.89 -1.75
N SER A 12 -4.74 -4.16 -1.43
CA SER A 12 -5.34 -4.57 -0.16
C SER A 12 -4.40 -4.24 1.01
N PHE A 13 -3.13 -4.63 0.88
CA PHE A 13 -2.08 -4.33 1.85
C PHE A 13 -1.70 -2.85 2.06
N VAL A 14 -1.71 -2.05 0.98
CA VAL A 14 -1.51 -0.58 1.03
C VAL A 14 -2.73 0.09 1.65
N ALA A 15 -3.96 -0.28 1.29
CA ALA A 15 -5.17 0.26 1.92
C ALA A 15 -5.21 -0.02 3.44
N ARG A 16 -4.67 -1.16 3.86
CA ARG A 16 -4.52 -1.59 5.27
C ARG A 16 -3.40 -0.88 6.05
N ASN A 17 -2.30 -0.48 5.39
CA ASN A 17 -1.09 0.04 6.05
C ASN A 17 -0.66 1.49 5.68
N GLY A 18 -1.35 2.15 4.75
CA GLY A 18 -1.19 3.57 4.40
C GLY A 18 -0.21 3.88 3.26
N PRO A 19 -0.09 5.16 2.85
CA PRO A 19 0.68 5.57 1.66
C PRO A 19 2.19 5.34 1.75
N GLU A 20 2.75 5.25 2.97
CA GLU A 20 4.16 4.90 3.15
C GLU A 20 4.45 3.44 2.74
N PHE A 21 3.44 2.56 2.83
CA PHE A 21 3.56 1.14 2.43
C PHE A 21 3.67 1.08 0.89
N GLU A 22 2.96 1.95 0.16
CA GLU A 22 3.11 2.11 -1.29
C GLU A 22 4.53 2.59 -1.65
N ALA A 23 5.01 3.65 -0.99
CA ALA A 23 6.35 4.20 -1.21
C ALA A 23 7.46 3.18 -0.93
N ARG A 24 7.31 2.35 0.12
CA ARG A 24 8.21 1.25 0.47
C ARG A 24 8.39 0.27 -0.68
N ILE A 25 7.29 -0.27 -1.21
CA ILE A 25 7.33 -1.24 -2.33
C ILE A 25 7.83 -0.55 -3.61
N ARG A 26 7.37 0.67 -3.89
CA ARG A 26 7.79 1.46 -5.07
C ARG A 26 9.30 1.72 -5.09
N GLN A 27 9.94 1.96 -3.95
CA GLN A 27 11.40 2.13 -3.88
C GLN A 27 12.16 0.80 -3.90
N ASN A 28 11.70 -0.22 -3.16
CA ASN A 28 12.37 -1.52 -3.07
C ASN A 28 12.34 -2.32 -4.38
N GLU A 29 11.23 -2.24 -5.13
CA GLU A 29 10.97 -2.96 -6.38
C GLU A 29 10.93 -2.02 -7.60
N ILE A 30 11.66 -0.90 -7.54
CA ILE A 30 11.58 0.22 -8.51
C ILE A 30 11.93 -0.19 -9.96
N ASN A 31 12.83 -1.16 -10.13
CA ASN A 31 13.24 -1.71 -11.43
C ASN A 31 12.46 -2.97 -11.84
N ASN A 32 11.61 -3.51 -10.96
CA ASN A 32 10.89 -4.77 -11.18
C ASN A 32 9.71 -4.57 -12.15
N PRO A 33 9.61 -5.32 -13.27
CA PRO A 33 8.51 -5.16 -14.23
C PRO A 33 7.13 -5.48 -13.65
N LYS A 34 7.05 -6.35 -12.63
CA LYS A 34 5.79 -6.70 -11.96
C LYS A 34 5.21 -5.55 -11.12
N PHE A 35 6.06 -4.71 -10.53
CA PHE A 35 5.71 -3.64 -9.59
C PHE A 35 5.56 -2.22 -10.15
N ASN A 36 5.80 -2.04 -11.45
CA ASN A 36 5.74 -0.75 -12.13
C ASN A 36 4.37 -0.04 -12.07
N PHE A 37 3.28 -0.75 -11.73
CA PHE A 37 1.95 -0.15 -11.53
C PHE A 37 1.89 0.88 -10.39
N LEU A 38 2.86 0.88 -9.47
CA LEU A 38 2.96 1.90 -8.41
C LEU A 38 3.44 3.26 -8.96
N ASN A 39 4.01 3.30 -10.17
CA ASN A 39 4.35 4.52 -10.89
C ASN A 39 3.12 5.03 -11.69
N PRO A 40 2.89 6.36 -11.77
CA PRO A 40 1.68 6.93 -12.38
C PRO A 40 1.59 6.76 -13.91
N ASN A 41 2.69 6.36 -14.56
CA ASN A 41 2.77 6.17 -16.01
C ASN A 41 2.06 4.91 -16.54
N ASP A 42 1.76 3.93 -15.68
CA ASP A 42 1.24 2.61 -16.09
C ASP A 42 -0.28 2.49 -16.33
N PRO A 43 -0.74 1.64 -17.27
CA PRO A 43 -2.17 1.32 -17.43
C PRO A 43 -2.77 0.69 -16.16
N TYR A 44 -1.98 -0.16 -15.48
CA TYR A 44 -2.35 -0.74 -14.20
C TYR A 44 -2.53 0.23 -13.02
N HIS A 45 -1.96 1.44 -13.10
CA HIS A 45 -2.04 2.43 -12.02
C HIS A 45 -3.48 2.86 -11.75
N ALA A 46 -4.30 3.05 -12.79
CA ALA A 46 -5.71 3.42 -12.65
C ALA A 46 -6.51 2.33 -11.90
N TYR A 47 -6.30 1.06 -12.24
CA TYR A 47 -6.88 -0.08 -11.51
C TYR A 47 -6.38 -0.19 -10.07
N TYR A 48 -5.06 -0.08 -9.90
CA TYR A 48 -4.40 -0.05 -8.59
C TYR A 48 -4.94 1.00 -7.60
N ARG A 49 -4.97 2.27 -8.03
CA ARG A 49 -5.47 3.40 -7.24
C ARG A 49 -6.96 3.26 -6.89
N HIS A 50 -7.75 2.72 -7.82
CA HIS A 50 -9.16 2.41 -7.59
C HIS A 50 -9.31 1.27 -6.56
N LYS A 51 -8.51 0.20 -6.68
CA LYS A 51 -8.53 -0.92 -5.73
C LYS A 51 -8.14 -0.52 -4.31
N VAL A 52 -7.18 0.39 -4.13
CA VAL A 52 -6.80 0.90 -2.79
C VAL A 52 -8.00 1.62 -2.17
N SER A 53 -8.65 2.48 -2.95
CA SER A 53 -9.86 3.22 -2.52
C SER A 53 -11.03 2.27 -2.20
N GLU A 54 -11.22 1.21 -2.99
CA GLU A 54 -12.22 0.17 -2.74
C GLU A 54 -11.91 -0.65 -1.47
N PHE A 55 -10.65 -1.03 -1.27
CA PHE A 55 -10.19 -1.66 -0.03
C PHE A 55 -10.28 -0.82 1.25
N LYS A 56 -10.13 0.51 1.10
CA LYS A 56 -10.35 1.49 2.17
C LYS A 56 -11.82 1.68 2.55
N GLU A 57 -12.70 1.89 1.57
CA GLU A 57 -14.13 2.16 1.80
C GLU A 57 -14.99 0.90 2.04
N GLY A 58 -14.55 -0.27 1.56
CA GLY A 58 -15.27 -1.53 1.70
C GLY A 58 -16.65 -1.53 1.02
N LYS A 59 -17.64 -2.17 1.66
CA LYS A 59 -19.03 -2.30 1.16
C LYS A 59 -19.89 -1.03 1.33
N ALA A 60 -19.33 0.08 1.81
CA ALA A 60 -20.02 1.36 1.99
C ALA A 60 -20.50 2.00 0.66
N GLN A 61 -21.38 3.00 0.77
CA GLN A 61 -21.86 3.82 -0.36
C GLN A 61 -20.75 4.67 -1.02
N GLU A 62 -21.02 5.18 -2.23
CA GLU A 62 -20.07 5.97 -3.03
C GLU A 62 -19.52 7.20 -2.26
N PRO A 63 -18.19 7.38 -2.14
CA PRO A 63 -17.58 8.47 -1.36
C PRO A 63 -17.75 9.85 -2.02
N SER A 64 -17.68 10.90 -1.19
CA SER A 64 -17.69 12.30 -1.64
C SER A 64 -16.42 12.70 -2.42
N SER A 65 -16.56 13.66 -3.34
CA SER A 65 -15.42 14.30 -4.04
C SER A 65 -14.55 15.19 -3.12
N GLY A 66 -15.03 15.51 -1.92
CA GLY A 66 -14.33 16.35 -0.93
C GLY A 66 -14.39 17.86 -1.21
N SER A 67 -13.86 18.65 -0.27
CA SER A 67 -13.81 20.12 -0.33
C SER A 67 -12.75 20.66 -1.31
N SER A 68 -12.93 21.92 -1.75
CA SER A 68 -11.97 22.64 -2.60
C SER A 68 -10.70 23.04 -1.84
N GLY A 69 -9.58 23.23 -2.56
CA GLY A 69 -8.28 23.61 -2.00
C GLY A 69 -7.23 23.97 -3.06
N SER A 70 -5.99 24.22 -2.63
CA SER A 70 -4.85 24.59 -3.49
C SER A 70 -3.51 24.18 -2.86
N SER A 71 -2.54 23.82 -3.70
CA SER A 71 -1.14 23.58 -3.30
C SER A 71 -0.37 24.87 -2.94
N GLY A 72 -0.87 26.04 -3.37
CA GLY A 72 -0.33 27.36 -3.00
C GLY A 72 -0.65 27.76 -1.56
N SER A 73 0.01 28.82 -1.07
CA SER A 73 -0.15 29.33 0.30
C SER A 73 -1.57 29.82 0.65
N SER A 74 -2.42 30.05 -0.35
CA SER A 74 -3.85 30.35 -0.21
C SER A 74 -4.71 29.15 0.26
N GLY A 75 -4.22 27.92 0.13
CA GLY A 75 -4.93 26.68 0.52
C GLY A 75 -4.10 25.68 1.33
N SER A 76 -2.78 25.63 1.13
CA SER A 76 -1.87 24.71 1.84
C SER A 76 -1.61 25.17 3.28
N SER A 77 -1.95 24.32 4.25
CA SER A 77 -1.72 24.54 5.68
C SER A 77 -0.31 24.11 6.13
N GLY A 78 0.22 24.75 7.18
CA GLY A 78 1.49 24.35 7.81
C GLY A 78 1.34 23.20 8.83
N GLN A 79 0.14 23.05 9.40
CA GLN A 79 -0.22 22.04 10.39
C GLN A 79 -0.30 20.62 9.79
N ARG A 80 -0.07 19.59 10.61
CA ARG A 80 -0.12 18.15 10.24
C ARG A 80 -0.80 17.31 11.34
N PRO A 81 -1.38 16.13 11.02
CA PRO A 81 -1.95 15.21 12.00
C PRO A 81 -0.92 14.69 13.02
N GLY A 82 -1.39 14.28 14.21
CA GLY A 82 -0.57 13.64 15.25
C GLY A 82 -0.12 12.23 14.86
N ASP A 83 1.06 11.81 15.35
CA ASP A 83 1.59 10.46 15.20
C ASP A 83 0.93 9.36 16.06
N PRO A 84 0.95 8.08 15.65
CA PRO A 84 0.45 6.97 16.46
C PRO A 84 1.16 6.81 17.81
N GLN A 85 0.42 6.40 18.84
CA GLN A 85 0.97 6.16 20.19
C GLN A 85 1.90 4.94 20.25
N SER A 86 1.61 3.90 19.46
CA SER A 86 2.39 2.65 19.39
C SER A 86 3.64 2.79 18.51
N ALA A 87 4.83 2.62 19.10
CA ALA A 87 6.12 2.62 18.39
C ALA A 87 6.36 1.37 17.50
N GLN A 88 5.46 0.38 17.57
CA GLN A 88 5.50 -0.86 16.77
C GLN A 88 4.98 -0.70 15.33
N ASP A 89 4.61 0.51 14.88
CA ASP A 89 4.18 0.77 13.50
C ASP A 89 5.19 0.35 12.41
N LYS A 90 6.49 0.49 12.69
CA LYS A 90 7.59 -0.01 11.84
C LYS A 90 7.61 -1.55 11.78
N ALA A 91 7.49 -2.23 12.92
CA ALA A 91 7.40 -3.68 13.00
C ALA A 91 6.14 -4.23 12.31
N ARG A 92 5.02 -3.50 12.36
CA ARG A 92 3.80 -3.80 11.61
C ARG A 92 4.07 -3.78 10.11
N MET A 93 4.57 -2.67 9.54
CA MET A 93 4.82 -2.61 8.10
C MET A 93 5.94 -3.56 7.64
N ASP A 94 6.93 -3.86 8.49
CA ASP A 94 7.92 -4.90 8.22
C ASP A 94 7.31 -6.28 7.98
N LYS A 95 6.51 -6.77 8.92
CA LYS A 95 5.89 -8.10 8.80
C LYS A 95 4.74 -8.14 7.79
N GLU A 96 3.97 -7.06 7.64
CA GLU A 96 2.96 -6.95 6.57
C GLU A 96 3.60 -6.99 5.18
N TYR A 97 4.76 -6.34 5.00
CA TYR A 97 5.53 -6.38 3.75
C TYR A 97 6.08 -7.78 3.45
N LEU A 98 6.69 -8.42 4.44
CA LEU A 98 7.15 -9.81 4.36
C LEU A 98 5.99 -10.77 4.01
N SER A 99 4.81 -10.53 4.59
CA SER A 99 3.61 -11.35 4.37
C SER A 99 3.03 -11.15 2.97
N LEU A 100 3.03 -9.91 2.44
CA LEU A 100 2.62 -9.62 1.07
C LEU A 100 3.53 -10.37 0.08
N MET A 101 4.85 -10.22 0.24
CA MET A 101 5.83 -10.88 -0.64
C MET A 101 5.71 -12.40 -0.57
N ALA A 102 5.60 -12.99 0.63
CA ALA A 102 5.42 -14.43 0.81
C ALA A 102 4.13 -14.97 0.16
N GLU A 103 3.03 -14.23 0.22
CA GLU A 103 1.75 -14.58 -0.44
C GLU A 103 1.80 -14.48 -1.97
N LEU A 104 2.62 -13.57 -2.52
CA LEU A 104 2.90 -13.47 -3.96
C LEU A 104 3.95 -14.50 -4.45
N GLY A 105 4.63 -15.20 -3.53
CA GLY A 105 5.74 -16.12 -3.83
C GLY A 105 7.09 -15.42 -4.09
N GLU A 106 7.18 -14.13 -3.76
CA GLU A 106 8.39 -13.31 -3.87
C GLU A 106 9.31 -13.46 -2.65
N ALA A 107 10.62 -13.24 -2.86
CA ALA A 107 11.63 -13.33 -1.80
C ALA A 107 11.49 -12.19 -0.76
N PRO A 108 11.79 -12.44 0.54
CA PRO A 108 11.84 -11.41 1.57
C PRO A 108 13.03 -10.45 1.38
N VAL A 109 12.96 -9.27 2.00
CA VAL A 109 14.04 -8.25 2.03
C VAL A 109 14.54 -8.05 3.47
N PRO A 110 15.86 -8.11 3.74
CA PRO A 110 16.42 -7.96 5.09
C PRO A 110 16.28 -6.53 5.64
N ALA A 111 16.30 -6.40 6.97
CA ALA A 111 16.20 -5.14 7.73
C ALA A 111 17.00 -5.19 9.06
N GLY A 1 2.00 -16.50 -12.51
CA GLY A 1 1.86 -15.13 -11.98
C GLY A 1 1.06 -14.23 -12.92
N GLU A 2 0.41 -13.20 -12.39
CA GLU A 2 -0.43 -12.26 -13.14
C GLU A 2 -0.43 -10.86 -12.48
N VAL A 3 -0.16 -9.80 -13.24
CA VAL A 3 -0.04 -8.43 -12.70
C VAL A 3 -1.33 -7.95 -12.05
N ARG A 4 -2.51 -8.26 -12.63
CA ARG A 4 -3.83 -7.95 -12.03
C ARG A 4 -3.99 -8.54 -10.62
N ASN A 5 -3.47 -9.74 -10.38
CA ASN A 5 -3.49 -10.41 -9.08
C ASN A 5 -2.49 -9.79 -8.08
N ILE A 6 -1.29 -9.45 -8.56
CA ILE A 6 -0.28 -8.73 -7.76
C ILE A 6 -0.82 -7.34 -7.34
N VAL A 7 -1.47 -6.62 -8.26
CA VAL A 7 -2.11 -5.32 -8.03
C VAL A 7 -3.21 -5.47 -6.98
N ASP A 8 -4.13 -6.43 -7.12
CA ASP A 8 -5.18 -6.71 -6.12
C ASP A 8 -4.68 -6.92 -4.69
N LYS A 9 -3.71 -7.82 -4.52
CA LYS A 9 -3.12 -8.11 -3.21
C LYS A 9 -2.32 -6.91 -2.67
N THR A 10 -1.49 -6.27 -3.49
CA THR A 10 -0.73 -5.07 -3.08
C THR A 10 -1.67 -3.94 -2.67
N ALA A 11 -2.74 -3.69 -3.43
CA ALA A 11 -3.73 -2.67 -3.10
C ALA A 11 -4.42 -2.95 -1.75
N SER A 12 -4.72 -4.22 -1.45
CA SER A 12 -5.32 -4.63 -0.17
C SER A 12 -4.37 -4.35 1.00
N PHE A 13 -3.10 -4.73 0.85
CA PHE A 13 -2.04 -4.48 1.81
C PHE A 13 -1.67 -3.00 2.05
N VAL A 14 -1.60 -2.19 0.98
CA VAL A 14 -1.38 -0.74 1.02
C VAL A 14 -2.57 -0.06 1.71
N ALA A 15 -3.81 -0.39 1.32
CA ALA A 15 -5.01 0.18 1.92
C ALA A 15 -5.12 -0.11 3.44
N ARG A 16 -4.68 -1.30 3.87
CA ARG A 16 -4.61 -1.71 5.28
C ARG A 16 -3.56 -0.94 6.08
N ASN A 17 -2.35 -0.88 5.54
CA ASN A 17 -1.18 -0.31 6.22
C ASN A 17 -1.06 1.23 6.16
N GLY A 18 -1.48 1.87 5.08
CA GLY A 18 -1.33 3.32 4.83
C GLY A 18 -0.44 3.67 3.63
N PRO A 19 -0.39 4.95 3.22
CA PRO A 19 0.23 5.40 1.96
C PRO A 19 1.76 5.28 1.94
N GLU A 20 2.44 5.21 3.09
CA GLU A 20 3.88 4.94 3.16
C GLU A 20 4.24 3.52 2.70
N PHE A 21 3.29 2.57 2.80
CA PHE A 21 3.49 1.17 2.39
C PHE A 21 3.59 1.11 0.85
N GLU A 22 2.90 1.99 0.11
CA GLU A 22 3.07 2.16 -1.33
C GLU A 22 4.50 2.63 -1.68
N ALA A 23 4.97 3.68 -1.01
CA ALA A 23 6.30 4.24 -1.22
C ALA A 23 7.42 3.22 -0.90
N ARG A 24 7.23 2.40 0.14
CA ARG A 24 8.13 1.29 0.51
C ARG A 24 8.34 0.31 -0.65
N ILE A 25 7.26 -0.23 -1.20
CA ILE A 25 7.32 -1.20 -2.31
C ILE A 25 7.83 -0.51 -3.58
N ARG A 26 7.36 0.71 -3.89
CA ARG A 26 7.79 1.49 -5.05
C ARG A 26 9.30 1.77 -5.05
N GLN A 27 9.91 2.02 -3.90
CA GLN A 27 11.35 2.22 -3.79
C GLN A 27 12.15 0.90 -3.81
N ASN A 28 11.69 -0.13 -3.10
CA ASN A 28 12.38 -1.42 -2.99
C ASN A 28 12.35 -2.23 -4.30
N GLU A 29 11.24 -2.17 -5.05
CA GLU A 29 10.99 -2.91 -6.30
C GLU A 29 10.97 -1.97 -7.52
N ILE A 30 11.69 -0.85 -7.47
CA ILE A 30 11.62 0.25 -8.45
C ILE A 30 11.98 -0.17 -9.89
N ASN A 31 12.90 -1.15 -10.05
CA ASN A 31 13.32 -1.70 -11.33
C ASN A 31 12.54 -2.97 -11.74
N ASN A 32 11.67 -3.50 -10.86
CA ASN A 32 10.95 -4.76 -11.08
C ASN A 32 9.78 -4.55 -12.06
N PRO A 33 9.69 -5.32 -13.18
CA PRO A 33 8.61 -5.15 -14.16
C PRO A 33 7.22 -5.46 -13.60
N LYS A 34 7.11 -6.33 -12.58
CA LYS A 34 5.84 -6.67 -11.93
C LYS A 34 5.24 -5.51 -11.13
N PHE A 35 6.09 -4.71 -10.48
CA PHE A 35 5.71 -3.63 -9.56
C PHE A 35 5.55 -2.22 -10.14
N ASN A 36 5.80 -2.06 -11.45
CA ASN A 36 5.73 -0.77 -12.15
C ASN A 36 4.35 -0.08 -12.10
N PHE A 37 3.26 -0.78 -11.75
CA PHE A 37 1.94 -0.19 -11.54
C PHE A 37 1.87 0.86 -10.41
N LEU A 38 2.84 0.86 -9.49
CA LEU A 38 2.96 1.89 -8.45
C LEU A 38 3.45 3.24 -9.01
N ASN A 39 4.01 3.26 -10.23
CA ASN A 39 4.36 4.49 -10.94
C ASN A 39 3.15 5.00 -11.76
N PRO A 40 2.92 6.32 -11.84
CA PRO A 40 1.71 6.89 -12.44
C PRO A 40 1.56 6.72 -13.96
N ASN A 41 2.63 6.32 -14.66
CA ASN A 41 2.63 6.15 -16.12
C ASN A 41 1.97 4.86 -16.62
N ASP A 42 1.72 3.87 -15.75
CA ASP A 42 1.20 2.54 -16.15
C ASP A 42 -0.33 2.43 -16.36
N PRO A 43 -0.81 1.59 -17.31
CA PRO A 43 -2.24 1.28 -17.44
C PRO A 43 -2.82 0.66 -16.16
N TYR A 44 -2.03 -0.20 -15.50
CA TYR A 44 -2.38 -0.77 -14.20
C TYR A 44 -2.54 0.20 -13.03
N HIS A 45 -1.97 1.41 -13.12
CA HIS A 45 -2.03 2.40 -12.05
C HIS A 45 -3.48 2.84 -11.76
N ALA A 46 -4.30 3.03 -12.80
CA ALA A 46 -5.71 3.40 -12.65
C ALA A 46 -6.51 2.32 -11.88
N TYR A 47 -6.30 1.05 -12.23
CA TYR A 47 -6.88 -0.09 -11.50
C TYR A 47 -6.37 -0.21 -10.06
N TYR A 48 -5.05 -0.10 -9.88
CA TYR A 48 -4.38 -0.07 -8.59
C TYR A 48 -4.91 0.98 -7.60
N ARG A 49 -4.92 2.24 -8.03
CA ARG A 49 -5.41 3.39 -7.24
C ARG A 49 -6.90 3.24 -6.86
N HIS A 50 -7.71 2.73 -7.79
CA HIS A 50 -9.12 2.43 -7.53
C HIS A 50 -9.28 1.30 -6.50
N LYS A 51 -8.50 0.23 -6.64
CA LYS A 51 -8.51 -0.91 -5.69
C LYS A 51 -8.10 -0.49 -4.28
N VAL A 52 -7.10 0.39 -4.13
CA VAL A 52 -6.70 0.91 -2.81
C VAL A 52 -7.88 1.64 -2.17
N SER A 53 -8.47 2.59 -2.89
CA SER A 53 -9.64 3.37 -2.41
C SER A 53 -10.83 2.45 -2.05
N GLU A 54 -11.07 1.41 -2.85
CA GLU A 54 -12.10 0.42 -2.57
C GLU A 54 -11.80 -0.45 -1.34
N PHE A 55 -10.54 -0.88 -1.17
CA PHE A 55 -10.06 -1.53 0.04
C PHE A 55 -10.08 -0.68 1.33
N LYS A 56 -9.88 0.64 1.17
CA LYS A 56 -9.96 1.65 2.24
C LYS A 56 -11.40 1.98 2.66
N GLU A 57 -12.28 2.27 1.71
CA GLU A 57 -13.63 2.82 1.97
C GLU A 57 -14.78 1.81 1.85
N GLY A 58 -14.63 0.72 1.10
CA GLY A 58 -15.69 -0.29 0.87
C GLY A 58 -16.94 0.29 0.20
N LYS A 59 -16.84 0.67 -1.07
CA LYS A 59 -17.84 1.39 -1.89
C LYS A 59 -18.25 2.81 -1.44
N ALA A 60 -17.97 3.21 -0.20
CA ALA A 60 -18.25 4.55 0.35
C ALA A 60 -17.26 5.64 -0.12
N GLN A 61 -16.93 5.66 -1.42
CA GLN A 61 -15.98 6.58 -2.04
C GLN A 61 -16.45 8.05 -1.98
N GLU A 62 -15.50 8.98 -1.87
CA GLU A 62 -15.71 10.44 -1.87
C GLU A 62 -14.80 11.11 -2.92
N PRO A 63 -15.29 12.07 -3.73
CA PRO A 63 -14.49 12.69 -4.80
C PRO A 63 -13.32 13.52 -4.26
N SER A 64 -12.15 13.35 -4.88
CA SER A 64 -10.88 14.03 -4.52
C SER A 64 -10.68 15.40 -5.19
N SER A 65 -11.57 15.80 -6.11
CA SER A 65 -11.46 17.04 -6.90
C SER A 65 -11.50 18.30 -6.01
N GLY A 66 -10.63 19.28 -6.32
CA GLY A 66 -10.46 20.53 -5.57
C GLY A 66 -9.14 21.25 -5.89
N SER A 67 -8.76 22.21 -5.05
CA SER A 67 -7.45 22.88 -5.10
C SER A 67 -6.29 21.96 -4.69
N SER A 68 -5.06 22.35 -5.05
CA SER A 68 -3.82 21.60 -4.76
C SER A 68 -2.62 22.55 -4.60
N GLY A 69 -1.64 22.16 -3.78
CA GLY A 69 -0.44 22.94 -3.46
C GLY A 69 0.42 22.32 -2.36
N SER A 70 1.35 23.10 -1.82
CA SER A 70 2.20 22.73 -0.67
C SER A 70 1.42 22.70 0.67
N SER A 71 2.09 22.27 1.74
CA SER A 71 1.60 22.35 3.13
C SER A 71 1.57 23.78 3.73
N GLY A 72 1.92 24.80 2.95
CA GLY A 72 2.00 26.21 3.38
C GLY A 72 3.31 26.57 4.10
N SER A 73 3.31 27.70 4.80
CA SER A 73 4.48 28.26 5.49
C SER A 73 5.03 27.34 6.59
N SER A 74 6.36 27.18 6.64
CA SER A 74 7.08 26.44 7.68
C SER A 74 7.20 27.22 9.00
N GLY A 75 7.54 26.52 10.09
CA GLY A 75 7.76 27.10 11.42
C GLY A 75 8.31 26.10 12.45
N SER A 76 8.95 26.63 13.50
CA SER A 76 9.54 25.86 14.61
C SER A 76 9.71 26.74 15.86
N SER A 77 9.89 26.12 17.03
CA SER A 77 10.10 26.81 18.32
C SER A 77 10.92 25.95 19.30
N GLY A 78 11.80 26.59 20.06
CA GLY A 78 12.73 25.95 21.01
C GLY A 78 13.91 25.21 20.35
N GLN A 79 14.89 24.82 21.16
CA GLN A 79 16.07 24.06 20.72
C GLN A 79 15.79 22.55 20.50
N ARG A 80 14.73 22.02 21.14
CA ARG A 80 14.33 20.60 21.11
C ARG A 80 12.80 20.48 21.32
N PRO A 81 11.99 20.18 20.28
CA PRO A 81 10.53 20.07 20.41
C PRO A 81 10.05 18.78 21.12
N GLY A 82 10.93 17.79 21.28
CA GLY A 82 10.63 16.47 21.85
C GLY A 82 10.08 15.47 20.81
N ASP A 83 10.21 14.18 21.12
CA ASP A 83 9.80 13.07 20.24
C ASP A 83 8.31 12.67 20.33
N PRO A 84 7.70 12.14 19.25
CA PRO A 84 6.31 11.70 19.23
C PRO A 84 6.08 10.41 20.04
N GLN A 85 4.84 10.19 20.49
CA GLN A 85 4.43 9.02 21.28
C GLN A 85 4.31 7.70 20.48
N SER A 86 4.43 7.76 19.15
CA SER A 86 4.28 6.63 18.23
C SER A 86 5.31 5.50 18.47
N ALA A 87 4.87 4.25 18.35
CA ALA A 87 5.69 3.04 18.55
C ALA A 87 5.16 1.84 17.74
N GLN A 88 6.03 0.86 17.50
CA GLN A 88 5.81 -0.44 16.82
C GLN A 88 5.25 -0.43 15.38
N ASP A 89 4.89 0.73 14.82
CA ASP A 89 4.33 0.85 13.46
C ASP A 89 5.31 0.37 12.36
N LYS A 90 6.61 0.53 12.58
CA LYS A 90 7.66 -0.02 11.71
C LYS A 90 7.65 -1.55 11.69
N ALA A 91 7.53 -2.20 12.84
CA ALA A 91 7.38 -3.66 12.94
C ALA A 91 6.06 -4.16 12.32
N ARG A 92 4.98 -3.37 12.44
CA ARG A 92 3.67 -3.64 11.80
C ARG A 92 3.82 -3.68 10.27
N MET A 93 4.39 -2.63 9.66
CA MET A 93 4.61 -2.63 8.21
C MET A 93 5.70 -3.62 7.75
N ASP A 94 6.73 -3.90 8.57
CA ASP A 94 7.74 -4.91 8.25
C ASP A 94 7.17 -6.30 8.00
N LYS A 95 6.37 -6.82 8.95
CA LYS A 95 5.79 -8.15 8.82
C LYS A 95 4.64 -8.20 7.81
N GLU A 96 3.87 -7.14 7.66
CA GLU A 96 2.89 -7.01 6.57
C GLU A 96 3.55 -7.03 5.18
N TYR A 97 4.69 -6.37 5.04
CA TYR A 97 5.48 -6.38 3.80
C TYR A 97 6.06 -7.75 3.47
N LEU A 98 6.66 -8.41 4.47
CA LEU A 98 7.11 -9.80 4.37
C LEU A 98 5.95 -10.75 4.00
N SER A 99 4.76 -10.53 4.58
CA SER A 99 3.56 -11.34 4.32
C SER A 99 3.01 -11.14 2.91
N LEU A 100 3.01 -9.91 2.39
CA LEU A 100 2.62 -9.62 1.00
C LEU A 100 3.55 -10.35 0.04
N MET A 101 4.87 -10.17 0.21
CA MET A 101 5.87 -10.80 -0.66
C MET A 101 5.78 -12.33 -0.61
N ALA A 102 5.69 -12.94 0.58
CA ALA A 102 5.54 -14.38 0.74
C ALA A 102 4.27 -14.95 0.07
N GLU A 103 3.15 -14.23 0.14
CA GLU A 103 1.90 -14.60 -0.54
C GLU A 103 1.96 -14.48 -2.08
N LEU A 104 2.79 -13.58 -2.62
CA LEU A 104 3.09 -13.46 -4.05
C LEU A 104 4.17 -14.43 -4.54
N GLY A 105 4.87 -15.13 -3.63
CA GLY A 105 6.05 -15.98 -3.94
C GLY A 105 7.35 -15.18 -4.12
N GLU A 106 7.36 -13.91 -3.74
CA GLU A 106 8.49 -12.98 -3.76
C GLU A 106 9.27 -12.96 -2.43
N ALA A 107 10.44 -12.32 -2.44
CA ALA A 107 11.30 -12.13 -1.26
C ALA A 107 12.10 -10.81 -1.33
N PRO A 108 12.46 -10.19 -0.19
CA PRO A 108 13.29 -8.99 -0.15
C PRO A 108 14.73 -9.24 -0.68
N VAL A 109 15.41 -8.17 -1.08
CA VAL A 109 16.78 -8.21 -1.62
C VAL A 109 17.81 -8.79 -0.62
N PRO A 110 18.63 -9.81 -1.00
CA PRO A 110 19.61 -10.41 -0.11
C PRO A 110 20.80 -9.47 0.21
N ALA A 111 21.49 -9.74 1.32
CA ALA A 111 22.70 -9.03 1.76
C ALA A 111 23.91 -9.26 0.84
N GLY A 1 1.36 -16.85 -11.63
CA GLY A 1 1.16 -15.46 -11.17
C GLY A 1 0.74 -14.55 -12.32
N GLU A 2 0.14 -13.40 -12.00
CA GLU A 2 -0.34 -12.40 -12.98
C GLU A 2 -0.35 -10.99 -12.36
N VAL A 3 -0.07 -9.96 -13.17
CA VAL A 3 0.05 -8.56 -12.69
C VAL A 3 -1.25 -8.08 -12.02
N ARG A 4 -2.42 -8.37 -12.58
CA ARG A 4 -3.72 -7.99 -11.97
C ARG A 4 -3.90 -8.58 -10.55
N ASN A 5 -3.42 -9.80 -10.31
CA ASN A 5 -3.46 -10.44 -9.00
C ASN A 5 -2.45 -9.81 -8.02
N ILE A 6 -1.24 -9.48 -8.49
CA ILE A 6 -0.24 -8.75 -7.70
C ILE A 6 -0.76 -7.36 -7.31
N VAL A 7 -1.40 -6.65 -8.26
CA VAL A 7 -2.01 -5.33 -8.07
C VAL A 7 -3.11 -5.43 -7.00
N ASP A 8 -4.06 -6.36 -7.13
CA ASP A 8 -5.16 -6.54 -6.16
C ASP A 8 -4.70 -6.81 -4.73
N LYS A 9 -3.76 -7.76 -4.56
CA LYS A 9 -3.19 -8.05 -3.24
C LYS A 9 -2.38 -6.87 -2.68
N THR A 10 -1.53 -6.24 -3.50
CA THR A 10 -0.77 -5.05 -3.07
C THR A 10 -1.70 -3.91 -2.67
N ALA A 11 -2.77 -3.65 -3.43
CA ALA A 11 -3.78 -2.66 -3.09
C ALA A 11 -4.47 -2.94 -1.75
N SER A 12 -4.75 -4.21 -1.45
CA SER A 12 -5.35 -4.64 -0.18
C SER A 12 -4.42 -4.35 1.01
N PHE A 13 -3.13 -4.69 0.84
CA PHE A 13 -2.08 -4.38 1.80
C PHE A 13 -1.77 -2.90 2.02
N VAL A 14 -1.71 -2.10 0.95
CA VAL A 14 -1.48 -0.64 0.99
C VAL A 14 -2.68 0.07 1.63
N ALA A 15 -3.92 -0.31 1.30
CA ALA A 15 -5.12 0.25 1.92
C ALA A 15 -5.16 0.07 3.45
N ARG A 16 -4.62 -1.05 3.96
CA ARG A 16 -4.50 -1.37 5.39
C ARG A 16 -3.30 -0.70 6.08
N ASN A 17 -2.14 -0.66 5.42
CA ASN A 17 -0.88 -0.13 5.97
C ASN A 17 -0.65 1.39 5.78
N GLY A 18 -1.34 2.03 4.83
CA GLY A 18 -1.24 3.46 4.52
C GLY A 18 -0.30 3.78 3.33
N PRO A 19 -0.25 5.07 2.91
CA PRO A 19 0.42 5.50 1.68
C PRO A 19 1.95 5.39 1.71
N GLU A 20 2.56 5.29 2.90
CA GLU A 20 4.00 5.00 3.02
C GLU A 20 4.34 3.57 2.54
N PHE A 21 3.39 2.63 2.60
CA PHE A 21 3.58 1.24 2.18
C PHE A 21 3.65 1.19 0.63
N GLU A 22 2.93 2.05 -0.08
CA GLU A 22 3.08 2.25 -1.54
C GLU A 22 4.50 2.71 -1.88
N ALA A 23 4.97 3.76 -1.20
CA ALA A 23 6.32 4.31 -1.39
C ALA A 23 7.43 3.30 -1.05
N ARG A 24 7.24 2.49 0.00
CA ARG A 24 8.15 1.40 0.40
C ARG A 24 8.37 0.39 -0.74
N ILE A 25 7.29 -0.17 -1.29
CA ILE A 25 7.38 -1.14 -2.39
C ILE A 25 7.90 -0.46 -3.66
N ARG A 26 7.41 0.76 -3.98
CA ARG A 26 7.86 1.54 -5.14
C ARG A 26 9.36 1.85 -5.11
N GLN A 27 9.95 2.11 -3.95
CA GLN A 27 11.39 2.34 -3.81
C GLN A 27 12.21 1.04 -3.86
N ASN A 28 11.75 -0.01 -3.16
CA ASN A 28 12.46 -1.30 -3.09
C ASN A 28 12.46 -2.07 -4.42
N GLU A 29 11.36 -1.98 -5.19
CA GLU A 29 11.12 -2.73 -6.43
C GLU A 29 10.97 -1.79 -7.65
N ILE A 30 11.67 -0.65 -7.63
CA ILE A 30 11.49 0.46 -8.59
C ILE A 30 11.74 0.07 -10.06
N ASN A 31 12.65 -0.88 -10.31
CA ASN A 31 12.98 -1.40 -11.65
C ASN A 31 12.28 -2.73 -11.99
N ASN A 32 11.53 -3.31 -11.04
CA ASN A 32 10.89 -4.62 -11.20
C ASN A 32 9.69 -4.52 -12.16
N PRO A 33 9.62 -5.31 -13.25
CA PRO A 33 8.55 -5.23 -14.24
C PRO A 33 7.16 -5.56 -13.68
N LYS A 34 7.09 -6.40 -12.63
CA LYS A 34 5.82 -6.76 -11.96
C LYS A 34 5.25 -5.61 -11.13
N PHE A 35 6.10 -4.81 -10.49
CA PHE A 35 5.73 -3.75 -9.55
C PHE A 35 5.59 -2.31 -10.10
N ASN A 36 5.83 -2.14 -11.41
CA ASN A 36 5.76 -0.84 -12.10
C ASN A 36 4.39 -0.14 -12.03
N PHE A 37 3.31 -0.85 -11.69
CA PHE A 37 1.97 -0.25 -11.50
C PHE A 37 1.90 0.80 -10.37
N LEU A 38 2.86 0.80 -9.43
CA LEU A 38 2.97 1.83 -8.39
C LEU A 38 3.46 3.18 -8.95
N ASN A 39 4.10 3.18 -10.13
CA ASN A 39 4.52 4.38 -10.85
C ASN A 39 3.31 4.95 -11.63
N PRO A 40 3.11 6.29 -11.66
CA PRO A 40 1.89 6.91 -12.19
C PRO A 40 1.70 6.79 -13.72
N ASN A 41 2.74 6.39 -14.46
CA ASN A 41 2.71 6.25 -15.92
C ASN A 41 2.03 4.97 -16.44
N ASP A 42 1.81 3.96 -15.59
CA ASP A 42 1.28 2.65 -16.00
C ASP A 42 -0.24 2.55 -16.24
N PRO A 43 -0.71 1.73 -17.21
CA PRO A 43 -2.14 1.44 -17.38
C PRO A 43 -2.75 0.80 -16.13
N TYR A 44 -1.98 -0.07 -15.46
CA TYR A 44 -2.35 -0.67 -14.18
C TYR A 44 -2.51 0.28 -12.98
N HIS A 45 -1.93 1.48 -13.04
CA HIS A 45 -1.97 2.44 -11.94
C HIS A 45 -3.42 2.89 -11.63
N ALA A 46 -4.24 3.12 -12.67
CA ALA A 46 -5.63 3.51 -12.50
C ALA A 46 -6.45 2.43 -11.77
N TYR A 47 -6.29 1.15 -12.16
CA TYR A 47 -6.89 0.02 -11.46
C TYR A 47 -6.36 -0.14 -10.03
N TYR A 48 -5.04 -0.06 -9.85
CA TYR A 48 -4.37 -0.09 -8.56
C TYR A 48 -4.88 0.92 -7.53
N ARG A 49 -4.89 2.21 -7.91
CA ARG A 49 -5.40 3.32 -7.09
C ARG A 49 -6.89 3.18 -6.77
N HIS A 50 -7.68 2.69 -7.72
CA HIS A 50 -9.10 2.40 -7.51
C HIS A 50 -9.29 1.24 -6.53
N LYS A 51 -8.50 0.17 -6.65
CA LYS A 51 -8.53 -0.96 -5.71
C LYS A 51 -8.12 -0.59 -4.29
N VAL A 52 -7.15 0.31 -4.10
CA VAL A 52 -6.77 0.82 -2.77
C VAL A 52 -7.97 1.53 -2.13
N SER A 53 -8.63 2.41 -2.88
CA SER A 53 -9.84 3.11 -2.45
C SER A 53 -10.98 2.15 -2.10
N GLU A 54 -11.17 1.10 -2.91
CA GLU A 54 -12.15 0.04 -2.62
C GLU A 54 -11.82 -0.73 -1.34
N PHE A 55 -10.55 -1.10 -1.13
CA PHE A 55 -10.09 -1.73 0.10
C PHE A 55 -10.17 -0.85 1.37
N LYS A 56 -10.05 0.47 1.20
CA LYS A 56 -10.28 1.48 2.23
C LYS A 56 -11.77 1.66 2.60
N GLU A 57 -12.64 1.79 1.61
CA GLU A 57 -14.08 2.03 1.79
C GLU A 57 -14.91 0.76 2.12
N GLY A 58 -14.41 -0.42 1.75
CA GLY A 58 -15.07 -1.72 1.95
C GLY A 58 -15.76 -2.27 0.69
N LYS A 59 -16.19 -3.54 0.77
CA LYS A 59 -16.73 -4.34 -0.35
C LYS A 59 -18.03 -3.77 -0.97
N ALA A 60 -18.26 -4.17 -2.22
CA ALA A 60 -19.39 -3.81 -3.09
C ALA A 60 -19.50 -2.32 -3.47
N GLN A 61 -20.16 -2.05 -4.60
CA GLN A 61 -20.45 -0.70 -5.11
C GLN A 61 -21.68 -0.08 -4.43
N GLU A 62 -21.84 1.25 -4.53
CA GLU A 62 -22.98 2.03 -4.03
C GLU A 62 -23.32 1.78 -2.54
N PRO A 63 -22.44 2.23 -1.62
CA PRO A 63 -22.55 1.96 -0.19
C PRO A 63 -23.77 2.62 0.48
N SER A 64 -24.18 2.08 1.62
CA SER A 64 -25.39 2.47 2.38
C SER A 64 -25.32 3.84 3.08
N SER A 65 -24.19 4.56 3.00
CA SER A 65 -23.97 5.87 3.65
C SER A 65 -25.04 6.91 3.33
N GLY A 66 -25.60 6.90 2.11
CA GLY A 66 -26.69 7.81 1.69
C GLY A 66 -28.01 7.65 2.47
N SER A 67 -28.18 6.55 3.22
CA SER A 67 -29.34 6.32 4.09
C SER A 67 -29.35 7.21 5.36
N SER A 68 -28.17 7.62 5.84
CA SER A 68 -28.01 8.28 7.16
C SER A 68 -27.06 9.50 7.18
N GLY A 69 -26.22 9.69 6.14
CA GLY A 69 -25.31 10.83 6.02
C GLY A 69 -24.16 10.79 7.05
N SER A 70 -23.91 11.92 7.72
CA SER A 70 -22.86 12.09 8.73
C SER A 70 -23.29 13.03 9.87
N SER A 71 -22.68 12.89 11.04
CA SER A 71 -23.03 13.60 12.29
C SER A 71 -22.83 15.12 12.20
N GLY A 72 -23.67 15.89 12.91
CA GLY A 72 -23.62 17.36 12.96
C GLY A 72 -22.35 17.94 13.64
N SER A 73 -21.58 17.09 14.33
CA SER A 73 -20.25 17.40 14.87
C SER A 73 -19.14 17.52 13.80
N SER A 74 -19.40 17.08 12.56
CA SER A 74 -18.45 17.18 11.44
C SER A 74 -18.13 18.63 11.06
N GLY A 75 -16.89 18.91 10.69
CA GLY A 75 -16.37 20.24 10.35
C GLY A 75 -14.87 20.27 10.07
N SER A 76 -14.28 21.48 10.03
CA SER A 76 -12.83 21.68 9.86
C SER A 76 -12.01 21.21 11.07
N SER A 77 -10.72 20.93 10.84
CA SER A 77 -9.76 20.42 11.83
C SER A 77 -8.30 20.77 11.49
N GLY A 78 -7.40 20.59 12.46
CA GLY A 78 -5.95 20.84 12.31
C GLY A 78 -5.14 20.42 13.55
N GLN A 79 -3.81 20.43 13.41
CA GLN A 79 -2.85 20.03 14.46
C GLN A 79 -1.51 20.78 14.29
N ARG A 80 -0.86 21.14 15.41
CA ARG A 80 0.44 21.82 15.43
C ARG A 80 1.60 20.96 14.87
N PRO A 81 2.64 21.55 14.25
CA PRO A 81 3.77 20.81 13.68
C PRO A 81 4.65 20.14 14.74
N GLY A 82 5.36 19.08 14.35
CA GLY A 82 6.29 18.34 15.21
C GLY A 82 6.87 17.08 14.54
N ASP A 83 7.97 16.56 15.11
CA ASP A 83 8.63 15.33 14.63
C ASP A 83 7.86 14.01 14.91
N PRO A 84 8.02 12.95 14.08
CA PRO A 84 7.45 11.62 14.34
C PRO A 84 7.93 10.99 15.67
N GLN A 85 7.08 10.14 16.26
CA GLN A 85 7.36 9.44 17.53
C GLN A 85 6.87 7.98 17.56
N SER A 86 5.83 7.63 16.78
CA SER A 86 5.20 6.30 16.72
C SER A 86 6.02 5.25 15.93
N ALA A 87 7.34 5.17 16.19
CA ALA A 87 8.28 4.32 15.46
C ALA A 87 7.97 2.81 15.50
N GLN A 88 7.15 2.36 16.46
CA GLN A 88 6.64 0.99 16.57
C GLN A 88 5.81 0.56 15.35
N ASP A 89 5.24 1.50 14.60
CA ASP A 89 4.57 1.24 13.31
C ASP A 89 5.45 0.61 12.22
N LYS A 90 6.77 0.76 12.31
CA LYS A 90 7.73 0.10 11.42
C LYS A 90 7.63 -1.43 11.52
N ALA A 91 7.48 -1.99 12.72
CA ALA A 91 7.34 -3.44 12.91
C ALA A 91 6.07 -4.00 12.26
N ARG A 92 4.96 -3.24 12.28
CA ARG A 92 3.72 -3.59 11.58
C ARG A 92 3.92 -3.65 10.07
N MET A 93 4.46 -2.59 9.46
CA MET A 93 4.71 -2.59 8.01
C MET A 93 5.83 -3.55 7.59
N ASP A 94 6.82 -3.82 8.43
CA ASP A 94 7.83 -4.86 8.17
C ASP A 94 7.25 -6.25 7.96
N LYS A 95 6.43 -6.74 8.91
CA LYS A 95 5.84 -8.07 8.82
C LYS A 95 4.69 -8.12 7.80
N GLU A 96 3.93 -7.05 7.61
CA GLU A 96 2.97 -6.93 6.51
C GLU A 96 3.64 -7.00 5.13
N TYR A 97 4.80 -6.37 4.97
CA TYR A 97 5.57 -6.39 3.73
C TYR A 97 6.14 -7.78 3.42
N LEU A 98 6.71 -8.45 4.43
CA LEU A 98 7.11 -9.86 4.35
C LEU A 98 5.93 -10.77 3.96
N SER A 99 4.75 -10.51 4.55
CA SER A 99 3.54 -11.30 4.32
C SER A 99 2.96 -11.11 2.91
N LEU A 100 3.02 -9.88 2.35
CA LEU A 100 2.63 -9.61 0.98
C LEU A 100 3.51 -10.41 0.02
N MET A 101 4.83 -10.30 0.16
CA MET A 101 5.78 -10.99 -0.70
C MET A 101 5.62 -12.52 -0.60
N ALA A 102 5.50 -13.06 0.62
CA ALA A 102 5.28 -14.50 0.84
C ALA A 102 3.98 -15.01 0.20
N GLU A 103 2.90 -14.25 0.27
CA GLU A 103 1.61 -14.60 -0.37
C GLU A 103 1.63 -14.55 -1.90
N LEU A 104 2.48 -13.69 -2.49
CA LEU A 104 2.74 -13.64 -3.94
C LEU A 104 3.73 -14.71 -4.42
N GLY A 105 4.43 -15.41 -3.51
CA GLY A 105 5.55 -16.30 -3.81
C GLY A 105 6.85 -15.56 -4.18
N GLU A 106 6.95 -14.28 -3.81
CA GLU A 106 8.06 -13.36 -4.07
C GLU A 106 9.02 -13.21 -2.88
N ALA A 107 10.17 -12.57 -3.13
CA ALA A 107 11.12 -12.12 -2.12
C ALA A 107 11.80 -10.80 -2.56
N PRO A 108 12.16 -9.89 -1.64
CA PRO A 108 12.79 -8.62 -1.97
C PRO A 108 14.20 -8.80 -2.57
N VAL A 109 14.62 -7.88 -3.44
CA VAL A 109 15.98 -7.84 -4.02
C VAL A 109 17.06 -7.61 -2.94
N PRO A 110 18.27 -8.17 -3.10
CA PRO A 110 19.39 -7.98 -2.16
C PRO A 110 19.95 -6.54 -2.22
N ALA A 111 20.64 -6.14 -1.14
CA ALA A 111 21.29 -4.83 -0.96
C ALA A 111 22.56 -4.93 -0.09
N GLY A 1 -1.26 -11.35 -18.91
CA GLY A 1 -0.25 -11.32 -17.83
C GLY A 1 -0.89 -11.33 -16.45
N GLU A 2 -0.27 -12.02 -15.48
CA GLU A 2 -0.82 -12.23 -14.12
C GLU A 2 -0.61 -11.07 -13.14
N VAL A 3 -0.17 -9.90 -13.61
CA VAL A 3 0.08 -8.68 -12.81
C VAL A 3 -1.15 -8.20 -12.05
N ARG A 4 -2.37 -8.43 -12.58
CA ARG A 4 -3.63 -8.05 -11.93
C ARG A 4 -3.78 -8.63 -10.50
N ASN A 5 -3.29 -9.85 -10.27
CA ASN A 5 -3.29 -10.48 -8.93
C ASN A 5 -2.35 -9.75 -7.96
N ILE A 6 -1.16 -9.38 -8.45
CA ILE A 6 -0.16 -8.61 -7.68
C ILE A 6 -0.71 -7.22 -7.33
N VAL A 7 -1.36 -6.56 -8.29
CA VAL A 7 -2.00 -5.26 -8.11
C VAL A 7 -3.09 -5.33 -7.03
N ASP A 8 -4.04 -6.27 -7.15
CA ASP A 8 -5.12 -6.45 -6.17
C ASP A 8 -4.64 -6.69 -4.72
N LYS A 9 -3.70 -7.63 -4.56
CA LYS A 9 -3.12 -7.93 -3.24
C LYS A 9 -2.31 -6.75 -2.69
N THR A 10 -1.44 -6.13 -3.50
CA THR A 10 -0.68 -4.94 -3.08
C THR A 10 -1.60 -3.78 -2.71
N ALA A 11 -2.66 -3.54 -3.48
CA ALA A 11 -3.67 -2.52 -3.17
C ALA A 11 -4.37 -2.78 -1.83
N SER A 12 -4.65 -4.05 -1.51
CA SER A 12 -5.27 -4.44 -0.24
C SER A 12 -4.34 -4.15 0.95
N PHE A 13 -3.06 -4.56 0.81
CA PHE A 13 -2.01 -4.28 1.80
C PHE A 13 -1.62 -2.81 2.00
N VAL A 14 -1.62 -2.01 0.92
CA VAL A 14 -1.37 -0.56 0.96
C VAL A 14 -2.58 0.16 1.58
N ALA A 15 -3.81 -0.17 1.20
CA ALA A 15 -5.02 0.40 1.81
C ALA A 15 -5.10 0.13 3.33
N ARG A 16 -4.62 -1.05 3.75
CA ARG A 16 -4.49 -1.47 5.16
C ARG A 16 -3.38 -0.73 5.93
N ASN A 17 -2.20 -0.55 5.34
CA ASN A 17 -0.99 -0.05 6.02
C ASN A 17 -0.57 1.41 5.71
N GLY A 18 -1.24 2.08 4.76
CA GLY A 18 -1.10 3.51 4.47
C GLY A 18 -0.10 3.88 3.34
N PRO A 19 0.04 5.18 3.00
CA PRO A 19 0.81 5.65 1.85
C PRO A 19 2.33 5.39 1.95
N GLU A 20 2.86 5.25 3.16
CA GLU A 20 4.28 4.87 3.36
C GLU A 20 4.55 3.43 2.89
N PHE A 21 3.54 2.54 2.93
CA PHE A 21 3.65 1.15 2.50
C PHE A 21 3.76 1.14 0.95
N GLU A 22 3.03 2.03 0.25
CA GLU A 22 3.16 2.24 -1.19
C GLU A 22 4.56 2.72 -1.57
N ALA A 23 5.06 3.76 -0.89
CA ALA A 23 6.40 4.31 -1.11
C ALA A 23 7.51 3.27 -0.84
N ARG A 24 7.35 2.45 0.21
CA ARG A 24 8.26 1.33 0.55
C ARG A 24 8.41 0.35 -0.61
N ILE A 25 7.30 -0.19 -1.12
CA ILE A 25 7.33 -1.16 -2.23
C ILE A 25 7.84 -0.48 -3.51
N ARG A 26 7.38 0.74 -3.81
CA ARG A 26 7.82 1.53 -4.98
C ARG A 26 9.33 1.77 -5.00
N GLN A 27 9.96 2.02 -3.85
CA GLN A 27 11.41 2.22 -3.75
C GLN A 27 12.19 0.89 -3.76
N ASN A 28 11.71 -0.13 -3.04
CA ASN A 28 12.38 -1.43 -2.94
C ASN A 28 12.37 -2.23 -4.24
N GLU A 29 11.26 -2.16 -4.99
CA GLU A 29 11.01 -2.89 -6.24
C GLU A 29 11.02 -1.95 -7.47
N ILE A 30 11.75 -0.83 -7.40
CA ILE A 30 11.69 0.26 -8.39
C ILE A 30 12.11 -0.16 -9.82
N ASN A 31 13.03 -1.14 -9.94
CA ASN A 31 13.48 -1.71 -11.20
C ASN A 31 12.66 -2.96 -11.64
N ASN A 32 11.77 -3.46 -10.78
CA ASN A 32 11.00 -4.70 -11.03
C ASN A 32 9.83 -4.43 -12.01
N PRO A 33 9.73 -5.15 -13.14
CA PRO A 33 8.64 -4.95 -14.10
C PRO A 33 7.25 -5.25 -13.54
N LYS A 34 7.14 -6.16 -12.56
CA LYS A 34 5.86 -6.53 -11.92
C LYS A 34 5.26 -5.39 -11.08
N PHE A 35 6.11 -4.60 -10.41
CA PHE A 35 5.71 -3.55 -9.46
C PHE A 35 5.53 -2.13 -10.01
N ASN A 36 5.75 -1.94 -11.32
CA ASN A 36 5.67 -0.64 -12.00
C ASN A 36 4.29 0.05 -11.95
N PHE A 37 3.22 -0.66 -11.59
CA PHE A 37 1.88 -0.08 -11.39
C PHE A 37 1.80 0.98 -10.28
N LEU A 38 2.78 1.02 -9.36
CA LEU A 38 2.89 2.07 -8.34
C LEU A 38 3.37 3.41 -8.93
N ASN A 39 3.88 3.41 -10.17
CA ASN A 39 4.20 4.63 -10.93
C ASN A 39 2.97 5.07 -11.75
N PRO A 40 2.69 6.39 -11.88
CA PRO A 40 1.49 6.91 -12.55
C PRO A 40 1.46 6.68 -14.07
N ASN A 41 2.59 6.26 -14.67
CA ASN A 41 2.75 6.03 -16.11
C ASN A 41 2.04 4.75 -16.63
N ASP A 42 1.72 3.80 -15.75
CA ASP A 42 1.21 2.47 -16.14
C ASP A 42 -0.31 2.33 -16.43
N PRO A 43 -0.72 1.46 -17.37
CA PRO A 43 -2.14 1.13 -17.56
C PRO A 43 -2.78 0.54 -16.30
N TYR A 44 -2.02 -0.28 -15.56
CA TYR A 44 -2.43 -0.82 -14.27
C TYR A 44 -2.66 0.18 -13.14
N HIS A 45 -2.10 1.40 -13.24
CA HIS A 45 -2.20 2.40 -12.17
C HIS A 45 -3.65 2.83 -11.90
N ALA A 46 -4.48 2.97 -12.95
CA ALA A 46 -5.89 3.31 -12.81
C ALA A 46 -6.68 2.24 -12.02
N TYR A 47 -6.44 0.95 -12.32
CA TYR A 47 -7.00 -0.17 -11.55
C TYR A 47 -6.47 -0.24 -10.12
N TYR A 48 -5.14 -0.09 -9.96
CA TYR A 48 -4.47 -0.01 -8.67
C TYR A 48 -5.05 1.03 -7.70
N ARG A 49 -5.13 2.28 -8.15
CA ARG A 49 -5.70 3.41 -7.40
C ARG A 49 -7.17 3.19 -7.03
N HIS A 50 -7.95 2.59 -7.94
CA HIS A 50 -9.35 2.21 -7.68
C HIS A 50 -9.46 1.09 -6.65
N LYS A 51 -8.60 0.06 -6.73
CA LYS A 51 -8.57 -1.03 -5.76
C LYS A 51 -8.14 -0.58 -4.36
N VAL A 52 -7.19 0.34 -4.25
CA VAL A 52 -6.80 0.93 -2.95
C VAL A 52 -7.99 1.65 -2.34
N SER A 53 -8.69 2.46 -3.14
CA SER A 53 -9.91 3.18 -2.73
C SER A 53 -11.03 2.22 -2.31
N GLU A 54 -11.20 1.11 -3.01
CA GLU A 54 -12.14 0.04 -2.63
C GLU A 54 -11.76 -0.64 -1.31
N PHE A 55 -10.48 -0.97 -1.12
CA PHE A 55 -9.98 -1.53 0.12
C PHE A 55 -10.01 -0.60 1.34
N LYS A 56 -9.94 0.72 1.10
CA LYS A 56 -10.11 1.79 2.10
C LYS A 56 -11.57 2.05 2.48
N GLU A 57 -12.43 2.33 1.50
CA GLU A 57 -13.80 2.82 1.69
C GLU A 57 -14.88 1.72 1.67
N GLY A 58 -14.53 0.51 1.21
CA GLY A 58 -15.44 -0.63 1.00
C GLY A 58 -15.68 -0.93 -0.50
N LYS A 59 -15.91 -2.21 -0.80
CA LYS A 59 -16.18 -2.73 -2.15
C LYS A 59 -17.44 -2.11 -2.78
N ALA A 60 -17.37 -1.78 -4.07
CA ALA A 60 -18.48 -1.23 -4.86
C ALA A 60 -19.63 -2.23 -5.10
N GLN A 61 -20.75 -1.75 -5.63
CA GLN A 61 -21.97 -2.54 -5.88
C GLN A 61 -21.87 -3.57 -7.03
N GLU A 62 -20.72 -3.65 -7.73
CA GLU A 62 -20.47 -4.63 -8.79
C GLU A 62 -20.56 -6.09 -8.27
N PRO A 63 -21.37 -6.98 -8.87
CA PRO A 63 -21.64 -8.32 -8.32
C PRO A 63 -20.42 -9.27 -8.35
N SER A 64 -20.48 -10.30 -7.51
CA SER A 64 -19.46 -11.36 -7.36
C SER A 64 -20.11 -12.66 -6.85
N SER A 65 -19.35 -13.77 -6.85
CA SER A 65 -19.81 -15.11 -6.44
C SER A 65 -18.67 -15.95 -5.85
N GLY A 66 -19.02 -16.96 -5.04
CA GLY A 66 -18.08 -17.83 -4.31
C GLY A 66 -17.54 -17.21 -3.00
N SER A 67 -16.75 -18.00 -2.27
CA SER A 67 -16.14 -17.63 -0.98
C SER A 67 -14.88 -18.47 -0.71
N SER A 68 -13.99 -18.00 0.18
CA SER A 68 -12.74 -18.67 0.57
C SER A 68 -12.29 -18.26 1.99
N GLY A 69 -11.55 -19.15 2.66
CA GLY A 69 -10.95 -18.95 3.99
C GLY A 69 -9.59 -18.24 3.94
N SER A 70 -8.62 -18.74 4.72
CA SER A 70 -7.22 -18.27 4.76
C SER A 70 -7.05 -16.78 5.08
N SER A 71 -7.83 -16.27 6.03
CA SER A 71 -7.83 -14.86 6.48
C SER A 71 -8.13 -14.74 7.98
N GLY A 72 -7.52 -13.73 8.62
CA GLY A 72 -7.59 -13.47 10.07
C GLY A 72 -6.60 -14.35 10.86
N SER A 73 -5.63 -13.70 11.53
CA SER A 73 -4.61 -14.34 12.38
C SER A 73 -3.98 -13.32 13.34
N SER A 74 -3.42 -13.79 14.46
CA SER A 74 -2.76 -12.96 15.49
C SER A 74 -1.45 -12.32 15.00
N GLY A 75 -1.15 -11.10 15.47
CA GLY A 75 0.11 -10.41 15.19
C GLY A 75 1.33 -11.01 15.91
N SER A 76 2.51 -10.92 15.28
CA SER A 76 3.77 -11.44 15.83
C SER A 76 4.30 -10.63 17.04
N SER A 77 4.91 -11.33 18.00
CA SER A 77 5.65 -10.73 19.11
C SER A 77 6.95 -10.04 18.65
N GLY A 78 7.45 -9.08 19.45
CA GLY A 78 8.70 -8.36 19.17
C GLY A 78 9.17 -7.45 20.32
N GLN A 79 10.38 -6.92 20.18
CA GLN A 79 11.00 -5.98 21.13
C GLN A 79 10.29 -4.62 21.19
N ARG A 80 10.53 -3.86 22.26
CA ARG A 80 10.15 -2.45 22.43
C ARG A 80 11.32 -1.62 22.98
N PRO A 81 11.40 -0.30 22.70
CA PRO A 81 12.50 0.56 23.17
C PRO A 81 12.48 0.78 24.70
N GLY A 82 13.57 1.26 25.28
CA GLY A 82 13.67 1.55 26.73
C GLY A 82 12.70 2.64 27.21
N ASP A 83 12.37 3.60 26.35
CA ASP A 83 11.33 4.61 26.57
C ASP A 83 9.87 4.08 26.67
N PRO A 84 8.95 4.78 27.36
CA PRO A 84 7.54 4.36 27.47
C PRO A 84 6.76 4.51 26.16
N GLN A 85 7.20 5.38 25.25
CA GLN A 85 6.65 5.51 23.89
C GLN A 85 7.17 4.39 22.97
N SER A 86 6.27 3.76 22.22
CA SER A 86 6.57 2.62 21.32
C SER A 86 7.30 3.02 20.03
N ALA A 87 7.94 2.05 19.39
CA ALA A 87 8.60 2.15 18.08
C ALA A 87 8.31 0.93 17.15
N GLN A 88 7.29 0.14 17.50
CA GLN A 88 6.94 -1.12 16.80
C GLN A 88 6.09 -0.92 15.54
N ASP A 89 5.75 0.31 15.16
CA ASP A 89 5.11 0.63 13.87
C ASP A 89 5.92 0.21 12.63
N LYS A 90 7.26 0.29 12.70
CA LYS A 90 8.15 -0.29 11.69
C LYS A 90 8.05 -1.82 11.65
N ALA A 91 8.11 -2.49 12.81
CA ALA A 91 7.99 -3.94 12.90
C ALA A 91 6.63 -4.46 12.38
N ARG A 92 5.56 -3.67 12.58
CA ARG A 92 4.22 -3.94 12.03
C ARG A 92 4.22 -3.92 10.50
N MET A 93 4.75 -2.86 9.86
CA MET A 93 4.84 -2.83 8.39
C MET A 93 5.89 -3.81 7.83
N ASP A 94 6.96 -4.12 8.58
CA ASP A 94 7.93 -5.15 8.19
C ASP A 94 7.30 -6.52 7.97
N LYS A 95 6.51 -7.00 8.94
CA LYS A 95 5.84 -8.31 8.85
C LYS A 95 4.68 -8.28 7.84
N GLU A 96 3.95 -7.17 7.72
CA GLU A 96 2.94 -6.99 6.65
C GLU A 96 3.57 -7.05 5.25
N TYR A 97 4.74 -6.46 5.07
CA TYR A 97 5.51 -6.48 3.82
C TYR A 97 6.04 -7.87 3.48
N LEU A 98 6.62 -8.56 4.47
CA LEU A 98 7.01 -9.97 4.37
C LEU A 98 5.82 -10.86 4.02
N SER A 99 4.64 -10.60 4.61
CA SER A 99 3.41 -11.34 4.33
C SER A 99 2.89 -11.12 2.91
N LEU A 100 2.92 -9.89 2.40
CA LEU A 100 2.56 -9.59 1.02
C LEU A 100 3.48 -10.34 0.04
N MET A 101 4.80 -10.21 0.22
CA MET A 101 5.78 -10.86 -0.65
C MET A 101 5.67 -12.39 -0.60
N ALA A 102 5.53 -12.99 0.59
CA ALA A 102 5.34 -14.44 0.75
C ALA A 102 4.06 -14.96 0.07
N GLU A 103 2.95 -14.21 0.15
CA GLU A 103 1.69 -14.56 -0.53
C GLU A 103 1.76 -14.44 -2.07
N LEU A 104 2.61 -13.57 -2.59
CA LEU A 104 2.92 -13.46 -4.03
C LEU A 104 3.98 -14.49 -4.50
N GLY A 105 4.65 -15.19 -3.57
CA GLY A 105 5.76 -16.10 -3.84
C GLY A 105 7.10 -15.39 -4.09
N GLU A 106 7.20 -14.12 -3.73
CA GLU A 106 8.37 -13.25 -3.88
C GLU A 106 9.27 -13.23 -2.63
N ALA A 107 10.59 -13.02 -2.84
CA ALA A 107 11.54 -12.74 -1.78
C ALA A 107 11.53 -11.24 -1.37
N PRO A 108 11.80 -10.89 -0.10
CA PRO A 108 11.99 -9.50 0.32
C PRO A 108 13.28 -8.88 -0.23
N VAL A 109 13.40 -7.54 -0.15
CA VAL A 109 14.57 -6.78 -0.59
C VAL A 109 15.86 -7.13 0.18
N PRO A 110 17.02 -7.30 -0.50
CA PRO A 110 18.30 -7.53 0.18
C PRO A 110 18.79 -6.28 0.95
N ALA A 111 19.61 -6.50 1.98
CA ALA A 111 20.21 -5.47 2.84
C ALA A 111 21.59 -5.89 3.39
N GLY A 1 1.76 -15.90 -11.49
CA GLY A 1 0.79 -14.93 -10.96
C GLY A 1 0.66 -13.72 -11.87
N GLU A 2 -0.57 -13.37 -12.27
CA GLU A 2 -0.86 -12.22 -13.13
C GLU A 2 -0.61 -10.87 -12.42
N VAL A 3 -0.18 -9.83 -13.15
CA VAL A 3 -0.01 -8.48 -12.58
C VAL A 3 -1.32 -7.96 -11.96
N ARG A 4 -2.47 -8.28 -12.55
CA ARG A 4 -3.81 -8.00 -11.98
C ARG A 4 -3.98 -8.54 -10.53
N ASN A 5 -3.48 -9.75 -10.26
CA ASN A 5 -3.52 -10.37 -8.94
C ASN A 5 -2.51 -9.73 -7.97
N ILE A 6 -1.30 -9.41 -8.45
CA ILE A 6 -0.29 -8.68 -7.68
C ILE A 6 -0.81 -7.29 -7.27
N VAL A 7 -1.44 -6.58 -8.20
CA VAL A 7 -2.07 -5.26 -8.00
C VAL A 7 -3.17 -5.38 -6.92
N ASP A 8 -4.10 -6.34 -7.04
CA ASP A 8 -5.17 -6.54 -6.06
C ASP A 8 -4.69 -6.77 -4.61
N LYS A 9 -3.74 -7.69 -4.44
CA LYS A 9 -3.15 -7.99 -3.13
C LYS A 9 -2.33 -6.81 -2.59
N THR A 10 -1.49 -6.18 -3.42
CA THR A 10 -0.73 -4.98 -3.03
C THR A 10 -1.64 -3.82 -2.63
N ALA A 11 -2.71 -3.56 -3.39
CA ALA A 11 -3.70 -2.55 -3.08
C ALA A 11 -4.40 -2.80 -1.73
N SER A 12 -4.70 -4.05 -1.41
CA SER A 12 -5.30 -4.45 -0.13
C SER A 12 -4.37 -4.14 1.05
N PHE A 13 -3.09 -4.51 0.91
CA PHE A 13 -2.05 -4.23 1.88
C PHE A 13 -1.69 -2.75 2.09
N VAL A 14 -1.62 -1.98 0.99
CA VAL A 14 -1.38 -0.52 0.98
C VAL A 14 -2.57 0.23 1.58
N ALA A 15 -3.82 -0.11 1.20
CA ALA A 15 -5.02 0.53 1.75
C ALA A 15 -5.11 0.36 3.28
N ARG A 16 -4.65 -0.78 3.80
CA ARG A 16 -4.59 -1.11 5.22
C ARG A 16 -3.46 -0.38 5.97
N ASN A 17 -2.25 -0.35 5.39
CA ASN A 17 -1.03 0.19 6.02
C ASN A 17 -0.67 1.66 5.69
N GLY A 18 -1.35 2.29 4.73
CA GLY A 18 -1.18 3.70 4.35
C GLY A 18 -0.17 3.95 3.21
N PRO A 19 -0.03 5.21 2.75
CA PRO A 19 0.77 5.58 1.58
C PRO A 19 2.29 5.40 1.77
N GLU A 20 2.78 5.29 3.00
CA GLU A 20 4.17 4.90 3.28
C GLU A 20 4.45 3.45 2.84
N PHE A 21 3.44 2.57 2.88
CA PHE A 21 3.57 1.17 2.47
C PHE A 21 3.69 1.11 0.93
N GLU A 22 2.99 1.99 0.20
CA GLU A 22 3.19 2.18 -1.24
C GLU A 22 4.62 2.63 -1.53
N ALA A 23 5.08 3.70 -0.87
CA ALA A 23 6.42 4.27 -1.07
C ALA A 23 7.53 3.24 -0.78
N ARG A 24 7.35 2.39 0.25
CA ARG A 24 8.24 1.28 0.60
C ARG A 24 8.44 0.31 -0.56
N ILE A 25 7.37 -0.22 -1.14
CA ILE A 25 7.43 -1.16 -2.27
C ILE A 25 7.92 -0.43 -3.54
N ARG A 26 7.44 0.79 -3.79
CA ARG A 26 7.84 1.62 -4.95
C ARG A 26 9.34 1.94 -4.97
N GLN A 27 9.98 2.12 -3.81
CA GLN A 27 11.43 2.28 -3.72
C GLN A 27 12.20 0.94 -3.78
N ASN A 28 11.74 -0.09 -3.07
CA ASN A 28 12.42 -1.39 -2.99
C ASN A 28 12.39 -2.19 -4.30
N GLU A 29 11.29 -2.09 -5.05
CA GLU A 29 11.02 -2.80 -6.31
C GLU A 29 10.95 -1.83 -7.51
N ILE A 30 11.67 -0.71 -7.45
CA ILE A 30 11.56 0.42 -8.39
C ILE A 30 11.86 0.05 -9.85
N ASN A 31 12.77 -0.91 -10.08
CA ASN A 31 13.13 -1.42 -11.41
C ASN A 31 12.37 -2.71 -11.82
N ASN A 32 11.56 -3.28 -10.92
CA ASN A 32 10.86 -4.55 -11.14
C ASN A 32 9.67 -4.35 -12.11
N PRO A 33 9.59 -5.10 -13.24
CA PRO A 33 8.52 -4.94 -14.22
C PRO A 33 7.12 -5.26 -13.67
N LYS A 34 7.01 -6.14 -12.67
CA LYS A 34 5.73 -6.50 -12.05
C LYS A 34 5.16 -5.38 -11.18
N PHE A 35 6.02 -4.63 -10.49
CA PHE A 35 5.65 -3.57 -9.53
C PHE A 35 5.49 -2.15 -10.06
N ASN A 36 5.72 -1.95 -11.37
CA ASN A 36 5.65 -0.64 -12.03
C ASN A 36 4.27 0.06 -11.95
N PHE A 37 3.19 -0.65 -11.61
CA PHE A 37 1.86 -0.07 -11.40
C PHE A 37 1.79 0.96 -10.26
N LEU A 38 2.75 0.96 -9.34
CA LEU A 38 2.86 1.97 -8.28
C LEU A 38 3.30 3.34 -8.84
N ASN A 39 3.92 3.37 -10.02
CA ASN A 39 4.24 4.60 -10.76
C ASN A 39 3.03 5.05 -11.63
N PRO A 40 2.78 6.36 -11.79
CA PRO A 40 1.58 6.89 -12.45
C PRO A 40 1.50 6.65 -13.98
N ASN A 41 2.59 6.22 -14.61
CA ASN A 41 2.67 6.04 -16.07
C ASN A 41 1.99 4.75 -16.60
N ASP A 42 1.70 3.76 -15.73
CA ASP A 42 1.19 2.44 -16.14
C ASP A 42 -0.33 2.33 -16.40
N PRO A 43 -0.78 1.45 -17.34
CA PRO A 43 -2.21 1.12 -17.50
C PRO A 43 -2.79 0.52 -16.22
N TYR A 44 -2.01 -0.32 -15.53
CA TYR A 44 -2.36 -0.87 -14.23
C TYR A 44 -2.54 0.11 -13.07
N HIS A 45 -1.99 1.33 -13.18
CA HIS A 45 -2.10 2.35 -12.13
C HIS A 45 -3.56 2.77 -11.88
N ALA A 46 -4.37 2.92 -12.93
CA ALA A 46 -5.79 3.25 -12.82
C ALA A 46 -6.58 2.19 -12.04
N TYR A 47 -6.34 0.91 -12.34
CA TYR A 47 -6.90 -0.21 -11.58
C TYR A 47 -6.39 -0.29 -10.13
N TYR A 48 -5.08 -0.15 -9.96
CA TYR A 48 -4.42 -0.06 -8.65
C TYR A 48 -4.98 0.98 -7.69
N ARG A 49 -5.05 2.24 -8.15
CA ARG A 49 -5.62 3.38 -7.40
C ARG A 49 -7.08 3.16 -7.04
N HIS A 50 -7.86 2.58 -7.96
CA HIS A 50 -9.27 2.22 -7.72
C HIS A 50 -9.39 1.10 -6.67
N LYS A 51 -8.57 0.07 -6.75
CA LYS A 51 -8.54 -1.03 -5.77
C LYS A 51 -8.13 -0.56 -4.37
N VAL A 52 -7.18 0.37 -4.26
CA VAL A 52 -6.77 0.96 -2.96
C VAL A 52 -7.96 1.69 -2.34
N SER A 53 -8.65 2.51 -3.14
CA SER A 53 -9.86 3.22 -2.71
C SER A 53 -10.98 2.26 -2.27
N GLU A 54 -11.16 1.17 -3.02
CA GLU A 54 -12.11 0.12 -2.65
C GLU A 54 -11.77 -0.56 -1.33
N PHE A 55 -10.49 -0.91 -1.12
CA PHE A 55 -9.99 -1.47 0.13
C PHE A 55 -10.00 -0.52 1.34
N LYS A 56 -9.88 0.78 1.08
CA LYS A 56 -10.01 1.86 2.08
C LYS A 56 -11.45 2.07 2.55
N GLU A 57 -12.40 2.12 1.62
CA GLU A 57 -13.82 2.33 1.92
C GLU A 57 -14.55 1.06 2.40
N GLY A 58 -14.10 -0.13 1.98
CA GLY A 58 -14.74 -1.41 2.32
C GLY A 58 -16.13 -1.54 1.69
N LYS A 59 -17.17 -1.66 2.55
CA LYS A 59 -18.58 -1.67 2.15
C LYS A 59 -18.95 -0.36 1.44
N ALA A 60 -19.44 -0.44 0.20
CA ALA A 60 -19.83 0.73 -0.61
C ALA A 60 -21.03 1.50 0.00
N GLN A 61 -21.99 0.75 0.56
CA GLN A 61 -23.13 1.17 1.38
C GLN A 61 -24.17 2.10 0.71
N GLU A 62 -25.45 1.71 0.79
CA GLU A 62 -26.59 2.55 0.40
C GLU A 62 -26.88 3.68 1.42
N PRO A 63 -27.32 4.88 0.98
CA PRO A 63 -27.59 6.02 1.87
C PRO A 63 -28.79 5.78 2.81
N SER A 64 -28.83 6.54 3.91
CA SER A 64 -29.84 6.46 4.98
C SER A 64 -30.17 7.83 5.60
N SER A 65 -31.29 7.90 6.32
CA SER A 65 -31.79 9.13 6.96
C SER A 65 -30.95 9.56 8.18
N GLY A 66 -31.10 10.83 8.59
CA GLY A 66 -30.39 11.45 9.73
C GLY A 66 -29.06 12.13 9.37
N SER A 67 -28.50 12.87 10.32
CA SER A 67 -27.24 13.63 10.17
C SER A 67 -26.01 12.70 10.14
N SER A 68 -24.92 13.16 9.51
CA SER A 68 -23.66 12.42 9.37
C SER A 68 -22.92 12.22 10.71
N GLY A 69 -22.33 11.04 10.90
CA GLY A 69 -21.44 10.72 12.02
C GLY A 69 -20.06 11.40 11.96
N SER A 70 -19.72 12.08 10.85
CA SER A 70 -18.46 12.83 10.68
C SER A 70 -18.35 14.11 11.53
N SER A 71 -19.46 14.62 12.05
CA SER A 71 -19.50 15.83 12.90
C SER A 71 -18.84 15.59 14.28
N GLY A 72 -18.06 16.57 14.75
CA GLY A 72 -17.35 16.53 16.03
C GLY A 72 -16.41 17.71 16.27
N SER A 73 -15.87 17.81 17.49
CA SER A 73 -14.88 18.83 17.89
C SER A 73 -13.46 18.55 17.37
N SER A 74 -12.59 19.56 17.38
CA SER A 74 -11.19 19.51 16.95
C SER A 74 -10.30 20.53 17.66
N GLY A 75 -8.98 20.34 17.62
CA GLY A 75 -7.99 21.23 18.22
C GLY A 75 -6.54 20.73 18.07
N SER A 76 -5.57 21.58 18.42
CA SER A 76 -4.13 21.27 18.35
C SER A 76 -3.70 20.19 19.36
N SER A 77 -2.69 19.38 18.99
CA SER A 77 -2.12 18.33 19.84
C SER A 77 -1.27 18.84 21.02
N GLY A 78 -0.69 20.05 20.90
CA GLY A 78 0.07 20.71 21.95
C GLY A 78 0.64 22.07 21.51
N GLN A 79 0.89 22.96 22.48
CA GLN A 79 1.42 24.32 22.24
C GLN A 79 2.94 24.35 22.02
N ARG A 80 3.70 23.48 22.70
CA ARG A 80 5.17 23.37 22.60
C ARG A 80 5.64 22.80 21.24
N PRO A 81 6.87 23.11 20.78
CA PRO A 81 7.48 22.50 19.59
C PRO A 81 7.63 20.97 19.68
N GLY A 82 7.78 20.31 18.53
CA GLY A 82 7.97 18.86 18.43
C GLY A 82 8.28 18.37 17.01
N ASP A 83 8.42 17.05 16.85
CA ASP A 83 8.73 16.36 15.59
C ASP A 83 8.02 14.98 15.41
N PRO A 84 7.91 14.44 14.18
CA PRO A 84 7.24 13.16 13.93
C PRO A 84 7.86 11.97 14.68
N GLN A 85 7.01 11.10 15.24
CA GLN A 85 7.41 9.93 16.02
C GLN A 85 7.96 8.79 15.14
N SER A 86 8.90 8.01 15.69
CA SER A 86 9.42 6.75 15.13
C SER A 86 9.61 5.73 16.27
N ALA A 87 9.10 4.50 16.08
CA ALA A 87 9.00 3.49 17.13
C ALA A 87 8.92 2.05 16.57
N GLN A 88 8.78 1.07 17.48
CA GLN A 88 8.59 -0.37 17.18
C GLN A 88 7.37 -0.66 16.28
N ASP A 89 6.44 0.28 16.12
CA ASP A 89 5.31 0.16 15.20
C ASP A 89 5.66 -0.10 13.72
N LYS A 90 6.89 0.22 13.29
CA LYS A 90 7.44 -0.19 11.98
C LYS A 90 7.45 -1.73 11.81
N ALA A 91 7.62 -2.49 12.90
CA ALA A 91 7.56 -3.95 12.87
C ALA A 91 6.23 -4.50 12.31
N ARG A 92 5.13 -3.74 12.43
CA ARG A 92 3.83 -4.07 11.83
C ARG A 92 3.89 -4.02 10.31
N MET A 93 4.40 -2.92 9.72
CA MET A 93 4.60 -2.84 8.27
C MET A 93 5.73 -3.75 7.77
N ASP A 94 6.75 -4.02 8.57
CA ASP A 94 7.81 -4.98 8.24
C ASP A 94 7.25 -6.39 7.97
N LYS A 95 6.44 -6.91 8.90
CA LYS A 95 5.82 -8.24 8.76
C LYS A 95 4.69 -8.26 7.74
N GLU A 96 3.91 -7.18 7.59
CA GLU A 96 2.96 -7.05 6.49
C GLU A 96 3.64 -7.09 5.11
N TYR A 97 4.80 -6.43 4.98
CA TYR A 97 5.58 -6.44 3.75
C TYR A 97 6.16 -7.82 3.42
N LEU A 98 6.73 -8.49 4.42
CA LEU A 98 7.16 -9.90 4.32
C LEU A 98 5.98 -10.81 3.94
N SER A 99 4.81 -10.59 4.52
CA SER A 99 3.59 -11.38 4.27
C SER A 99 3.04 -11.18 2.86
N LEU A 100 3.07 -9.95 2.33
CA LEU A 100 2.68 -9.64 0.96
C LEU A 100 3.60 -10.39 -0.02
N MET A 101 4.91 -10.24 0.15
CA MET A 101 5.89 -10.87 -0.73
C MET A 101 5.82 -12.41 -0.67
N ALA A 102 5.66 -12.99 0.52
CA ALA A 102 5.49 -14.43 0.71
C ALA A 102 4.20 -14.98 0.05
N GLU A 103 3.09 -14.24 0.13
CA GLU A 103 1.82 -14.61 -0.52
C GLU A 103 1.86 -14.51 -2.05
N LEU A 104 2.65 -13.58 -2.60
CA LEU A 104 2.91 -13.47 -4.04
C LEU A 104 3.98 -14.48 -4.55
N GLY A 105 4.75 -15.10 -3.64
CA GLY A 105 5.90 -15.94 -3.96
C GLY A 105 7.15 -15.16 -4.41
N GLU A 106 7.24 -13.88 -4.05
CA GLU A 106 8.29 -12.93 -4.44
C GLU A 106 9.45 -12.83 -3.42
N ALA A 107 10.64 -12.47 -3.94
CA ALA A 107 11.90 -12.29 -3.22
C ALA A 107 12.47 -13.53 -2.48
N PRO A 108 13.78 -13.55 -2.15
CA PRO A 108 14.37 -14.59 -1.30
C PRO A 108 13.78 -14.62 0.12
N VAL A 109 13.78 -15.80 0.75
CA VAL A 109 13.26 -16.06 2.10
C VAL A 109 14.23 -16.97 2.87
N PRO A 110 14.30 -16.88 4.22
CA PRO A 110 15.15 -17.73 5.05
C PRO A 110 14.65 -19.20 5.08
N ALA A 111 15.58 -20.12 5.38
CA ALA A 111 15.31 -21.56 5.54
C ALA A 111 14.45 -21.88 6.78
N GLY A 1 0.91 -16.81 -12.24
CA GLY A 1 0.66 -15.48 -11.65
C GLY A 1 0.40 -14.42 -12.71
N GLU A 2 -0.26 -13.32 -12.34
CA GLU A 2 -0.61 -12.20 -13.22
C GLU A 2 -0.46 -10.84 -12.51
N VAL A 3 -0.12 -9.78 -13.26
CA VAL A 3 0.02 -8.42 -12.69
C VAL A 3 -1.27 -7.95 -12.04
N ARG A 4 -2.45 -8.26 -12.61
CA ARG A 4 -3.76 -7.89 -12.02
C ARG A 4 -3.96 -8.49 -10.62
N ASN A 5 -3.46 -9.70 -10.38
CA ASN A 5 -3.49 -10.35 -9.06
C ASN A 5 -2.48 -9.74 -8.08
N ILE A 6 -1.27 -9.39 -8.55
CA ILE A 6 -0.27 -8.67 -7.75
C ILE A 6 -0.80 -7.29 -7.34
N VAL A 7 -1.45 -6.57 -8.27
CA VAL A 7 -2.11 -5.28 -8.04
C VAL A 7 -3.20 -5.43 -6.98
N ASP A 8 -4.11 -6.40 -7.11
CA ASP A 8 -5.16 -6.67 -6.12
C ASP A 8 -4.66 -6.88 -4.68
N LYS A 9 -3.68 -7.77 -4.51
CA LYS A 9 -3.10 -8.05 -3.20
C LYS A 9 -2.30 -6.85 -2.67
N THR A 10 -1.47 -6.21 -3.50
CA THR A 10 -0.72 -5.01 -3.09
C THR A 10 -1.65 -3.87 -2.69
N ALA A 11 -2.74 -3.62 -3.43
CA ALA A 11 -3.74 -2.62 -3.09
C ALA A 11 -4.40 -2.90 -1.73
N SER A 12 -4.68 -4.17 -1.42
CA SER A 12 -5.25 -4.58 -0.12
C SER A 12 -4.30 -4.25 1.04
N PHE A 13 -3.03 -4.62 0.88
CA PHE A 13 -1.97 -4.32 1.82
C PHE A 13 -1.63 -2.82 2.02
N VAL A 14 -1.58 -2.05 0.94
CA VAL A 14 -1.37 -0.59 0.95
C VAL A 14 -2.57 0.12 1.61
N ALA A 15 -3.80 -0.24 1.25
CA ALA A 15 -5.01 0.36 1.82
C ALA A 15 -5.09 0.17 3.35
N ARG A 16 -4.67 -0.99 3.85
CA ARG A 16 -4.60 -1.34 5.28
C ARG A 16 -3.47 -0.63 6.03
N ASN A 17 -2.26 -0.63 5.47
CA ASN A 17 -1.05 -0.11 6.13
C ASN A 17 -0.79 1.40 5.96
N GLY A 18 -1.33 2.03 4.91
CA GLY A 18 -1.17 3.47 4.62
C GLY A 18 -0.28 3.78 3.40
N PRO A 19 -0.22 5.06 2.97
CA PRO A 19 0.43 5.46 1.72
C PRO A 19 1.97 5.31 1.74
N GLU A 20 2.60 5.26 2.92
CA GLU A 20 4.02 4.95 3.06
C GLU A 20 4.35 3.51 2.60
N PHE A 21 3.39 2.59 2.69
CA PHE A 21 3.56 1.18 2.30
C PHE A 21 3.66 1.10 0.76
N GLU A 22 3.00 1.99 0.00
CA GLU A 22 3.21 2.12 -1.44
C GLU A 22 4.66 2.54 -1.74
N ALA A 23 5.12 3.62 -1.10
CA ALA A 23 6.47 4.16 -1.30
C ALA A 23 7.55 3.13 -0.94
N ARG A 24 7.34 2.31 0.10
CA ARG A 24 8.21 1.18 0.50
C ARG A 24 8.42 0.20 -0.66
N ILE A 25 7.35 -0.33 -1.24
CA ILE A 25 7.42 -1.28 -2.36
C ILE A 25 7.97 -0.58 -3.61
N ARG A 26 7.49 0.63 -3.92
CA ARG A 26 7.92 1.43 -5.08
C ARG A 26 9.42 1.74 -5.07
N GLN A 27 10.03 1.94 -3.90
CA GLN A 27 11.48 2.11 -3.76
C GLN A 27 12.25 0.77 -3.79
N ASN A 28 11.78 -0.25 -3.07
CA ASN A 28 12.46 -1.56 -2.97
C ASN A 28 12.44 -2.35 -4.29
N GLU A 29 11.32 -2.29 -5.02
CA GLU A 29 11.05 -3.02 -6.26
C GLU A 29 11.09 -2.09 -7.49
N ILE A 30 11.82 -0.98 -7.42
CA ILE A 30 11.79 0.11 -8.43
C ILE A 30 12.20 -0.34 -9.84
N ASN A 31 13.10 -1.33 -9.94
CA ASN A 31 13.55 -1.92 -11.21
C ASN A 31 12.72 -3.15 -11.64
N ASN A 32 11.82 -3.65 -10.80
CA ASN A 32 11.03 -4.86 -11.03
C ASN A 32 9.88 -4.59 -12.02
N PRO A 33 9.76 -5.31 -13.16
CA PRO A 33 8.70 -5.07 -14.14
C PRO A 33 7.29 -5.37 -13.60
N LYS A 34 7.15 -6.28 -12.63
CA LYS A 34 5.85 -6.63 -12.02
C LYS A 34 5.26 -5.49 -11.18
N PHE A 35 6.11 -4.70 -10.51
CA PHE A 35 5.72 -3.63 -9.59
C PHE A 35 5.56 -2.22 -10.16
N ASN A 36 5.78 -2.06 -11.46
CA ASN A 36 5.72 -0.76 -12.15
C ASN A 36 4.34 -0.06 -12.10
N PHE A 37 3.26 -0.77 -11.76
CA PHE A 37 1.92 -0.18 -11.57
C PHE A 37 1.85 0.84 -10.42
N LEU A 38 2.83 0.83 -9.49
CA LEU A 38 2.94 1.82 -8.43
C LEU A 38 3.37 3.20 -8.95
N ASN A 39 3.97 3.27 -10.13
CA ASN A 39 4.29 4.50 -10.85
C ASN A 39 3.06 5.01 -11.64
N PRO A 40 2.82 6.33 -11.73
CA PRO A 40 1.64 6.90 -12.40
C PRO A 40 1.59 6.70 -13.92
N ASN A 41 2.69 6.27 -14.54
CA ASN A 41 2.84 6.07 -15.98
C ASN A 41 2.09 4.84 -16.54
N ASP A 42 1.73 3.87 -15.68
CA ASP A 42 1.20 2.56 -16.11
C ASP A 42 -0.32 2.46 -16.33
N PRO A 43 -0.81 1.62 -17.28
CA PRO A 43 -2.24 1.33 -17.42
C PRO A 43 -2.84 0.70 -16.16
N TYR A 44 -2.07 -0.16 -15.49
CA TYR A 44 -2.43 -0.74 -14.19
C TYR A 44 -2.59 0.22 -13.02
N HIS A 45 -2.03 1.43 -13.10
CA HIS A 45 -2.09 2.42 -12.01
C HIS A 45 -3.53 2.85 -11.73
N ALA A 46 -4.35 3.06 -12.77
CA ALA A 46 -5.77 3.42 -12.61
C ALA A 46 -6.56 2.35 -11.85
N TYR A 47 -6.36 1.07 -12.19
CA TYR A 47 -6.94 -0.05 -11.46
C TYR A 47 -6.41 -0.18 -10.03
N TYR A 48 -5.10 -0.06 -9.85
CA TYR A 48 -4.42 -0.02 -8.56
C TYR A 48 -4.95 1.02 -7.57
N ARG A 49 -4.99 2.28 -7.99
CA ARG A 49 -5.50 3.42 -7.22
C ARG A 49 -6.97 3.27 -6.86
N HIS A 50 -7.78 2.74 -7.78
CA HIS A 50 -9.19 2.42 -7.52
C HIS A 50 -9.33 1.28 -6.51
N LYS A 51 -8.51 0.22 -6.62
CA LYS A 51 -8.51 -0.90 -5.66
C LYS A 51 -8.09 -0.49 -4.25
N VAL A 52 -7.14 0.43 -4.10
CA VAL A 52 -6.76 0.98 -2.78
C VAL A 52 -7.97 1.67 -2.14
N SER A 53 -8.66 2.51 -2.91
CA SER A 53 -9.90 3.18 -2.46
C SER A 53 -11.01 2.18 -2.11
N GLU A 54 -11.16 1.11 -2.89
CA GLU A 54 -12.12 0.02 -2.62
C GLU A 54 -11.78 -0.72 -1.31
N PHE A 55 -10.51 -1.07 -1.12
CA PHE A 55 -10.01 -1.68 0.11
C PHE A 55 -10.06 -0.80 1.37
N LYS A 56 -9.94 0.52 1.19
CA LYS A 56 -10.09 1.54 2.25
C LYS A 56 -11.54 1.69 2.73
N GLU A 57 -12.47 1.87 1.80
CA GLU A 57 -13.89 2.12 2.10
C GLU A 57 -14.70 0.85 2.39
N GLY A 58 -14.29 -0.32 1.89
CA GLY A 58 -14.98 -1.60 2.06
C GLY A 58 -16.27 -1.66 1.24
N LYS A 59 -17.37 -1.13 1.81
CA LYS A 59 -18.66 -0.90 1.14
C LYS A 59 -18.59 0.37 0.27
N ALA A 60 -17.64 0.40 -0.66
CA ALA A 60 -17.26 1.57 -1.45
C ALA A 60 -18.36 2.07 -2.42
N GLN A 61 -18.27 3.35 -2.77
CA GLN A 61 -19.17 4.04 -3.72
C GLN A 61 -18.47 5.17 -4.50
N GLU A 62 -17.46 5.81 -3.89
CA GLU A 62 -16.62 6.87 -4.47
C GLU A 62 -15.13 6.65 -4.10
N PRO A 63 -14.17 7.13 -4.92
CA PRO A 63 -12.74 7.05 -4.63
C PRO A 63 -12.33 7.88 -3.40
N SER A 64 -11.17 7.54 -2.81
CA SER A 64 -10.62 8.22 -1.64
C SER A 64 -10.28 9.70 -1.89
N SER A 65 -10.52 10.56 -0.88
CA SER A 65 -10.11 11.96 -0.85
C SER A 65 -8.59 12.17 -0.74
N GLY A 66 -7.82 11.10 -0.48
CA GLY A 66 -6.35 11.12 -0.41
C GLY A 66 -5.64 11.47 -1.73
N SER A 67 -6.36 11.57 -2.84
CA SER A 67 -5.88 12.10 -4.12
C SER A 67 -5.63 13.63 -4.10
N SER A 68 -6.15 14.36 -3.12
CA SER A 68 -5.97 15.81 -2.97
C SER A 68 -4.50 16.19 -2.72
N GLY A 69 -4.00 17.21 -3.44
CA GLY A 69 -2.60 17.65 -3.38
C GLY A 69 -2.24 18.49 -2.16
N SER A 70 -1.01 18.33 -1.66
CA SER A 70 -0.41 19.16 -0.60
C SER A 70 0.08 20.53 -1.13
N SER A 71 0.40 21.45 -0.20
CA SER A 71 0.97 22.77 -0.49
C SER A 71 1.82 23.29 0.68
N GLY A 72 2.57 24.39 0.45
CA GLY A 72 3.36 25.07 1.48
C GLY A 72 2.54 25.88 2.50
N SER A 73 1.22 26.04 2.27
CA SER A 73 0.29 26.85 3.08
C SER A 73 0.68 28.35 3.19
N SER A 74 -0.07 29.13 3.97
CA SER A 74 0.22 30.55 4.26
C SER A 74 1.47 30.77 5.14
N GLY A 75 1.94 29.72 5.82
CA GLY A 75 3.16 29.70 6.63
C GLY A 75 3.53 28.28 7.09
N SER A 76 4.81 28.07 7.42
CA SER A 76 5.37 26.77 7.83
C SER A 76 6.67 26.96 8.63
N SER A 77 7.13 25.92 9.33
CA SER A 77 8.40 25.88 10.09
C SER A 77 9.01 24.47 10.09
N GLY A 78 10.34 24.40 9.96
CA GLY A 78 11.10 23.14 9.82
C GLY A 78 11.46 22.45 11.14
N GLN A 79 12.06 21.26 11.02
CA GLN A 79 12.61 20.45 12.12
C GLN A 79 13.82 19.64 11.62
N ARG A 80 14.82 19.41 12.49
CA ARG A 80 16.05 18.64 12.19
C ARG A 80 15.73 17.19 11.77
N PRO A 81 16.08 16.74 10.54
CA PRO A 81 15.76 15.38 10.06
C PRO A 81 16.41 14.24 10.86
N GLY A 82 17.53 14.53 11.55
CA GLY A 82 18.24 13.59 12.41
C GLY A 82 17.59 13.28 13.77
N ASP A 83 16.45 13.91 14.11
CA ASP A 83 15.70 13.63 15.34
C ASP A 83 15.23 12.16 15.53
N PRO A 84 15.29 11.59 16.76
CA PRO A 84 14.84 10.21 17.02
C PRO A 84 13.35 9.97 16.70
N GLN A 85 13.05 8.76 16.21
CA GLN A 85 11.68 8.28 15.93
C GLN A 85 11.62 6.75 15.98
N SER A 86 10.62 6.19 16.68
CA SER A 86 10.32 4.76 16.74
C SER A 86 8.87 4.51 17.19
N ALA A 87 8.20 3.51 16.60
CA ALA A 87 6.84 3.10 16.93
C ALA A 87 6.56 1.65 16.46
N GLN A 88 5.62 0.96 17.11
CA GLN A 88 5.17 -0.38 16.71
C GLN A 88 4.52 -0.41 15.31
N ASP A 89 4.07 0.74 14.81
CA ASP A 89 3.60 0.92 13.43
C ASP A 89 4.62 0.57 12.32
N LYS A 90 5.93 0.58 12.67
CA LYS A 90 7.03 0.09 11.83
C LYS A 90 7.10 -1.44 11.79
N ALA A 91 7.07 -2.11 12.94
CA ALA A 91 7.03 -3.58 13.03
C ALA A 91 5.78 -4.17 12.36
N ARG A 92 4.66 -3.46 12.45
CA ARG A 92 3.41 -3.72 11.71
C ARG A 92 3.65 -3.75 10.20
N MET A 93 4.19 -2.68 9.60
CA MET A 93 4.45 -2.67 8.15
C MET A 93 5.60 -3.59 7.74
N ASP A 94 6.59 -3.83 8.59
CA ASP A 94 7.66 -4.81 8.32
C ASP A 94 7.14 -6.22 8.05
N LYS A 95 6.30 -6.74 8.97
CA LYS A 95 5.72 -8.08 8.82
C LYS A 95 4.61 -8.13 7.77
N GLU A 96 3.81 -7.08 7.61
CA GLU A 96 2.85 -6.99 6.50
C GLU A 96 3.56 -6.99 5.13
N TYR A 97 4.70 -6.32 5.00
CA TYR A 97 5.52 -6.32 3.78
C TYR A 97 6.11 -7.70 3.46
N LEU A 98 6.68 -8.36 4.47
CA LEU A 98 7.14 -9.75 4.38
C LEU A 98 5.99 -10.69 3.99
N SER A 99 4.79 -10.49 4.55
CA SER A 99 3.62 -11.32 4.30
C SER A 99 3.04 -11.12 2.90
N LEU A 100 3.05 -9.89 2.36
CA LEU A 100 2.66 -9.61 0.98
C LEU A 100 3.60 -10.35 0.01
N MET A 101 4.91 -10.18 0.18
CA MET A 101 5.90 -10.84 -0.67
C MET A 101 5.80 -12.37 -0.60
N ALA A 102 5.69 -12.94 0.60
CA ALA A 102 5.52 -14.39 0.79
C ALA A 102 4.24 -14.94 0.12
N GLU A 103 3.13 -14.21 0.17
CA GLU A 103 1.88 -14.59 -0.50
C GLU A 103 1.92 -14.49 -2.04
N LEU A 104 2.74 -13.59 -2.59
CA LEU A 104 3.02 -13.48 -4.02
C LEU A 104 4.09 -14.48 -4.51
N GLY A 105 4.81 -15.16 -3.60
CA GLY A 105 5.98 -15.99 -3.92
C GLY A 105 7.25 -15.20 -4.24
N GLU A 106 7.29 -13.93 -3.82
CA GLU A 106 8.38 -12.97 -4.03
C GLU A 106 9.31 -12.82 -2.81
N ALA A 107 10.44 -12.14 -3.00
CA ALA A 107 11.39 -11.75 -1.96
C ALA A 107 12.07 -10.41 -2.32
N PRO A 108 12.44 -9.56 -1.34
CA PRO A 108 13.07 -8.26 -1.58
C PRO A 108 14.45 -8.38 -2.27
N VAL A 109 14.81 -7.36 -3.05
CA VAL A 109 16.10 -7.29 -3.78
C VAL A 109 17.34 -7.29 -2.85
N PRO A 110 18.48 -7.88 -3.27
CA PRO A 110 19.72 -7.88 -2.51
C PRO A 110 20.37 -6.49 -2.42
N ALA A 111 21.22 -6.29 -1.41
CA ALA A 111 21.96 -5.05 -1.12
C ALA A 111 23.34 -5.35 -0.48
N GLY A 1 0.78 -16.82 -13.06
CA GLY A 1 0.72 -15.53 -12.34
C GLY A 1 0.07 -14.44 -13.18
N GLU A 2 -0.25 -13.30 -12.55
CA GLU A 2 -0.89 -12.13 -13.19
C GLU A 2 -0.50 -10.83 -12.48
N VAL A 3 -0.16 -9.78 -13.24
CA VAL A 3 0.03 -8.43 -12.69
C VAL A 3 -1.27 -7.93 -12.05
N ARG A 4 -2.44 -8.23 -12.62
CA ARG A 4 -3.75 -7.87 -12.02
C ARG A 4 -3.91 -8.46 -10.62
N ASN A 5 -3.45 -9.69 -10.39
CA ASN A 5 -3.53 -10.37 -9.10
C ASN A 5 -2.51 -9.80 -8.09
N ILE A 6 -1.30 -9.45 -8.55
CA ILE A 6 -0.30 -8.74 -7.75
C ILE A 6 -0.84 -7.35 -7.34
N VAL A 7 -1.47 -6.62 -8.27
CA VAL A 7 -2.10 -5.31 -8.04
C VAL A 7 -3.21 -5.46 -6.98
N ASP A 8 -4.12 -6.43 -7.11
CA ASP A 8 -5.18 -6.69 -6.12
C ASP A 8 -4.69 -6.90 -4.69
N LYS A 9 -3.72 -7.81 -4.51
CA LYS A 9 -3.12 -8.09 -3.20
C LYS A 9 -2.33 -6.90 -2.66
N THR A 10 -1.50 -6.27 -3.48
CA THR A 10 -0.74 -5.06 -3.08
C THR A 10 -1.67 -3.92 -2.69
N ALA A 11 -2.74 -3.67 -3.45
CA ALA A 11 -3.74 -2.65 -3.13
C ALA A 11 -4.44 -2.92 -1.79
N SER A 12 -4.74 -4.19 -1.49
CA SER A 12 -5.35 -4.60 -0.21
C SER A 12 -4.43 -4.31 0.97
N PHE A 13 -3.14 -4.64 0.83
CA PHE A 13 -2.11 -4.35 1.83
C PHE A 13 -1.73 -2.87 2.03
N VAL A 14 -1.63 -2.11 0.93
CA VAL A 14 -1.42 -0.65 0.96
C VAL A 14 -2.63 0.06 1.57
N ALA A 15 -3.85 -0.34 1.24
CA ALA A 15 -5.07 0.27 1.80
C ALA A 15 -5.16 0.11 3.33
N ARG A 16 -4.67 -1.02 3.88
CA ARG A 16 -4.56 -1.27 5.32
C ARG A 16 -3.42 -0.48 5.99
N ASN A 17 -2.23 -0.49 5.40
CA ASN A 17 -1.00 0.07 6.00
C ASN A 17 -0.68 1.55 5.67
N GLY A 18 -1.35 2.14 4.68
CA GLY A 18 -1.24 3.55 4.28
C GLY A 18 -0.22 3.86 3.15
N PRO A 19 -0.11 5.13 2.72
CA PRO A 19 0.70 5.54 1.57
C PRO A 19 2.21 5.31 1.71
N GLU A 20 2.73 5.22 2.94
CA GLU A 20 4.13 4.86 3.18
C GLU A 20 4.43 3.41 2.78
N PHE A 21 3.42 2.52 2.83
CA PHE A 21 3.55 1.11 2.43
C PHE A 21 3.68 1.04 0.89
N GLU A 22 2.97 1.90 0.14
CA GLU A 22 3.18 2.07 -1.30
C GLU A 22 4.62 2.52 -1.58
N ALA A 23 5.08 3.58 -0.91
CA ALA A 23 6.42 4.13 -1.09
C ALA A 23 7.52 3.10 -0.76
N ARG A 24 7.32 2.25 0.26
CA ARG A 24 8.21 1.13 0.61
C ARG A 24 8.43 0.19 -0.56
N ILE A 25 7.34 -0.34 -1.15
CA ILE A 25 7.42 -1.26 -2.29
C ILE A 25 7.95 -0.53 -3.54
N ARG A 26 7.46 0.68 -3.82
CA ARG A 26 7.89 1.52 -4.95
C ARG A 26 9.38 1.82 -4.95
N GLN A 27 10.01 1.99 -3.77
CA GLN A 27 11.46 2.15 -3.66
C GLN A 27 12.23 0.81 -3.70
N ASN A 28 11.76 -0.21 -2.98
CA ASN A 28 12.45 -1.51 -2.88
C ASN A 28 12.43 -2.32 -4.19
N GLU A 29 11.34 -2.22 -4.96
CA GLU A 29 11.09 -2.94 -6.22
C GLU A 29 11.04 -1.97 -7.43
N ILE A 30 11.77 -0.85 -7.36
CA ILE A 30 11.68 0.27 -8.31
C ILE A 30 12.02 -0.11 -9.77
N ASN A 31 12.94 -1.08 -9.95
CA ASN A 31 13.34 -1.61 -11.26
C ASN A 31 12.54 -2.86 -11.70
N ASN A 32 11.68 -3.41 -10.83
CA ASN A 32 10.94 -4.65 -11.08
C ASN A 32 9.77 -4.40 -12.06
N PRO A 33 9.68 -5.13 -13.20
CA PRO A 33 8.62 -4.93 -14.18
C PRO A 33 7.21 -5.22 -13.65
N LYS A 34 7.08 -6.13 -12.66
CA LYS A 34 5.78 -6.47 -12.05
C LYS A 34 5.20 -5.34 -11.22
N PHE A 35 6.06 -4.60 -10.48
CA PHE A 35 5.67 -3.53 -9.54
C PHE A 35 5.49 -2.12 -10.11
N ASN A 36 5.72 -1.95 -11.41
CA ASN A 36 5.64 -0.64 -12.10
C ASN A 36 4.25 0.03 -12.04
N PHE A 37 3.17 -0.68 -11.68
CA PHE A 37 1.85 -0.09 -11.45
C PHE A 37 1.80 0.93 -10.29
N LEU A 38 2.77 0.91 -9.38
CA LEU A 38 2.90 1.91 -8.32
C LEU A 38 3.34 3.28 -8.87
N ASN A 39 3.95 3.33 -10.05
CA ASN A 39 4.27 4.55 -10.80
C ASN A 39 3.06 5.01 -11.64
N PRO A 40 2.83 6.33 -11.81
CA PRO A 40 1.64 6.87 -12.47
C PRO A 40 1.57 6.64 -13.99
N ASN A 41 2.65 6.18 -14.63
CA ASN A 41 2.74 5.98 -16.09
C ASN A 41 2.03 4.72 -16.61
N ASP A 42 1.72 3.74 -15.75
CA ASP A 42 1.16 2.44 -16.16
C ASP A 42 -0.36 2.36 -16.38
N PRO A 43 -0.86 1.53 -17.33
CA PRO A 43 -2.29 1.24 -17.45
C PRO A 43 -2.87 0.61 -16.18
N TYR A 44 -2.08 -0.25 -15.52
CA TYR A 44 -2.43 -0.83 -14.22
C TYR A 44 -2.58 0.15 -13.05
N HIS A 45 -2.01 1.35 -13.14
CA HIS A 45 -2.10 2.37 -12.08
C HIS A 45 -3.55 2.80 -11.81
N ALA A 46 -4.37 2.95 -12.87
CA ALA A 46 -5.78 3.32 -12.72
C ALA A 46 -6.58 2.26 -11.94
N TYR A 47 -6.37 0.97 -12.27
CA TYR A 47 -6.95 -0.14 -11.51
C TYR A 47 -6.44 -0.25 -10.07
N TYR A 48 -5.11 -0.13 -9.91
CA TYR A 48 -4.45 -0.07 -8.61
C TYR A 48 -4.98 1.00 -7.65
N ARG A 49 -5.00 2.26 -8.09
CA ARG A 49 -5.51 3.41 -7.33
C ARG A 49 -6.97 3.25 -6.94
N HIS A 50 -7.79 2.73 -7.85
CA HIS A 50 -9.20 2.42 -7.58
C HIS A 50 -9.34 1.31 -6.53
N LYS A 51 -8.56 0.23 -6.66
CA LYS A 51 -8.57 -0.88 -5.69
C LYS A 51 -8.14 -0.46 -4.29
N VAL A 52 -7.15 0.43 -4.16
CA VAL A 52 -6.71 0.95 -2.85
C VAL A 52 -7.84 1.71 -2.17
N SER A 53 -8.50 2.60 -2.91
CA SER A 53 -9.66 3.37 -2.43
C SER A 53 -10.83 2.46 -2.04
N GLU A 54 -11.11 1.44 -2.86
CA GLU A 54 -12.17 0.46 -2.60
C GLU A 54 -11.88 -0.42 -1.38
N PHE A 55 -10.62 -0.86 -1.23
CA PHE A 55 -10.15 -1.52 -0.02
C PHE A 55 -10.19 -0.66 1.25
N LYS A 56 -9.91 0.65 1.12
CA LYS A 56 -10.02 1.63 2.21
C LYS A 56 -11.47 1.81 2.69
N GLU A 57 -12.42 1.96 1.77
CA GLU A 57 -13.84 2.09 2.09
C GLU A 57 -14.45 0.78 2.64
N GLY A 58 -13.84 -0.37 2.31
CA GLY A 58 -14.19 -1.67 2.91
C GLY A 58 -13.64 -1.87 4.33
N LYS A 59 -12.39 -1.47 4.59
CA LYS A 59 -11.65 -1.74 5.84
C LYS A 59 -11.84 -0.68 6.94
N ALA A 60 -12.06 0.59 6.59
CA ALA A 60 -12.21 1.68 7.57
C ALA A 60 -13.50 1.53 8.41
N GLN A 61 -13.38 1.65 9.74
CA GLN A 61 -14.51 1.58 10.67
C GLN A 61 -15.38 2.85 10.68
N GLU A 62 -14.74 4.01 10.53
CA GLU A 62 -15.34 5.35 10.45
C GLU A 62 -14.52 6.26 9.49
N PRO A 63 -15.16 7.26 8.83
CA PRO A 63 -14.46 8.19 7.95
C PRO A 63 -13.63 9.25 8.69
N SER A 64 -13.95 9.55 9.96
CA SER A 64 -13.24 10.54 10.78
C SER A 64 -11.89 10.02 11.30
N SER A 65 -10.89 10.92 11.36
CA SER A 65 -9.59 10.69 12.01
C SER A 65 -9.62 10.88 13.54
N GLY A 66 -10.71 11.44 14.10
CA GLY A 66 -10.88 11.71 15.53
C GLY A 66 -11.21 10.47 16.37
N SER A 67 -11.13 10.62 17.70
CA SER A 67 -11.48 9.60 18.70
C SER A 67 -11.84 10.22 20.06
N SER A 68 -12.32 9.40 21.00
CA SER A 68 -12.60 9.79 22.40
C SER A 68 -11.33 10.07 23.23
N GLY A 69 -10.14 9.75 22.72
CA GLY A 69 -8.85 9.85 23.43
C GLY A 69 -8.61 8.72 24.44
N SER A 70 -7.38 8.67 24.98
CA SER A 70 -6.93 7.65 25.94
C SER A 70 -7.35 7.91 27.40
N SER A 71 -7.81 9.12 27.72
CA SER A 71 -8.23 9.52 29.08
C SER A 71 -9.47 8.75 29.55
N GLY A 72 -9.37 8.06 30.69
CA GLY A 72 -10.45 7.26 31.27
C GLY A 72 -10.90 6.10 30.37
N SER A 73 -12.19 5.73 30.48
CA SER A 73 -12.83 4.73 29.62
C SER A 73 -13.10 5.29 28.21
N SER A 74 -12.46 4.73 27.19
CA SER A 74 -12.58 5.13 25.77
C SER A 74 -13.80 4.46 25.09
N GLY A 75 -14.98 4.66 25.66
CA GLY A 75 -16.22 3.94 25.32
C GLY A 75 -16.32 2.53 25.92
N SER A 76 -15.25 2.06 26.58
CA SER A 76 -15.15 0.81 27.33
C SER A 76 -14.06 0.92 28.40
N SER A 77 -14.19 0.14 29.48
CA SER A 77 -13.22 0.08 30.59
C SER A 77 -11.96 -0.73 30.28
N GLY A 78 -11.89 -1.39 29.13
CA GLY A 78 -10.74 -2.21 28.69
C GLY A 78 -10.77 -2.57 27.20
N GLN A 79 -9.92 -3.52 26.80
CA GLN A 79 -9.78 -4.03 25.43
C GLN A 79 -9.50 -2.93 24.36
N ARG A 80 -8.74 -1.89 24.75
CA ARG A 80 -8.38 -0.74 23.90
C ARG A 80 -7.56 -1.19 22.67
N PRO A 81 -8.01 -0.95 21.42
CA PRO A 81 -7.39 -1.53 20.22
C PRO A 81 -5.99 -0.97 19.90
N GLY A 82 -5.68 0.24 20.37
CA GLY A 82 -4.36 0.87 20.24
C GLY A 82 -3.31 0.42 21.28
N ASP A 83 -3.68 -0.49 22.21
CA ASP A 83 -2.90 -0.88 23.39
C ASP A 83 -2.62 0.23 24.44
N PRO A 84 -2.24 -0.11 25.70
CA PRO A 84 -1.86 0.89 26.70
C PRO A 84 -0.67 1.77 26.29
N GLN A 85 0.28 1.19 25.55
CA GLN A 85 1.39 1.87 24.87
C GLN A 85 1.92 1.00 23.71
N SER A 86 2.44 1.63 22.65
CA SER A 86 3.18 0.96 21.57
C SER A 86 4.03 1.95 20.75
N ALA A 87 5.11 1.45 20.14
CA ALA A 87 5.95 2.14 19.15
C ALA A 87 6.31 1.21 17.96
N GLN A 88 5.60 0.09 17.81
CA GLN A 88 5.92 -1.01 16.88
C GLN A 88 5.38 -0.84 15.45
N ASP A 89 4.93 0.35 15.06
CA ASP A 89 4.37 0.60 13.71
C ASP A 89 5.31 0.31 12.52
N LYS A 90 6.63 0.42 12.72
CA LYS A 90 7.65 -0.01 11.76
C LYS A 90 7.67 -1.54 11.62
N ALA A 91 7.69 -2.28 12.73
CA ALA A 91 7.60 -3.75 12.73
C ALA A 91 6.26 -4.25 12.15
N ARG A 92 5.18 -3.49 12.36
CA ARG A 92 3.84 -3.75 11.79
C ARG A 92 3.87 -3.72 10.25
N MET A 93 4.41 -2.65 9.65
CA MET A 93 4.57 -2.59 8.19
C MET A 93 5.63 -3.57 7.67
N ASP A 94 6.69 -3.86 8.44
CA ASP A 94 7.69 -4.85 8.05
C ASP A 94 7.10 -6.25 7.86
N LYS A 95 6.34 -6.73 8.86
CA LYS A 95 5.73 -8.07 8.79
C LYS A 95 4.59 -8.14 7.78
N GLU A 96 3.81 -7.08 7.61
CA GLU A 96 2.82 -6.96 6.53
C GLU A 96 3.49 -7.01 5.15
N TYR A 97 4.63 -6.35 4.98
CA TYR A 97 5.43 -6.37 3.76
C TYR A 97 6.03 -7.73 3.43
N LEU A 98 6.64 -8.37 4.44
CA LEU A 98 7.15 -9.74 4.38
C LEU A 98 6.01 -10.72 4.01
N SER A 99 4.81 -10.52 4.58
CA SER A 99 3.63 -11.35 4.31
C SER A 99 3.09 -11.15 2.88
N LEU A 100 3.07 -9.92 2.37
CA LEU A 100 2.68 -9.63 0.98
C LEU A 100 3.63 -10.34 0.02
N MET A 101 4.94 -10.16 0.19
CA MET A 101 5.94 -10.78 -0.67
C MET A 101 5.89 -12.32 -0.61
N ALA A 102 5.77 -12.91 0.58
CA ALA A 102 5.62 -14.35 0.74
C ALA A 102 4.35 -14.92 0.07
N GLU A 103 3.22 -14.21 0.13
CA GLU A 103 1.98 -14.59 -0.55
C GLU A 103 2.04 -14.49 -2.08
N LEU A 104 2.84 -13.55 -2.62
CA LEU A 104 3.12 -13.43 -4.05
C LEU A 104 4.22 -14.38 -4.56
N GLY A 105 4.98 -15.00 -3.65
CA GLY A 105 6.17 -15.80 -3.98
C GLY A 105 7.42 -14.96 -4.32
N GLU A 106 7.41 -13.67 -3.97
CA GLU A 106 8.50 -12.71 -4.16
C GLU A 106 9.51 -12.72 -3.00
N ALA A 107 10.72 -12.22 -3.24
CA ALA A 107 11.80 -12.22 -2.25
C ALA A 107 11.52 -11.30 -1.05
N PRO A 108 11.58 -11.80 0.21
CA PRO A 108 11.36 -11.01 1.42
C PRO A 108 12.60 -10.18 1.81
N VAL A 109 12.38 -9.02 2.44
CA VAL A 109 13.45 -8.23 3.10
C VAL A 109 12.92 -7.38 4.28
N PRO A 110 13.49 -7.49 5.50
CA PRO A 110 13.11 -6.70 6.67
C PRO A 110 13.79 -5.32 6.69
N ALA A 111 13.76 -4.60 5.55
CA ALA A 111 14.44 -3.31 5.34
C ALA A 111 13.97 -2.21 6.30
N GLY A 1 -0.81 -12.91 -17.68
CA GLY A 1 0.20 -12.40 -16.72
C GLY A 1 -0.41 -12.15 -15.34
N GLU A 2 0.38 -12.33 -14.27
CA GLU A 2 -0.09 -12.24 -12.88
C GLU A 2 -0.31 -10.82 -12.33
N VAL A 3 -0.03 -9.78 -13.11
CA VAL A 3 -0.05 -8.38 -12.67
C VAL A 3 -1.37 -7.96 -12.03
N ARG A 4 -2.53 -8.36 -12.56
CA ARG A 4 -3.84 -8.02 -11.94
C ARG A 4 -3.98 -8.59 -10.52
N ASN A 5 -3.47 -9.80 -10.28
CA ASN A 5 -3.48 -10.44 -8.96
C ASN A 5 -2.46 -9.79 -7.99
N ILE A 6 -1.28 -9.43 -8.49
CA ILE A 6 -0.28 -8.68 -7.72
C ILE A 6 -0.80 -7.30 -7.33
N VAL A 7 -1.45 -6.59 -8.26
CA VAL A 7 -2.10 -5.28 -8.05
C VAL A 7 -3.20 -5.42 -7.00
N ASP A 8 -4.10 -6.40 -7.12
CA ASP A 8 -5.16 -6.67 -6.15
C ASP A 8 -4.68 -6.88 -4.71
N LYS A 9 -3.70 -7.77 -4.52
CA LYS A 9 -3.13 -8.04 -3.20
C LYS A 9 -2.33 -6.85 -2.66
N THR A 10 -1.50 -6.21 -3.48
CA THR A 10 -0.75 -5.00 -3.08
C THR A 10 -1.69 -3.87 -2.68
N ALA A 11 -2.76 -3.63 -3.43
CA ALA A 11 -3.77 -2.62 -3.11
C ALA A 11 -4.47 -2.91 -1.78
N SER A 12 -4.74 -4.18 -1.46
CA SER A 12 -5.34 -4.59 -0.19
C SER A 12 -4.41 -4.29 0.98
N PHE A 13 -3.13 -4.68 0.84
CA PHE A 13 -2.08 -4.39 1.83
C PHE A 13 -1.70 -2.92 2.04
N VAL A 14 -1.70 -2.11 0.97
CA VAL A 14 -1.49 -0.66 1.03
C VAL A 14 -2.71 0.02 1.66
N ALA A 15 -3.95 -0.34 1.31
CA ALA A 15 -5.15 0.18 1.95
C ALA A 15 -5.20 -0.13 3.46
N ARG A 16 -4.69 -1.31 3.85
CA ARG A 16 -4.55 -1.78 5.24
C ARG A 16 -3.45 -1.08 6.06
N ASN A 17 -2.35 -0.65 5.43
CA ASN A 17 -1.14 -0.13 6.12
C ASN A 17 -0.75 1.33 5.79
N GLY A 18 -1.45 2.00 4.87
CA GLY A 18 -1.32 3.44 4.55
C GLY A 18 -0.37 3.78 3.40
N PRO A 19 -0.28 5.06 2.99
CA PRO A 19 0.47 5.50 1.80
C PRO A 19 1.98 5.25 1.86
N GLU A 20 2.56 5.21 3.06
CA GLU A 20 3.99 4.87 3.23
C GLU A 20 4.30 3.42 2.83
N PHE A 21 3.31 2.52 2.92
CA PHE A 21 3.44 1.11 2.52
C PHE A 21 3.56 1.06 0.97
N GLU A 22 2.88 1.93 0.22
CA GLU A 22 3.10 2.09 -1.22
C GLU A 22 4.52 2.59 -1.50
N ALA A 23 4.96 3.65 -0.81
CA ALA A 23 6.29 4.23 -0.99
C ALA A 23 7.42 3.21 -0.71
N ARG A 24 7.24 2.33 0.29
CA ARG A 24 8.15 1.23 0.60
C ARG A 24 8.35 0.29 -0.59
N ILE A 25 7.26 -0.26 -1.12
CA ILE A 25 7.31 -1.20 -2.27
C ILE A 25 7.79 -0.46 -3.53
N ARG A 26 7.30 0.76 -3.77
CA ARG A 26 7.69 1.59 -4.92
C ARG A 26 9.19 1.90 -4.93
N GLN A 27 9.81 2.19 -3.79
CA GLN A 27 11.26 2.42 -3.75
C GLN A 27 12.07 1.12 -3.88
N ASN A 28 11.62 0.03 -3.24
CA ASN A 28 12.31 -1.27 -3.26
C ASN A 28 12.25 -1.97 -4.63
N GLU A 29 11.20 -1.74 -5.42
CA GLU A 29 10.88 -2.44 -6.68
C GLU A 29 10.58 -1.46 -7.83
N ILE A 30 11.22 -0.28 -7.83
CA ILE A 30 10.91 0.89 -8.67
C ILE A 30 10.87 0.63 -10.19
N ASN A 31 11.72 -0.28 -10.69
CA ASN A 31 11.82 -0.66 -12.10
C ASN A 31 11.39 -2.12 -12.38
N ASN A 32 10.92 -2.85 -11.36
CA ASN A 32 10.54 -4.27 -11.48
C ASN A 32 9.31 -4.42 -12.40
N PRO A 33 9.35 -5.27 -13.44
CA PRO A 33 8.26 -5.38 -14.42
C PRO A 33 6.91 -5.80 -13.80
N LYS A 34 6.93 -6.52 -12.68
CA LYS A 34 5.72 -6.87 -11.91
C LYS A 34 5.14 -5.70 -11.13
N PHE A 35 5.99 -4.86 -10.54
CA PHE A 35 5.63 -3.77 -9.61
C PHE A 35 5.52 -2.35 -10.18
N ASN A 36 5.80 -2.19 -11.48
CA ASN A 36 5.78 -0.89 -12.17
C ASN A 36 4.42 -0.15 -12.10
N PHE A 37 3.32 -0.82 -11.75
CA PHE A 37 2.00 -0.20 -11.57
C PHE A 37 1.93 0.85 -10.46
N LEU A 38 2.89 0.86 -9.52
CA LEU A 38 3.00 1.91 -8.50
C LEU A 38 3.50 3.25 -9.09
N ASN A 39 4.19 3.23 -10.24
CA ASN A 39 4.52 4.42 -11.00
C ASN A 39 3.28 4.94 -11.76
N PRO A 40 3.03 6.25 -11.84
CA PRO A 40 1.82 6.82 -12.45
C PRO A 40 1.70 6.64 -13.97
N ASN A 41 2.78 6.23 -14.63
CA ASN A 41 2.85 6.04 -16.09
C ASN A 41 2.09 4.80 -16.61
N ASP A 42 1.79 3.81 -15.75
CA ASP A 42 1.25 2.51 -16.16
C ASP A 42 -0.28 2.42 -16.37
N PRO A 43 -0.77 1.58 -17.31
CA PRO A 43 -2.21 1.30 -17.45
C PRO A 43 -2.80 0.68 -16.18
N TYR A 44 -2.04 -0.19 -15.51
CA TYR A 44 -2.40 -0.75 -14.21
C TYR A 44 -2.55 0.21 -13.04
N HIS A 45 -1.95 1.41 -13.13
CA HIS A 45 -2.00 2.40 -12.06
C HIS A 45 -3.43 2.86 -11.77
N ALA A 46 -4.25 3.08 -12.80
CA ALA A 46 -5.66 3.47 -12.66
C ALA A 46 -6.48 2.42 -11.90
N TYR A 47 -6.29 1.12 -12.23
CA TYR A 47 -6.91 0.02 -11.51
C TYR A 47 -6.39 -0.13 -10.07
N TYR A 48 -5.06 -0.04 -9.90
CA TYR A 48 -4.40 -0.03 -8.60
C TYR A 48 -4.93 1.02 -7.61
N ARG A 49 -4.93 2.29 -8.03
CA ARG A 49 -5.42 3.44 -7.25
C ARG A 49 -6.90 3.30 -6.88
N HIS A 50 -7.71 2.79 -7.81
CA HIS A 50 -9.13 2.48 -7.56
C HIS A 50 -9.29 1.36 -6.54
N LYS A 51 -8.52 0.27 -6.68
CA LYS A 51 -8.55 -0.86 -5.73
C LYS A 51 -8.15 -0.48 -4.32
N VAL A 52 -7.18 0.42 -4.14
CA VAL A 52 -6.78 0.91 -2.80
C VAL A 52 -7.97 1.63 -2.14
N SER A 53 -8.61 2.54 -2.87
CA SER A 53 -9.79 3.28 -2.41
C SER A 53 -10.96 2.33 -2.07
N GLU A 54 -11.18 1.31 -2.90
CA GLU A 54 -12.20 0.28 -2.67
C GLU A 54 -11.89 -0.59 -1.44
N PHE A 55 -10.63 -0.98 -1.24
CA PHE A 55 -10.15 -1.63 -0.02
C PHE A 55 -10.21 -0.80 1.26
N LYS A 56 -10.02 0.52 1.13
CA LYS A 56 -10.17 1.51 2.22
C LYS A 56 -11.61 1.67 2.70
N GLU A 57 -12.55 1.83 1.76
CA GLU A 57 -13.98 1.97 2.06
C GLU A 57 -14.68 0.64 2.41
N GLY A 58 -14.15 -0.49 1.92
CA GLY A 58 -14.71 -1.84 2.11
C GLY A 58 -15.97 -2.11 1.25
N LYS A 59 -16.41 -3.38 1.23
CA LYS A 59 -17.62 -3.83 0.53
C LYS A 59 -18.89 -3.27 1.18
N ALA A 60 -19.82 -2.78 0.37
CA ALA A 60 -21.11 -2.21 0.77
C ALA A 60 -22.18 -2.36 -0.33
N GLN A 61 -23.46 -2.25 0.05
CA GLN A 61 -24.61 -2.40 -0.86
C GLN A 61 -25.77 -1.40 -0.60
N GLU A 62 -25.59 -0.43 0.32
CA GLU A 62 -26.59 0.59 0.64
C GLU A 62 -26.69 1.70 -0.45
N PRO A 63 -27.86 2.36 -0.63
CA PRO A 63 -28.04 3.41 -1.64
C PRO A 63 -27.20 4.69 -1.42
N SER A 64 -26.74 4.94 -0.19
CA SER A 64 -26.09 6.18 0.25
C SER A 64 -24.89 5.92 1.18
N SER A 65 -24.02 6.92 1.34
CA SER A 65 -22.84 6.90 2.22
C SER A 65 -22.51 8.31 2.75
N GLY A 66 -21.72 8.40 3.82
CA GLY A 66 -21.34 9.65 4.48
C GLY A 66 -20.27 9.48 5.57
N SER A 67 -19.92 10.57 6.26
CA SER A 67 -18.90 10.62 7.31
C SER A 67 -19.31 9.80 8.56
N SER A 68 -18.33 9.24 9.28
CA SER A 68 -18.53 8.44 10.49
C SER A 68 -19.04 9.26 11.68
N GLY A 69 -19.75 8.59 12.61
CA GLY A 69 -20.25 9.18 13.86
C GLY A 69 -19.17 9.44 14.93
N SER A 70 -17.92 9.02 14.71
CA SER A 70 -16.77 9.24 15.60
C SER A 70 -15.43 9.32 14.86
N SER A 71 -14.41 9.88 15.51
CA SER A 71 -13.09 10.19 14.90
C SER A 71 -11.89 9.96 15.84
N GLY A 72 -12.08 9.25 16.96
CA GLY A 72 -11.05 9.02 17.99
C GLY A 72 -10.77 10.22 18.91
N SER A 73 -11.66 11.22 18.90
CA SER A 73 -11.58 12.46 19.70
C SER A 73 -11.94 12.30 21.20
N SER A 74 -12.28 11.09 21.64
CA SER A 74 -12.69 10.75 23.02
C SER A 74 -11.60 10.99 24.07
N GLY A 75 -12.01 11.29 25.31
CA GLY A 75 -11.14 11.70 26.41
C GLY A 75 -10.16 10.64 26.94
N SER A 76 -10.32 9.38 26.54
CA SER A 76 -9.36 8.29 26.82
C SER A 76 -8.10 8.34 25.95
N SER A 77 -8.10 9.11 24.86
CA SER A 77 -6.93 9.32 23.99
C SER A 77 -5.83 10.15 24.68
N GLY A 78 -4.56 9.81 24.44
CA GLY A 78 -3.40 10.48 25.04
C GLY A 78 -3.17 11.90 24.49
N GLN A 79 -2.82 12.84 25.38
CA GLN A 79 -2.71 14.28 25.05
C GLN A 79 -1.53 15.00 25.75
N ARG A 80 -0.87 14.39 26.75
CA ARG A 80 0.22 15.01 27.53
C ARG A 80 1.48 15.29 26.66
N PRO A 81 2.26 16.34 26.96
CA PRO A 81 3.53 16.62 26.29
C PRO A 81 4.65 15.63 26.71
N GLY A 82 5.75 15.62 25.93
CA GLY A 82 7.00 14.93 26.25
C GLY A 82 7.08 13.43 25.94
N ASP A 83 5.99 12.79 25.50
CA ASP A 83 6.01 11.39 25.04
C ASP A 83 6.76 11.11 23.72
N PRO A 84 7.38 9.92 23.52
CA PRO A 84 8.14 9.59 22.31
C PRO A 84 7.30 9.61 21.02
N GLN A 85 7.92 10.00 19.91
CA GLN A 85 7.34 9.98 18.56
C GLN A 85 7.17 8.56 17.98
N SER A 86 7.98 7.59 18.42
CA SER A 86 8.05 6.23 17.85
C SER A 86 6.85 5.35 18.24
N ALA A 87 6.50 4.40 17.37
CA ALA A 87 5.37 3.47 17.55
C ALA A 87 5.61 2.12 16.85
N GLN A 88 4.80 1.11 17.19
CA GLN A 88 4.87 -0.26 16.63
C GLN A 88 4.51 -0.35 15.13
N ASP A 89 4.02 0.73 14.51
CA ASP A 89 3.70 0.79 13.08
C ASP A 89 4.86 0.43 12.11
N LYS A 90 6.12 0.60 12.55
CA LYS A 90 7.31 0.15 11.82
C LYS A 90 7.43 -1.38 11.77
N ALA A 91 7.30 -2.04 12.92
CA ALA A 91 7.30 -3.52 13.01
C ALA A 91 6.08 -4.14 12.30
N ARG A 92 4.94 -3.44 12.32
CA ARG A 92 3.75 -3.77 11.52
C ARG A 92 4.07 -3.77 10.03
N MET A 93 4.56 -2.66 9.47
CA MET A 93 4.85 -2.62 8.02
C MET A 93 6.00 -3.56 7.61
N ASP A 94 6.96 -3.84 8.48
CA ASP A 94 7.97 -4.87 8.24
C ASP A 94 7.39 -6.26 8.00
N LYS A 95 6.56 -6.77 8.92
CA LYS A 95 5.99 -8.12 8.81
C LYS A 95 4.83 -8.16 7.80
N GLU A 96 4.06 -7.10 7.64
CA GLU A 96 3.03 -6.98 6.59
C GLU A 96 3.65 -6.99 5.18
N TYR A 97 4.82 -6.37 5.00
CA TYR A 97 5.58 -6.41 3.75
C TYR A 97 6.11 -7.80 3.43
N LEU A 98 6.71 -8.47 4.42
CA LEU A 98 7.13 -9.87 4.34
C LEU A 98 5.94 -10.78 4.00
N SER A 99 4.77 -10.53 4.59
CA SER A 99 3.54 -11.30 4.36
C SER A 99 2.98 -11.10 2.95
N LEU A 100 2.99 -9.87 2.42
CA LEU A 100 2.59 -9.59 1.04
C LEU A 100 3.49 -10.34 0.06
N MET A 101 4.82 -10.19 0.21
CA MET A 101 5.78 -10.83 -0.67
C MET A 101 5.69 -12.36 -0.62
N ALA A 102 5.61 -12.97 0.58
CA ALA A 102 5.46 -14.41 0.73
C ALA A 102 4.16 -14.96 0.09
N GLU A 103 3.06 -14.22 0.17
CA GLU A 103 1.79 -14.58 -0.49
C GLU A 103 1.81 -14.46 -2.03
N LEU A 104 2.66 -13.57 -2.58
CA LEU A 104 2.93 -13.46 -4.01
C LEU A 104 3.99 -14.46 -4.51
N GLY A 105 4.69 -15.16 -3.61
CA GLY A 105 5.84 -16.03 -3.91
C GLY A 105 7.16 -15.27 -4.14
N GLU A 106 7.21 -13.98 -3.77
CA GLU A 106 8.38 -13.11 -3.82
C GLU A 106 9.21 -13.16 -2.53
N ALA A 107 10.50 -12.78 -2.63
CA ALA A 107 11.53 -12.92 -1.58
C ALA A 107 11.81 -14.39 -1.15
N PRO A 108 12.90 -14.67 -0.41
CA PRO A 108 13.17 -16.01 0.13
C PRO A 108 12.02 -16.53 1.00
N VAL A 109 11.52 -17.72 0.69
CA VAL A 109 10.34 -18.34 1.34
C VAL A 109 10.63 -18.81 2.78
N PRO A 110 9.64 -18.75 3.70
CA PRO A 110 9.78 -19.28 5.06
C PRO A 110 9.88 -20.82 5.09
N ALA A 111 10.54 -21.35 6.12
CA ALA A 111 10.76 -22.79 6.35
C ALA A 111 10.84 -23.13 7.86
N GLY A 1 1.49 -16.82 -12.16
CA GLY A 1 1.37 -15.44 -11.66
C GLY A 1 0.65 -14.53 -12.64
N GLU A 2 0.08 -13.43 -12.16
CA GLU A 2 -0.70 -12.46 -12.95
C GLU A 2 -0.60 -11.04 -12.34
N VAL A 3 -0.39 -10.02 -13.18
CA VAL A 3 -0.28 -8.62 -12.73
C VAL A 3 -1.55 -8.12 -12.03
N ARG A 4 -2.75 -8.44 -12.53
CA ARG A 4 -4.02 -8.07 -11.86
C ARG A 4 -4.11 -8.62 -10.43
N ASN A 5 -3.62 -9.84 -10.19
CA ASN A 5 -3.59 -10.47 -8.87
C ASN A 5 -2.55 -9.81 -7.95
N ILE A 6 -1.35 -9.49 -8.47
CA ILE A 6 -0.33 -8.75 -7.73
C ILE A 6 -0.84 -7.36 -7.33
N VAL A 7 -1.49 -6.65 -8.27
CA VAL A 7 -2.09 -5.32 -8.06
C VAL A 7 -3.17 -5.40 -6.99
N ASP A 8 -4.12 -6.33 -7.09
CA ASP A 8 -5.19 -6.50 -6.10
C ASP A 8 -4.70 -6.75 -4.66
N LYS A 9 -3.77 -7.69 -4.50
CA LYS A 9 -3.17 -7.98 -3.19
C LYS A 9 -2.33 -6.81 -2.68
N THR A 10 -1.50 -6.19 -3.51
CA THR A 10 -0.73 -5.00 -3.13
C THR A 10 -1.63 -3.84 -2.71
N ALA A 11 -2.71 -3.58 -3.46
CA ALA A 11 -3.70 -2.56 -3.12
C ALA A 11 -4.38 -2.84 -1.78
N SER A 12 -4.68 -4.10 -1.46
CA SER A 12 -5.28 -4.51 -0.18
C SER A 12 -4.32 -4.23 0.98
N PHE A 13 -3.05 -4.61 0.82
CA PHE A 13 -1.98 -4.34 1.77
C PHE A 13 -1.58 -2.87 1.98
N VAL A 14 -1.58 -2.07 0.91
CA VAL A 14 -1.34 -0.61 0.95
C VAL A 14 -2.52 0.11 1.60
N ALA A 15 -3.77 -0.23 1.26
CA ALA A 15 -4.96 0.35 1.90
C ALA A 15 -4.99 0.08 3.43
N ARG A 16 -4.45 -1.06 3.86
CA ARG A 16 -4.31 -1.48 5.27
C ARG A 16 -3.17 -0.76 6.02
N ASN A 17 -2.00 -0.69 5.40
CA ASN A 17 -0.74 -0.20 6.00
C ASN A 17 -0.37 1.27 5.69
N GLY A 18 -1.11 1.95 4.81
CA GLY A 18 -0.97 3.39 4.49
C GLY A 18 -0.05 3.71 3.31
N PRO A 19 0.03 5.00 2.89
CA PRO A 19 0.79 5.44 1.71
C PRO A 19 2.32 5.29 1.85
N GLU A 20 2.85 5.16 3.07
CA GLU A 20 4.25 4.79 3.29
C GLU A 20 4.55 3.34 2.83
N PHE A 21 3.56 2.44 2.81
CA PHE A 21 3.70 1.06 2.36
C PHE A 21 3.80 1.06 0.81
N GLU A 22 3.05 1.95 0.12
CA GLU A 22 3.19 2.19 -1.32
C GLU A 22 4.60 2.66 -1.68
N ALA A 23 5.13 3.66 -0.95
CA ALA A 23 6.48 4.16 -1.11
C ALA A 23 7.55 3.08 -0.84
N ARG A 24 7.36 2.27 0.21
CA ARG A 24 8.24 1.14 0.58
C ARG A 24 8.43 0.15 -0.57
N ILE A 25 7.33 -0.32 -1.16
CA ILE A 25 7.37 -1.25 -2.31
C ILE A 25 7.92 -0.54 -3.55
N ARG A 26 7.46 0.69 -3.84
CA ARG A 26 7.93 1.49 -4.99
C ARG A 26 9.43 1.73 -4.99
N GLN A 27 10.06 1.96 -3.82
CA GLN A 27 11.50 2.14 -3.71
C GLN A 27 12.27 0.81 -3.77
N ASN A 28 11.80 -0.23 -3.07
CA ASN A 28 12.48 -1.53 -3.00
C ASN A 28 12.43 -2.30 -4.33
N GLU A 29 11.33 -2.21 -5.06
CA GLU A 29 11.05 -2.91 -6.33
C GLU A 29 11.03 -1.95 -7.53
N ILE A 30 11.78 -0.84 -7.46
CA ILE A 30 11.72 0.28 -8.43
C ILE A 30 12.05 -0.12 -9.88
N ASN A 31 12.95 -1.09 -10.05
CA ASN A 31 13.34 -1.63 -11.36
C ASN A 31 12.54 -2.88 -11.80
N ASN A 32 11.67 -3.41 -10.92
CA ASN A 32 10.92 -4.64 -11.17
C ASN A 32 9.75 -4.38 -12.15
N PRO A 33 9.64 -5.13 -13.27
CA PRO A 33 8.58 -4.91 -14.25
C PRO A 33 7.17 -5.20 -13.70
N LYS A 34 7.04 -6.10 -12.71
CA LYS A 34 5.75 -6.44 -12.09
C LYS A 34 5.18 -5.29 -11.26
N PHE A 35 6.04 -4.59 -10.51
CA PHE A 35 5.67 -3.52 -9.56
C PHE A 35 5.49 -2.10 -10.10
N ASN A 36 5.72 -1.91 -11.42
CA ASN A 36 5.64 -0.62 -12.09
C ASN A 36 4.26 0.08 -12.03
N PHE A 37 3.19 -0.63 -11.64
CA PHE A 37 1.87 -0.02 -11.41
C PHE A 37 1.83 1.02 -10.29
N LEU A 38 2.82 1.04 -9.39
CA LEU A 38 2.98 2.08 -8.37
C LEU A 38 3.48 3.42 -8.96
N ASN A 39 3.96 3.41 -10.20
CA ASN A 39 4.30 4.62 -10.96
C ASN A 39 3.08 5.09 -11.79
N PRO A 40 2.82 6.41 -11.91
CA PRO A 40 1.60 6.95 -12.52
C PRO A 40 1.49 6.74 -14.05
N ASN A 41 2.58 6.35 -14.72
CA ASN A 41 2.62 6.15 -16.17
C ASN A 41 1.95 4.85 -16.68
N ASP A 42 1.70 3.87 -15.79
CA ASP A 42 1.18 2.55 -16.18
C ASP A 42 -0.35 2.44 -16.42
N PRO A 43 -0.82 1.59 -17.36
CA PRO A 43 -2.24 1.28 -17.50
C PRO A 43 -2.83 0.65 -16.23
N TYR A 44 -2.03 -0.20 -15.56
CA TYR A 44 -2.40 -0.78 -14.26
C TYR A 44 -2.56 0.20 -13.09
N HIS A 45 -2.00 1.40 -13.17
CA HIS A 45 -2.09 2.41 -12.12
C HIS A 45 -3.54 2.83 -11.86
N ALA A 46 -4.36 2.98 -12.90
CA ALA A 46 -5.78 3.32 -12.78
C ALA A 46 -6.57 2.25 -11.99
N TYR A 47 -6.34 0.97 -12.30
CA TYR A 47 -6.90 -0.15 -11.54
C TYR A 47 -6.38 -0.23 -10.10
N TYR A 48 -5.06 -0.10 -9.93
CA TYR A 48 -4.39 -0.03 -8.64
C TYR A 48 -4.94 1.02 -7.66
N ARG A 49 -5.01 2.28 -8.12
CA ARG A 49 -5.55 3.42 -7.36
C ARG A 49 -7.02 3.21 -6.97
N HIS A 50 -7.81 2.64 -7.87
CA HIS A 50 -9.21 2.28 -7.62
C HIS A 50 -9.33 1.16 -6.58
N LYS A 51 -8.48 0.13 -6.68
CA LYS A 51 -8.45 -0.98 -5.71
C LYS A 51 -8.05 -0.55 -4.30
N VAL A 52 -7.11 0.38 -4.16
CA VAL A 52 -6.72 0.93 -2.84
C VAL A 52 -7.93 1.62 -2.20
N SER A 53 -8.62 2.45 -2.97
CA SER A 53 -9.86 3.13 -2.54
C SER A 53 -10.96 2.14 -2.16
N GLU A 54 -11.12 1.07 -2.93
CA GLU A 54 -12.05 -0.02 -2.60
C GLU A 54 -11.72 -0.69 -1.27
N PHE A 55 -10.44 -1.03 -1.06
CA PHE A 55 -9.98 -1.62 0.19
C PHE A 55 -10.00 -0.70 1.42
N LYS A 56 -9.86 0.62 1.20
CA LYS A 56 -9.98 1.68 2.22
C LYS A 56 -11.43 1.88 2.69
N GLU A 57 -12.36 1.95 1.75
CA GLU A 57 -13.79 2.19 2.03
C GLU A 57 -14.60 0.90 2.31
N GLY A 58 -14.01 -0.29 2.10
CA GLY A 58 -14.69 -1.58 2.23
C GLY A 58 -15.60 -1.94 1.04
N LYS A 59 -15.40 -1.30 -0.11
CA LYS A 59 -16.18 -1.44 -1.36
C LYS A 59 -15.60 -2.46 -2.35
N ALA A 60 -14.83 -3.44 -1.86
CA ALA A 60 -14.14 -4.45 -2.67
C ALA A 60 -15.11 -5.24 -3.59
N GLN A 61 -14.97 -5.06 -4.90
CA GLN A 61 -15.87 -5.67 -5.90
C GLN A 61 -15.61 -7.17 -6.13
N GLU A 62 -14.35 -7.60 -6.06
CA GLU A 62 -13.95 -9.01 -6.11
C GLU A 62 -13.95 -9.65 -4.70
N PRO A 63 -14.25 -10.95 -4.56
CA PRO A 63 -14.34 -11.63 -3.26
C PRO A 63 -13.00 -11.67 -2.50
N SER A 64 -13.07 -11.54 -1.17
CA SER A 64 -11.90 -11.60 -0.28
C SER A 64 -11.22 -12.99 -0.27
N SER A 65 -9.90 -12.99 -0.07
CA SER A 65 -9.03 -14.19 -0.06
C SER A 65 -9.00 -15.02 -1.36
N GLY A 66 -9.57 -14.52 -2.47
CA GLY A 66 -9.62 -15.21 -3.76
C GLY A 66 -10.43 -16.52 -3.73
N SER A 67 -9.97 -17.54 -4.44
CA SER A 67 -10.54 -18.89 -4.45
C SER A 67 -9.47 -19.95 -4.74
N SER A 68 -9.54 -21.08 -4.01
CA SER A 68 -8.55 -22.18 -3.97
C SER A 68 -7.15 -21.78 -3.46
N GLY A 69 -6.42 -22.77 -2.90
CA GLY A 69 -5.07 -22.62 -2.34
C GLY A 69 -5.05 -21.96 -0.94
N SER A 70 -4.72 -22.73 0.09
CA SER A 70 -4.64 -22.26 1.49
C SER A 70 -3.53 -21.21 1.73
N SER A 71 -2.51 -21.17 0.87
CA SER A 71 -1.44 -20.15 0.84
C SER A 71 -1.88 -18.78 0.31
N GLY A 72 -3.09 -18.66 -0.26
CA GLY A 72 -3.58 -17.44 -0.92
C GLY A 72 -3.89 -16.27 0.01
N SER A 73 -4.04 -16.50 1.32
CA SER A 73 -4.30 -15.47 2.34
C SER A 73 -3.95 -15.96 3.76
N SER A 74 -3.32 -15.10 4.57
CA SER A 74 -2.91 -15.38 5.96
C SER A 74 -2.92 -14.10 6.82
N GLY A 75 -2.84 -14.23 8.15
CA GLY A 75 -2.83 -13.13 9.11
C GLY A 75 -2.75 -13.56 10.57
N SER A 76 -2.72 -12.58 11.48
CA SER A 76 -2.70 -12.75 12.94
C SER A 76 -3.32 -11.55 13.67
N SER A 77 -3.90 -11.78 14.84
CA SER A 77 -4.44 -10.72 15.73
C SER A 77 -3.34 -9.94 16.46
N GLY A 78 -2.14 -10.52 16.62
CA GLY A 78 -1.09 -9.98 17.49
C GLY A 78 -1.47 -9.93 18.97
N GLN A 79 -2.46 -10.75 19.39
CA GLN A 79 -3.16 -10.74 20.69
C GLN A 79 -3.92 -9.42 20.95
N ARG A 80 -3.20 -8.32 21.21
CA ARG A 80 -3.71 -6.94 21.30
C ARG A 80 -2.56 -5.93 21.04
N PRO A 81 -2.55 -5.22 19.89
CA PRO A 81 -1.57 -4.18 19.61
C PRO A 81 -1.59 -3.01 20.60
N GLY A 82 -0.43 -2.37 20.81
CA GLY A 82 -0.28 -1.19 21.65
C GLY A 82 -0.75 0.12 21.00
N ASP A 83 -0.64 1.22 21.75
CA ASP A 83 -0.93 2.58 21.28
C ASP A 83 0.04 3.12 20.19
N PRO A 84 -0.32 4.17 19.42
CA PRO A 84 0.59 4.81 18.47
C PRO A 84 1.90 5.32 19.11
N GLN A 85 1.85 5.69 20.39
CA GLN A 85 3.02 6.10 21.20
C GLN A 85 4.03 4.96 21.41
N SER A 86 3.61 3.69 21.30
CA SER A 86 4.47 2.50 21.36
C SER A 86 5.19 2.20 20.03
N ALA A 87 4.95 2.99 18.98
CA ALA A 87 5.55 2.90 17.64
C ALA A 87 5.31 1.58 16.87
N GLN A 88 4.36 0.75 17.31
CA GLN A 88 4.15 -0.61 16.77
C GLN A 88 3.58 -0.64 15.34
N ASP A 89 3.11 0.49 14.81
CA ASP A 89 2.70 0.61 13.40
C ASP A 89 3.87 0.35 12.42
N LYS A 90 5.12 0.64 12.84
CA LYS A 90 6.33 0.29 12.09
C LYS A 90 6.58 -1.22 12.06
N ALA A 91 6.43 -1.90 13.21
CA ALA A 91 6.50 -3.37 13.28
C ALA A 91 5.36 -4.04 12.48
N ARG A 92 4.16 -3.43 12.46
CA ARG A 92 3.02 -3.87 11.66
C ARG A 92 3.37 -3.88 10.17
N MET A 93 3.86 -2.78 9.60
CA MET A 93 4.29 -2.76 8.19
C MET A 93 5.55 -3.60 7.91
N ASP A 94 6.50 -3.68 8.85
CA ASP A 94 7.69 -4.52 8.71
C ASP A 94 7.40 -6.00 8.45
N LYS A 95 6.43 -6.56 9.18
CA LYS A 95 5.96 -7.94 8.98
C LYS A 95 4.99 -8.06 7.81
N GLU A 96 4.05 -7.11 7.64
CA GLU A 96 3.10 -7.12 6.50
C GLU A 96 3.79 -7.09 5.14
N TYR A 97 4.94 -6.41 5.03
CA TYR A 97 5.73 -6.40 3.81
C TYR A 97 6.28 -7.78 3.42
N LEU A 98 6.82 -8.51 4.42
CA LEU A 98 7.21 -9.91 4.26
C LEU A 98 5.99 -10.79 3.89
N SER A 99 4.84 -10.55 4.52
CA SER A 99 3.62 -11.31 4.27
C SER A 99 3.07 -11.11 2.85
N LEU A 100 3.11 -9.88 2.31
CA LEU A 100 2.72 -9.59 0.93
C LEU A 100 3.61 -10.37 -0.04
N MET A 101 4.93 -10.24 0.11
CA MET A 101 5.89 -10.89 -0.78
C MET A 101 5.79 -12.42 -0.72
N ALA A 102 5.64 -13.00 0.48
CA ALA A 102 5.44 -14.44 0.68
C ALA A 102 4.15 -14.96 0.02
N GLU A 103 3.05 -14.21 0.11
CA GLU A 103 1.76 -14.55 -0.52
C GLU A 103 1.78 -14.46 -2.07
N LEU A 104 2.61 -13.57 -2.62
CA LEU A 104 2.88 -13.47 -4.06
C LEU A 104 3.92 -14.49 -4.56
N GLY A 105 4.65 -15.16 -3.66
CA GLY A 105 5.76 -16.07 -3.97
C GLY A 105 7.08 -15.36 -4.33
N GLU A 106 7.19 -14.06 -4.01
CA GLU A 106 8.35 -13.22 -4.24
C GLU A 106 9.41 -13.34 -3.13
N ALA A 107 10.70 -13.27 -3.51
CA ALA A 107 11.85 -13.37 -2.60
C ALA A 107 13.10 -12.67 -3.18
N PRO A 108 14.03 -12.18 -2.33
CA PRO A 108 15.30 -11.60 -2.78
C PRO A 108 16.24 -12.65 -3.39
N VAL A 109 17.17 -12.21 -4.23
CA VAL A 109 18.21 -13.06 -4.85
C VAL A 109 19.20 -13.67 -3.83
N PRO A 110 19.62 -14.95 -3.97
CA PRO A 110 20.63 -15.56 -3.10
C PRO A 110 22.00 -14.84 -3.16
N ALA A 111 22.77 -14.96 -2.06
CA ALA A 111 24.10 -14.37 -1.88
C ALA A 111 24.99 -15.23 -0.94
N GLY A 1 -3.28 -13.51 -16.01
CA GLY A 1 -2.04 -12.73 -15.90
C GLY A 1 -1.67 -12.45 -14.45
N GLU A 2 -0.38 -12.47 -14.12
CA GLU A 2 0.09 -12.28 -12.73
C GLU A 2 -0.12 -10.86 -12.19
N VAL A 3 -0.01 -9.84 -13.05
CA VAL A 3 0.01 -8.44 -12.61
C VAL A 3 -1.31 -7.97 -12.01
N ARG A 4 -2.46 -8.33 -12.60
CA ARG A 4 -3.78 -8.01 -12.03
C ARG A 4 -3.98 -8.58 -10.62
N ASN A 5 -3.45 -9.78 -10.38
CA ASN A 5 -3.46 -10.45 -9.07
C ASN A 5 -2.48 -9.82 -8.06
N ILE A 6 -1.26 -9.48 -8.50
CA ILE A 6 -0.27 -8.76 -7.68
C ILE A 6 -0.80 -7.36 -7.29
N VAL A 7 -1.43 -6.65 -8.24
CA VAL A 7 -2.06 -5.34 -8.04
C VAL A 7 -3.18 -5.46 -7.00
N ASP A 8 -4.09 -6.42 -7.14
CA ASP A 8 -5.15 -6.69 -6.15
C ASP A 8 -4.67 -6.87 -4.70
N LYS A 9 -3.70 -7.77 -4.50
CA LYS A 9 -3.13 -8.02 -3.18
C LYS A 9 -2.32 -6.83 -2.65
N THR A 10 -1.49 -6.19 -3.48
CA THR A 10 -0.75 -4.98 -3.11
C THR A 10 -1.68 -3.84 -2.71
N ALA A 11 -2.77 -3.62 -3.46
CA ALA A 11 -3.78 -2.61 -3.13
C ALA A 11 -4.46 -2.89 -1.78
N SER A 12 -4.73 -4.16 -1.46
CA SER A 12 -5.31 -4.56 -0.18
C SER A 12 -4.37 -4.23 0.99
N PHE A 13 -3.09 -4.58 0.84
CA PHE A 13 -2.03 -4.27 1.79
C PHE A 13 -1.69 -2.78 1.98
N VAL A 14 -1.65 -2.00 0.89
CA VAL A 14 -1.44 -0.54 0.91
C VAL A 14 -2.65 0.16 1.53
N ALA A 15 -3.89 -0.24 1.21
CA ALA A 15 -5.10 0.33 1.79
C ALA A 15 -5.14 0.19 3.32
N ARG A 16 -4.65 -0.95 3.84
CA ARG A 16 -4.53 -1.23 5.28
C ARG A 16 -3.36 -0.49 5.96
N ASN A 17 -2.18 -0.50 5.35
CA ASN A 17 -0.93 0.03 5.95
C ASN A 17 -0.58 1.49 5.62
N GLY A 18 -1.31 2.14 4.70
CA GLY A 18 -1.18 3.56 4.35
C GLY A 18 -0.22 3.85 3.17
N PRO A 19 -0.12 5.13 2.73
CA PRO A 19 0.64 5.53 1.54
C PRO A 19 2.16 5.38 1.69
N GLU A 20 2.68 5.30 2.91
CA GLU A 20 4.10 4.95 3.14
C GLU A 20 4.42 3.50 2.68
N PHE A 21 3.43 2.60 2.71
CA PHE A 21 3.59 1.20 2.30
C PHE A 21 3.70 1.16 0.75
N GLU A 22 2.99 2.05 0.02
CA GLU A 22 3.15 2.24 -1.42
C GLU A 22 4.58 2.71 -1.75
N ALA A 23 5.06 3.74 -1.05
CA ALA A 23 6.41 4.27 -1.23
C ALA A 23 7.51 3.22 -0.92
N ARG A 24 7.31 2.41 0.11
CA ARG A 24 8.20 1.30 0.49
C ARG A 24 8.39 0.30 -0.64
N ILE A 25 7.30 -0.24 -1.19
CA ILE A 25 7.35 -1.20 -2.31
C ILE A 25 7.88 -0.52 -3.57
N ARG A 26 7.42 0.70 -3.88
CA ARG A 26 7.87 1.47 -5.05
C ARG A 26 9.38 1.72 -5.04
N GLN A 27 9.99 2.00 -3.89
CA GLN A 27 11.43 2.21 -3.79
C GLN A 27 12.24 0.91 -3.83
N ASN A 28 11.78 -0.14 -3.13
CA ASN A 28 12.47 -1.43 -3.06
C ASN A 28 12.43 -2.22 -4.39
N GLU A 29 11.32 -2.14 -5.12
CA GLU A 29 11.05 -2.87 -6.37
C GLU A 29 10.98 -1.92 -7.58
N ILE A 30 11.69 -0.79 -7.53
CA ILE A 30 11.56 0.33 -8.50
C ILE A 30 11.88 -0.07 -9.96
N ASN A 31 12.78 -1.03 -10.16
CA ASN A 31 13.17 -1.56 -11.47
C ASN A 31 12.45 -2.88 -11.84
N ASN A 32 11.65 -3.44 -10.93
CA ASN A 32 10.98 -4.73 -11.11
C ASN A 32 9.81 -4.60 -12.11
N PRO A 33 9.75 -5.39 -13.20
CA PRO A 33 8.70 -5.28 -14.21
C PRO A 33 7.30 -5.58 -13.66
N LYS A 34 7.18 -6.42 -12.62
CA LYS A 34 5.89 -6.75 -11.98
C LYS A 34 5.31 -5.60 -11.16
N PHE A 35 6.17 -4.83 -10.48
CA PHE A 35 5.80 -3.75 -9.56
C PHE A 35 5.68 -2.33 -10.14
N ASN A 36 5.94 -2.17 -11.43
CA ASN A 36 5.89 -0.88 -12.14
C ASN A 36 4.55 -0.15 -12.07
N PHE A 37 3.44 -0.82 -11.74
CA PHE A 37 2.11 -0.22 -11.59
C PHE A 37 2.01 0.85 -10.48
N LEU A 38 2.96 0.88 -9.53
CA LEU A 38 3.04 1.93 -8.50
C LEU A 38 3.49 3.28 -9.08
N ASN A 39 4.12 3.30 -10.26
CA ASN A 39 4.41 4.52 -11.01
C ASN A 39 3.13 5.07 -11.69
N PRO A 40 2.90 6.39 -11.71
CA PRO A 40 1.66 6.99 -12.22
C PRO A 40 1.46 6.86 -13.75
N ASN A 41 2.49 6.51 -14.51
CA ASN A 41 2.45 6.37 -15.97
C ASN A 41 1.82 5.06 -16.48
N ASP A 42 1.64 4.04 -15.62
CA ASP A 42 1.17 2.71 -16.05
C ASP A 42 -0.35 2.55 -16.28
N PRO A 43 -0.80 1.72 -17.24
CA PRO A 43 -2.22 1.38 -17.41
C PRO A 43 -2.80 0.73 -16.15
N TYR A 44 -2.00 -0.11 -15.49
CA TYR A 44 -2.36 -0.71 -14.19
C TYR A 44 -2.53 0.24 -13.01
N HIS A 45 -1.96 1.45 -13.07
CA HIS A 45 -2.02 2.41 -11.96
C HIS A 45 -3.47 2.85 -11.66
N ALA A 46 -4.29 3.05 -12.70
CA ALA A 46 -5.70 3.42 -12.53
C ALA A 46 -6.50 2.31 -11.80
N TYR A 47 -6.30 1.05 -12.20
CA TYR A 47 -6.88 -0.10 -11.49
C TYR A 47 -6.38 -0.25 -10.06
N TYR A 48 -5.06 -0.15 -9.88
CA TYR A 48 -4.39 -0.14 -8.59
C TYR A 48 -4.91 0.88 -7.58
N ARG A 49 -4.92 2.16 -7.96
CA ARG A 49 -5.40 3.27 -7.14
C ARG A 49 -6.91 3.16 -6.84
N HIS A 50 -7.71 2.68 -7.79
CA HIS A 50 -9.12 2.39 -7.57
C HIS A 50 -9.30 1.26 -6.55
N LYS A 51 -8.51 0.18 -6.66
CA LYS A 51 -8.52 -0.93 -5.72
C LYS A 51 -8.13 -0.52 -4.30
N VAL A 52 -7.18 0.39 -4.13
CA VAL A 52 -6.79 0.91 -2.79
C VAL A 52 -8.00 1.61 -2.15
N SER A 53 -8.67 2.49 -2.90
CA SER A 53 -9.89 3.19 -2.46
C SER A 53 -11.02 2.22 -2.12
N GLU A 54 -11.20 1.18 -2.94
CA GLU A 54 -12.19 0.12 -2.72
C GLU A 54 -11.88 -0.73 -1.47
N PHE A 55 -10.62 -1.07 -1.25
CA PHE A 55 -10.15 -1.69 -0.02
C PHE A 55 -10.24 -0.85 1.26
N LYS A 56 -10.11 0.48 1.12
CA LYS A 56 -10.28 1.47 2.20
C LYS A 56 -11.74 1.66 2.62
N GLU A 57 -12.62 1.96 1.66
CA GLU A 57 -14.00 2.39 1.89
C GLU A 57 -15.05 1.26 1.81
N GLY A 58 -14.71 0.12 1.20
CA GLY A 58 -15.67 -0.94 0.86
C GLY A 58 -16.73 -0.44 -0.13
N LYS A 59 -17.94 -1.01 -0.06
CA LYS A 59 -19.12 -0.57 -0.85
C LYS A 59 -19.93 0.56 -0.18
N ALA A 60 -19.51 1.01 1.00
CA ALA A 60 -20.14 2.09 1.78
C ALA A 60 -19.75 3.53 1.33
N GLN A 61 -19.22 3.69 0.11
CA GLN A 61 -18.75 4.96 -0.44
C GLN A 61 -19.86 6.02 -0.56
N GLU A 62 -19.55 7.27 -0.19
CA GLU A 62 -20.42 8.44 -0.41
C GLU A 62 -20.39 8.86 -1.89
N PRO A 63 -21.54 9.18 -2.53
CA PRO A 63 -21.58 9.64 -3.93
C PRO A 63 -20.87 10.98 -4.13
N SER A 64 -20.26 11.16 -5.31
CA SER A 64 -19.46 12.36 -5.65
C SER A 64 -20.30 13.64 -5.83
N SER A 65 -21.57 13.51 -6.25
CA SER A 65 -22.46 14.62 -6.63
C SER A 65 -21.84 15.55 -7.69
N GLY A 66 -21.10 14.96 -8.64
CA GLY A 66 -20.31 15.69 -9.65
C GLY A 66 -18.96 16.16 -9.10
N SER A 67 -18.65 17.46 -9.23
CA SER A 67 -17.41 18.09 -8.75
C SER A 67 -17.63 19.57 -8.41
N SER A 68 -16.76 20.15 -7.57
CA SER A 68 -16.81 21.55 -7.14
C SER A 68 -16.47 22.56 -8.26
N GLY A 69 -16.93 23.80 -8.10
CA GLY A 69 -16.71 24.90 -9.05
C GLY A 69 -15.26 25.41 -9.07
N SER A 70 -14.85 26.00 -10.21
CA SER A 70 -13.51 26.57 -10.43
C SER A 70 -13.25 27.83 -9.59
N SER A 71 -11.97 28.10 -9.31
CA SER A 71 -11.47 29.25 -8.52
C SER A 71 -12.00 29.30 -7.06
N GLY A 72 -11.70 30.36 -6.33
CA GLY A 72 -12.09 30.61 -4.92
C GLY A 72 -11.28 29.82 -3.89
N SER A 73 -11.04 28.53 -4.12
CA SER A 73 -10.18 27.67 -3.31
C SER A 73 -8.68 28.01 -3.45
N SER A 74 -7.90 27.80 -2.39
CA SER A 74 -6.45 28.05 -2.35
C SER A 74 -5.73 27.18 -1.30
N GLY A 75 -4.41 26.99 -1.49
CA GLY A 75 -3.55 26.22 -0.57
C GLY A 75 -3.13 26.99 0.69
N SER A 76 -2.38 26.30 1.57
CA SER A 76 -1.82 26.86 2.81
C SER A 76 -0.51 26.16 3.22
N SER A 77 0.42 26.92 3.81
CA SER A 77 1.67 26.42 4.39
C SER A 77 1.48 25.75 5.77
N GLY A 78 0.29 25.85 6.37
CA GLY A 78 -0.06 25.34 7.71
C GLY A 78 -0.23 23.81 7.81
N GLN A 79 0.52 23.04 7.02
CA GLN A 79 0.47 21.57 6.97
C GLN A 79 1.09 20.90 8.21
N ARG A 80 0.70 19.65 8.48
CA ARG A 80 1.30 18.79 9.53
C ARG A 80 2.79 18.46 9.23
N PRO A 81 3.63 18.21 10.25
CA PRO A 81 5.03 17.85 10.05
C PRO A 81 5.20 16.50 9.32
N GLY A 82 6.22 16.42 8.45
CA GLY A 82 6.53 15.27 7.60
C GLY A 82 7.73 14.42 8.06
N ASP A 83 8.22 14.60 9.29
CA ASP A 83 9.43 13.95 9.80
C ASP A 83 9.40 12.39 9.86
N PRO A 84 10.54 11.70 9.65
CA PRO A 84 10.60 10.23 9.68
C PRO A 84 10.18 9.58 11.00
N GLN A 85 9.54 8.42 10.93
CA GLN A 85 9.23 7.57 12.08
C GLN A 85 10.47 6.79 12.58
N SER A 86 10.55 6.51 13.88
CA SER A 86 11.66 5.81 14.53
C SER A 86 11.24 4.79 15.62
N ALA A 87 9.96 4.79 16.03
CA ALA A 87 9.41 3.85 17.00
C ALA A 87 9.23 2.42 16.44
N GLN A 88 8.92 1.47 17.33
CA GLN A 88 8.71 0.04 17.02
C GLN A 88 7.45 -0.24 16.18
N ASP A 89 6.55 0.72 15.97
CA ASP A 89 5.38 0.56 15.10
C ASP A 89 5.68 0.21 13.62
N LYS A 90 6.90 0.51 13.15
CA LYS A 90 7.42 0.06 11.84
C LYS A 90 7.43 -1.47 11.72
N ALA A 91 7.61 -2.20 12.83
CA ALA A 91 7.56 -3.67 12.84
C ALA A 91 6.24 -4.25 12.30
N ARG A 92 5.13 -3.49 12.40
CA ARG A 92 3.83 -3.85 11.81
C ARG A 92 3.89 -3.83 10.29
N MET A 93 4.38 -2.75 9.68
CA MET A 93 4.58 -2.71 8.22
C MET A 93 5.72 -3.61 7.74
N ASP A 94 6.75 -3.86 8.54
CA ASP A 94 7.82 -4.81 8.21
C ASP A 94 7.27 -6.23 7.97
N LYS A 95 6.47 -6.74 8.91
CA LYS A 95 5.87 -8.07 8.78
C LYS A 95 4.72 -8.11 7.76
N GLU A 96 3.93 -7.05 7.60
CA GLU A 96 2.96 -6.95 6.50
C GLU A 96 3.63 -6.99 5.12
N TYR A 97 4.79 -6.34 4.97
CA TYR A 97 5.58 -6.35 3.74
C TYR A 97 6.15 -7.73 3.41
N LEU A 98 6.73 -8.40 4.42
CA LEU A 98 7.15 -9.80 4.33
C LEU A 98 5.99 -10.72 3.97
N SER A 99 4.80 -10.49 4.56
CA SER A 99 3.60 -11.30 4.34
C SER A 99 3.02 -11.10 2.93
N LEU A 100 3.06 -9.88 2.38
CA LEU A 100 2.66 -9.61 0.99
C LEU A 100 3.55 -10.40 0.03
N MET A 101 4.87 -10.27 0.17
CA MET A 101 5.82 -10.96 -0.71
C MET A 101 5.70 -12.49 -0.61
N ALA A 102 5.55 -13.03 0.61
CA ALA A 102 5.35 -14.46 0.84
C ALA A 102 4.04 -14.99 0.22
N GLU A 103 2.94 -14.23 0.30
CA GLU A 103 1.65 -14.59 -0.31
C GLU A 103 1.66 -14.54 -1.85
N LEU A 104 2.45 -13.64 -2.44
CA LEU A 104 2.72 -13.59 -3.89
C LEU A 104 3.71 -14.67 -4.36
N GLY A 105 4.44 -15.31 -3.43
CA GLY A 105 5.51 -16.27 -3.72
C GLY A 105 6.81 -15.63 -4.19
N GLU A 106 6.99 -14.33 -3.92
CA GLU A 106 8.12 -13.51 -4.37
C GLU A 106 9.25 -13.43 -3.32
N ALA A 107 10.51 -13.49 -3.78
CA ALA A 107 11.69 -13.20 -2.97
C ALA A 107 11.94 -11.67 -2.85
N PRO A 108 12.45 -11.16 -1.72
CA PRO A 108 12.85 -9.76 -1.58
C PRO A 108 14.07 -9.41 -2.46
N VAL A 109 14.23 -8.13 -2.78
CA VAL A 109 15.37 -7.61 -3.58
C VAL A 109 16.74 -7.89 -2.94
N PRO A 110 17.78 -8.31 -3.71
CA PRO A 110 19.14 -8.48 -3.19
C PRO A 110 19.77 -7.19 -2.63
N ALA A 111 20.72 -7.33 -1.72
CA ALA A 111 21.48 -6.26 -1.06
C ALA A 111 22.91 -6.70 -0.68
N GLY A 1 1.13 -16.77 -12.25
CA GLY A 1 0.82 -15.46 -11.64
C GLY A 1 0.52 -14.40 -12.69
N GLU A 2 -0.13 -13.31 -12.29
CA GLU A 2 -0.50 -12.17 -13.15
C GLU A 2 -0.35 -10.83 -12.44
N VAL A 3 -0.02 -9.75 -13.18
CA VAL A 3 0.11 -8.40 -12.61
C VAL A 3 -1.21 -7.94 -11.98
N ARG A 4 -2.37 -8.28 -12.57
CA ARG A 4 -3.70 -7.97 -12.00
C ARG A 4 -3.91 -8.55 -10.59
N ASN A 5 -3.38 -9.75 -10.33
CA ASN A 5 -3.42 -10.40 -9.02
C ASN A 5 -2.43 -9.76 -8.03
N ILE A 6 -1.23 -9.39 -8.49
CA ILE A 6 -0.23 -8.65 -7.69
C ILE A 6 -0.80 -7.28 -7.28
N VAL A 7 -1.44 -6.56 -8.22
CA VAL A 7 -2.11 -5.28 -7.99
C VAL A 7 -3.20 -5.43 -6.94
N ASP A 8 -4.10 -6.40 -7.09
CA ASP A 8 -5.17 -6.68 -6.11
C ASP A 8 -4.69 -6.89 -4.67
N LYS A 9 -3.70 -7.77 -4.49
CA LYS A 9 -3.13 -8.05 -3.17
C LYS A 9 -2.35 -6.85 -2.62
N THR A 10 -1.51 -6.20 -3.44
CA THR A 10 -0.78 -4.99 -3.03
C THR A 10 -1.72 -3.86 -2.62
N ALA A 11 -2.79 -3.62 -3.39
CA ALA A 11 -3.81 -2.62 -3.06
C ALA A 11 -4.50 -2.91 -1.72
N SER A 12 -4.78 -4.19 -1.41
CA SER A 12 -5.38 -4.61 -0.14
C SER A 12 -4.43 -4.32 1.03
N PHE A 13 -3.16 -4.69 0.89
CA PHE A 13 -2.10 -4.41 1.86
C PHE A 13 -1.75 -2.93 2.09
N VAL A 14 -1.74 -2.11 1.03
CA VAL A 14 -1.52 -0.65 1.09
C VAL A 14 -2.73 0.05 1.73
N ALA A 15 -3.96 -0.29 1.33
CA ALA A 15 -5.19 0.27 1.90
C ALA A 15 -5.30 -0.01 3.41
N ARG A 16 -4.86 -1.20 3.85
CA ARG A 16 -4.77 -1.63 5.25
C ARG A 16 -3.73 -0.87 6.05
N ASN A 17 -2.48 -0.86 5.56
CA ASN A 17 -1.31 -0.37 6.30
C ASN A 17 -0.97 1.13 6.15
N GLY A 18 -1.51 1.82 5.14
CA GLY A 18 -1.35 3.26 4.91
C GLY A 18 -0.41 3.63 3.75
N PRO A 19 -0.31 4.93 3.38
CA PRO A 19 0.39 5.39 2.17
C PRO A 19 1.90 5.12 2.16
N GLU A 20 2.55 5.08 3.32
CA GLU A 20 3.97 4.75 3.43
C GLU A 20 4.27 3.28 3.05
N PHE A 21 3.27 2.40 3.11
CA PHE A 21 3.41 0.99 2.70
C PHE A 21 3.63 0.93 1.17
N GLU A 22 2.99 1.83 0.40
CA GLU A 22 3.25 1.97 -1.05
C GLU A 22 4.69 2.44 -1.30
N ALA A 23 5.15 3.45 -0.57
CA ALA A 23 6.51 3.98 -0.72
C ALA A 23 7.59 2.92 -0.41
N ARG A 24 7.36 2.05 0.59
CA ARG A 24 8.24 0.91 0.92
C ARG A 24 8.45 -0.01 -0.28
N ILE A 25 7.35 -0.42 -0.94
CA ILE A 25 7.40 -1.28 -2.13
C ILE A 25 7.97 -0.52 -3.33
N ARG A 26 7.50 0.70 -3.60
CA ARG A 26 7.93 1.51 -4.74
C ARG A 26 9.44 1.78 -4.74
N GLN A 27 10.05 2.03 -3.59
CA GLN A 27 11.50 2.23 -3.52
C GLN A 27 12.29 0.93 -3.68
N ASN A 28 11.84 -0.17 -3.05
CA ASN A 28 12.52 -1.48 -3.10
C ASN A 28 12.45 -2.16 -4.48
N GLU A 29 11.32 -2.00 -5.18
CA GLU A 29 11.01 -2.66 -6.45
C GLU A 29 10.88 -1.67 -7.63
N ILE A 30 11.60 -0.54 -7.56
CA ILE A 30 11.43 0.61 -8.46
C ILE A 30 11.67 0.28 -9.95
N ASN A 31 12.57 -0.68 -10.24
CA ASN A 31 12.89 -1.15 -11.59
C ASN A 31 12.19 -2.48 -11.97
N ASN A 32 11.44 -3.08 -11.04
CA ASN A 32 10.81 -4.40 -11.24
C ASN A 32 9.63 -4.31 -12.22
N PRO A 33 9.58 -5.11 -13.30
CA PRO A 33 8.52 -5.05 -14.30
C PRO A 33 7.12 -5.38 -13.75
N LYS A 34 7.03 -6.21 -12.69
CA LYS A 34 5.77 -6.56 -12.04
C LYS A 34 5.19 -5.40 -11.23
N PHE A 35 6.05 -4.64 -10.53
CA PHE A 35 5.68 -3.55 -9.62
C PHE A 35 5.54 -2.13 -10.20
N ASN A 36 5.76 -1.98 -11.51
CA ASN A 36 5.69 -0.69 -12.21
C ASN A 36 4.33 0.03 -12.12
N PHE A 37 3.24 -0.65 -11.72
CA PHE A 37 1.93 -0.03 -11.51
C PHE A 37 1.89 1.06 -10.41
N LEU A 38 2.89 1.09 -9.51
CA LEU A 38 3.03 2.14 -8.51
C LEU A 38 3.52 3.47 -9.12
N ASN A 39 4.10 3.44 -10.33
CA ASN A 39 4.40 4.63 -11.14
C ASN A 39 3.15 5.08 -11.93
N PRO A 40 2.90 6.39 -12.08
CA PRO A 40 1.65 6.91 -12.66
C PRO A 40 1.47 6.67 -14.17
N ASN A 41 2.53 6.25 -14.88
CA ASN A 41 2.52 6.05 -16.34
C ASN A 41 1.83 4.74 -16.81
N ASP A 42 1.63 3.75 -15.92
CA ASP A 42 1.09 2.42 -16.28
C ASP A 42 -0.44 2.33 -16.48
N PRO A 43 -0.94 1.46 -17.39
CA PRO A 43 -2.37 1.16 -17.48
C PRO A 43 -2.92 0.56 -16.18
N TYR A 44 -2.12 -0.27 -15.51
CA TYR A 44 -2.43 -0.80 -14.18
C TYR A 44 -2.55 0.19 -13.03
N HIS A 45 -1.97 1.39 -13.16
CA HIS A 45 -1.99 2.40 -12.11
C HIS A 45 -3.43 2.86 -11.78
N ALA A 46 -4.27 3.05 -12.80
CA ALA A 46 -5.68 3.41 -12.62
C ALA A 46 -6.45 2.33 -11.83
N TYR A 47 -6.31 1.06 -12.23
CA TYR A 47 -6.88 -0.08 -11.50
C TYR A 47 -6.37 -0.21 -10.06
N TYR A 48 -5.04 -0.10 -9.88
CA TYR A 48 -4.39 -0.05 -8.58
C TYR A 48 -4.93 1.02 -7.61
N ARG A 49 -4.95 2.28 -8.06
CA ARG A 49 -5.45 3.44 -7.33
C ARG A 49 -6.94 3.29 -6.95
N HIS A 50 -7.74 2.76 -7.86
CA HIS A 50 -9.15 2.45 -7.61
C HIS A 50 -9.31 1.33 -6.58
N LYS A 51 -8.52 0.25 -6.70
CA LYS A 51 -8.54 -0.87 -5.74
C LYS A 51 -8.16 -0.47 -4.33
N VAL A 52 -7.18 0.42 -4.16
CA VAL A 52 -6.79 0.94 -2.83
C VAL A 52 -7.97 1.68 -2.20
N SER A 53 -8.61 2.56 -2.97
CA SER A 53 -9.79 3.32 -2.54
C SER A 53 -10.98 2.40 -2.21
N GLU A 54 -11.19 1.36 -3.00
CA GLU A 54 -12.21 0.33 -2.75
C GLU A 54 -11.92 -0.51 -1.51
N PHE A 55 -10.67 -0.92 -1.30
CA PHE A 55 -10.21 -1.57 -0.08
C PHE A 55 -10.30 -0.74 1.21
N LYS A 56 -10.12 0.58 1.08
CA LYS A 56 -10.33 1.57 2.16
C LYS A 56 -11.81 1.77 2.54
N GLU A 57 -12.66 2.08 1.56
CA GLU A 57 -14.06 2.46 1.79
C GLU A 57 -15.07 1.30 1.81
N GLY A 58 -14.78 0.21 1.11
CA GLY A 58 -15.70 -0.92 0.88
C GLY A 58 -16.78 -0.69 -0.19
N LYS A 59 -16.90 0.54 -0.72
CA LYS A 59 -17.85 0.97 -1.76
C LYS A 59 -17.39 2.28 -2.43
N ALA A 60 -18.03 2.66 -3.54
CA ALA A 60 -17.90 3.96 -4.19
C ALA A 60 -19.23 4.38 -4.86
N GLN A 61 -19.66 5.63 -4.63
CA GLN A 61 -20.91 6.17 -5.21
C GLN A 61 -20.74 6.58 -6.68
N GLU A 62 -19.61 7.19 -7.02
CA GLU A 62 -19.20 7.53 -8.38
C GLU A 62 -18.39 6.37 -9.04
N PRO A 63 -18.31 6.30 -10.39
CA PRO A 63 -17.56 5.23 -11.08
C PRO A 63 -16.04 5.23 -10.78
N SER A 64 -15.45 6.40 -10.50
CA SER A 64 -14.03 6.62 -10.23
C SER A 64 -13.12 6.02 -11.31
N SER A 65 -12.42 4.90 -11.04
CA SER A 65 -11.58 4.11 -11.94
C SER A 65 -10.34 4.83 -12.51
N GLY A 66 -10.51 5.86 -13.34
CA GLY A 66 -9.43 6.50 -14.11
C GLY A 66 -8.33 7.16 -13.27
N SER A 67 -8.66 7.64 -12.06
CA SER A 67 -7.73 8.11 -11.02
C SER A 67 -6.77 9.25 -11.44
N SER A 68 -7.11 9.99 -12.50
CA SER A 68 -6.29 11.07 -13.07
C SER A 68 -6.30 12.36 -12.24
N GLY A 69 -5.27 13.19 -12.38
CA GLY A 69 -5.10 14.48 -11.71
C GLY A 69 -4.56 14.41 -10.27
N SER A 70 -4.02 15.54 -9.79
CA SER A 70 -3.42 15.69 -8.46
C SER A 70 -3.48 17.15 -7.96
N SER A 71 -4.59 17.84 -8.24
CA SER A 71 -4.81 19.25 -7.87
C SER A 71 -4.89 19.46 -6.35
N GLY A 72 -4.40 20.61 -5.86
CA GLY A 72 -4.35 20.95 -4.44
C GLY A 72 -3.62 22.28 -4.15
N SER A 73 -3.22 22.48 -2.90
CA SER A 73 -2.45 23.66 -2.44
C SER A 73 -1.04 23.71 -3.07
N SER A 74 -0.45 24.91 -3.14
CA SER A 74 0.85 25.18 -3.78
C SER A 74 1.59 26.34 -3.09
N GLY A 75 2.89 26.50 -3.38
CA GLY A 75 3.77 27.54 -2.82
C GLY A 75 4.45 27.18 -1.49
N SER A 76 4.16 26.00 -0.92
CA SER A 76 4.82 25.42 0.27
C SER A 76 4.81 26.30 1.54
N SER A 77 3.78 27.14 1.70
CA SER A 77 3.60 28.05 2.85
C SER A 77 3.21 27.36 4.16
N GLY A 78 2.73 26.11 4.10
CA GLY A 78 2.41 25.25 5.24
C GLY A 78 3.64 24.54 5.84
N GLN A 79 3.46 23.28 6.26
CA GLN A 79 4.52 22.42 6.81
C GLN A 79 5.66 22.20 5.80
N ARG A 80 6.91 22.52 6.19
CA ARG A 80 8.12 22.27 5.40
C ARG A 80 8.36 20.76 5.16
N PRO A 81 8.80 20.33 3.96
CA PRO A 81 9.26 18.96 3.73
C PRO A 81 10.42 18.54 4.65
N GLY A 82 10.58 17.22 4.84
CA GLY A 82 11.63 16.62 5.66
C GLY A 82 11.63 15.09 5.63
N ASP A 83 12.53 14.47 6.40
CA ASP A 83 12.66 13.00 6.50
C ASP A 83 11.47 12.24 7.13
N PRO A 84 11.22 10.98 6.73
CA PRO A 84 10.12 10.17 7.25
C PRO A 84 10.36 9.67 8.69
N GLN A 85 9.29 9.17 9.33
CA GLN A 85 9.32 8.60 10.68
C GLN A 85 10.14 7.29 10.77
N SER A 86 10.65 7.00 11.98
CA SER A 86 11.47 5.81 12.31
C SER A 86 11.03 5.13 13.62
N ALA A 87 9.74 5.23 13.96
CA ALA A 87 9.15 4.67 15.18
C ALA A 87 9.01 3.13 15.14
N GLN A 88 8.76 2.51 16.29
CA GLN A 88 8.49 1.07 16.40
C GLN A 88 7.25 0.61 15.63
N ASP A 89 6.34 1.52 15.26
CA ASP A 89 5.22 1.25 14.35
C ASP A 89 5.66 0.78 12.95
N LYS A 90 6.92 1.07 12.54
CA LYS A 90 7.53 0.51 11.32
C LYS A 90 7.54 -1.03 11.30
N ALA A 91 7.62 -1.69 12.47
CA ALA A 91 7.60 -3.14 12.58
C ALA A 91 6.31 -3.78 12.00
N ARG A 92 5.17 -3.07 12.08
CA ARG A 92 3.88 -3.48 11.50
C ARG A 92 3.96 -3.58 9.98
N MET A 93 4.39 -2.52 9.31
CA MET A 93 4.57 -2.51 7.84
C MET A 93 5.72 -3.41 7.38
N ASP A 94 6.79 -3.55 8.16
CA ASP A 94 7.87 -4.50 7.86
C ASP A 94 7.41 -5.96 7.77
N LYS A 95 6.67 -6.45 8.78
CA LYS A 95 6.14 -7.81 8.76
C LYS A 95 5.02 -8.00 7.73
N GLU A 96 4.11 -7.03 7.59
CA GLU A 96 3.07 -7.07 6.55
C GLU A 96 3.67 -7.08 5.12
N TYR A 97 4.80 -6.41 4.92
CA TYR A 97 5.57 -6.48 3.67
C TYR A 97 6.13 -7.87 3.36
N LEU A 98 6.75 -8.50 4.37
CA LEU A 98 7.19 -9.90 4.29
C LEU A 98 6.01 -10.83 3.96
N SER A 99 4.84 -10.61 4.58
CA SER A 99 3.62 -11.38 4.34
C SER A 99 3.06 -11.19 2.93
N LEU A 100 3.09 -9.96 2.38
CA LEU A 100 2.68 -9.70 1.00
C LEU A 100 3.57 -10.46 0.02
N MET A 101 4.90 -10.32 0.14
CA MET A 101 5.86 -10.96 -0.75
C MET A 101 5.79 -12.49 -0.67
N ALA A 102 5.61 -13.05 0.53
CA ALA A 102 5.42 -14.49 0.74
C ALA A 102 4.13 -15.02 0.10
N GLU A 103 3.02 -14.27 0.17
CA GLU A 103 1.75 -14.63 -0.46
C GLU A 103 1.77 -14.53 -2.00
N LEU A 104 2.54 -13.59 -2.55
CA LEU A 104 2.80 -13.49 -3.99
C LEU A 104 3.83 -14.53 -4.49
N GLY A 105 4.57 -15.18 -3.58
CA GLY A 105 5.60 -16.17 -3.88
C GLY A 105 6.94 -15.57 -4.34
N GLU A 106 7.17 -14.28 -4.05
CA GLU A 106 8.38 -13.55 -4.42
C GLU A 106 9.56 -13.90 -3.48
N ALA A 107 10.61 -14.49 -4.06
CA ALA A 107 11.79 -14.97 -3.34
C ALA A 107 12.84 -13.87 -3.07
N PRO A 108 13.64 -13.98 -1.98
CA PRO A 108 14.81 -13.13 -1.75
C PRO A 108 15.95 -13.41 -2.74
N VAL A 109 16.95 -12.53 -2.77
CA VAL A 109 18.14 -12.62 -3.64
C VAL A 109 19.43 -12.13 -2.95
N PRO A 110 20.61 -12.76 -3.16
CA PRO A 110 21.88 -12.28 -2.61
C PRO A 110 22.29 -10.88 -3.10
N ALA A 111 23.12 -10.20 -2.29
CA ALA A 111 23.66 -8.85 -2.55
C ALA A 111 25.07 -8.66 -1.93
N GLY A 1 -0.38 -12.48 -17.76
CA GLY A 1 0.62 -12.06 -16.75
C GLY A 1 -0.01 -11.85 -15.38
N GLU A 2 0.75 -12.10 -14.31
CA GLU A 2 0.25 -12.06 -12.91
C GLU A 2 0.00 -10.67 -12.33
N VAL A 3 0.34 -9.60 -13.06
CA VAL A 3 0.23 -8.21 -12.59
C VAL A 3 -1.16 -7.83 -12.08
N ARG A 4 -2.24 -8.29 -12.72
CA ARG A 4 -3.62 -8.07 -12.26
C ARG A 4 -3.87 -8.61 -10.84
N ASN A 5 -3.33 -9.79 -10.52
CA ASN A 5 -3.39 -10.41 -9.20
C ASN A 5 -2.44 -9.74 -8.18
N ILE A 6 -1.24 -9.38 -8.60
CA ILE A 6 -0.26 -8.67 -7.76
C ILE A 6 -0.80 -7.28 -7.35
N VAL A 7 -1.42 -6.55 -8.29
CA VAL A 7 -2.07 -5.26 -8.05
C VAL A 7 -3.20 -5.44 -7.02
N ASP A 8 -4.08 -6.42 -7.20
CA ASP A 8 -5.15 -6.71 -6.24
C ASP A 8 -4.70 -6.94 -4.79
N LYS A 9 -3.72 -7.84 -4.60
CA LYS A 9 -3.16 -8.12 -3.28
C LYS A 9 -2.38 -6.93 -2.71
N THR A 10 -1.54 -6.28 -3.51
CA THR A 10 -0.79 -5.07 -3.09
C THR A 10 -1.73 -3.95 -2.66
N ALA A 11 -2.81 -3.69 -3.42
CA ALA A 11 -3.82 -2.70 -3.08
C ALA A 11 -4.53 -3.03 -1.76
N SER A 12 -4.81 -4.31 -1.49
CA SER A 12 -5.44 -4.77 -0.25
C SER A 12 -4.53 -4.54 0.96
N PHE A 13 -3.22 -4.72 0.79
CA PHE A 13 -2.18 -4.43 1.79
C PHE A 13 -1.83 -2.95 2.02
N VAL A 14 -1.73 -2.15 0.96
CA VAL A 14 -1.51 -0.69 1.01
C VAL A 14 -2.72 0.00 1.65
N ALA A 15 -3.96 -0.39 1.30
CA ALA A 15 -5.16 0.16 1.93
C ALA A 15 -5.23 -0.09 3.44
N ARG A 16 -4.63 -1.19 3.92
CA ARG A 16 -4.52 -1.59 5.33
C ARG A 16 -3.34 -0.94 6.09
N ASN A 17 -2.25 -0.59 5.40
CA ASN A 17 -1.00 -0.07 6.00
C ASN A 17 -0.67 1.41 5.70
N GLY A 18 -1.39 2.06 4.79
CA GLY A 18 -1.22 3.48 4.41
C GLY A 18 -0.25 3.73 3.24
N PRO A 19 -0.13 4.99 2.76
CA PRO A 19 0.63 5.34 1.56
C PRO A 19 2.15 5.18 1.70
N GLU A 20 2.67 5.12 2.93
CA GLU A 20 4.09 4.79 3.17
C GLU A 20 4.40 3.31 2.84
N PHE A 21 3.40 2.42 2.88
CA PHE A 21 3.55 1.02 2.47
C PHE A 21 3.73 0.96 0.94
N GLU A 22 3.03 1.81 0.18
CA GLU A 22 3.26 1.98 -1.26
C GLU A 22 4.68 2.47 -1.53
N ALA A 23 5.16 3.47 -0.80
CA ALA A 23 6.53 3.98 -0.92
C ALA A 23 7.58 2.90 -0.59
N ARG A 24 7.34 2.06 0.42
CA ARG A 24 8.23 0.93 0.80
C ARG A 24 8.42 -0.04 -0.37
N ILE A 25 7.33 -0.46 -1.02
CA ILE A 25 7.38 -1.34 -2.19
C ILE A 25 7.97 -0.62 -3.41
N ARG A 26 7.51 0.60 -3.70
CA ARG A 26 7.98 1.38 -4.85
C ARG A 26 9.48 1.64 -4.82
N GLN A 27 10.08 1.90 -3.65
CA GLN A 27 11.52 2.12 -3.54
C GLN A 27 12.33 0.81 -3.68
N ASN A 28 11.85 -0.28 -3.07
CA ASN A 28 12.53 -1.58 -3.10
C ASN A 28 12.48 -2.27 -4.48
N GLU A 29 11.37 -2.11 -5.21
CA GLU A 29 11.06 -2.79 -6.47
C GLU A 29 10.95 -1.81 -7.66
N ILE A 30 11.68 -0.68 -7.59
CA ILE A 30 11.52 0.48 -8.51
C ILE A 30 11.76 0.14 -9.99
N ASN A 31 12.65 -0.83 -10.28
CA ASN A 31 12.98 -1.31 -11.63
C ASN A 31 12.28 -2.63 -12.00
N ASN A 32 11.53 -3.24 -11.07
CA ASN A 32 10.90 -4.56 -11.27
C ASN A 32 9.70 -4.46 -12.24
N PRO A 33 9.65 -5.24 -13.33
CA PRO A 33 8.57 -5.17 -14.32
C PRO A 33 7.19 -5.51 -13.73
N LYS A 34 7.11 -6.35 -12.68
CA LYS A 34 5.86 -6.70 -12.01
C LYS A 34 5.28 -5.55 -11.17
N PHE A 35 6.15 -4.72 -10.58
CA PHE A 35 5.79 -3.63 -9.64
C PHE A 35 5.67 -2.21 -10.19
N ASN A 36 5.90 -2.05 -11.51
CA ASN A 36 5.85 -0.75 -12.20
C ASN A 36 4.49 -0.03 -12.11
N PHE A 37 3.39 -0.73 -11.76
CA PHE A 37 2.06 -0.14 -11.59
C PHE A 37 1.97 0.93 -10.48
N LEU A 38 2.94 0.98 -9.55
CA LEU A 38 3.02 2.02 -8.52
C LEU A 38 3.47 3.37 -9.10
N ASN A 39 4.07 3.39 -10.30
CA ASN A 39 4.34 4.61 -11.06
C ASN A 39 3.07 5.12 -11.77
N PRO A 40 2.82 6.44 -11.83
CA PRO A 40 1.57 6.99 -12.37
C PRO A 40 1.37 6.84 -13.89
N ASN A 41 2.44 6.49 -14.63
CA ASN A 41 2.40 6.33 -16.09
C ASN A 41 1.78 5.00 -16.60
N ASP A 42 1.61 3.99 -15.73
CA ASP A 42 1.15 2.65 -16.12
C ASP A 42 -0.36 2.49 -16.35
N PRO A 43 -0.82 1.63 -17.30
CA PRO A 43 -2.24 1.29 -17.45
C PRO A 43 -2.82 0.65 -16.18
N TYR A 44 -2.03 -0.17 -15.49
CA TYR A 44 -2.39 -0.75 -14.20
C TYR A 44 -2.57 0.22 -13.03
N HIS A 45 -2.01 1.45 -13.12
CA HIS A 45 -2.08 2.44 -12.04
C HIS A 45 -3.52 2.87 -11.77
N ALA A 46 -4.35 3.05 -12.81
CA ALA A 46 -5.76 3.41 -12.67
C ALA A 46 -6.55 2.33 -11.91
N TYR A 47 -6.32 1.05 -12.24
CA TYR A 47 -6.88 -0.08 -11.51
C TYR A 47 -6.39 -0.19 -10.07
N TYR A 48 -5.07 -0.07 -9.88
CA TYR A 48 -4.41 -0.02 -8.58
C TYR A 48 -4.96 1.02 -7.59
N ARG A 49 -4.99 2.28 -8.03
CA ARG A 49 -5.50 3.42 -7.25
C ARG A 49 -6.97 3.27 -6.89
N HIS A 50 -7.79 2.74 -7.82
CA HIS A 50 -9.19 2.42 -7.56
C HIS A 50 -9.33 1.30 -6.54
N LYS A 51 -8.55 0.22 -6.67
CA LYS A 51 -8.57 -0.91 -5.73
C LYS A 51 -8.16 -0.52 -4.32
N VAL A 52 -7.20 0.38 -4.14
CA VAL A 52 -6.79 0.88 -2.81
C VAL A 52 -7.97 1.60 -2.14
N SER A 53 -8.61 2.51 -2.86
CA SER A 53 -9.81 3.25 -2.39
C SER A 53 -10.98 2.32 -2.06
N GLU A 54 -11.19 1.29 -2.89
CA GLU A 54 -12.21 0.28 -2.65
C GLU A 54 -11.89 -0.58 -1.43
N PHE A 55 -10.64 -0.99 -1.25
CA PHE A 55 -10.16 -1.66 -0.05
C PHE A 55 -10.18 -0.83 1.25
N LYS A 56 -9.96 0.49 1.12
CA LYS A 56 -10.05 1.49 2.21
C LYS A 56 -11.47 1.69 2.75
N GLU A 57 -12.48 1.38 1.94
CA GLU A 57 -13.90 1.31 2.36
C GLU A 57 -14.39 -0.12 2.65
N GLY A 58 -13.76 -1.15 2.08
CA GLY A 58 -14.20 -2.55 2.09
C GLY A 58 -13.57 -3.42 3.18
N LYS A 59 -12.31 -3.83 3.00
CA LYS A 59 -11.59 -4.75 3.93
C LYS A 59 -11.13 -4.08 5.23
N ALA A 60 -11.17 -2.74 5.28
CA ALA A 60 -10.91 -1.91 6.45
C ALA A 60 -11.80 -0.65 6.42
N GLN A 61 -11.93 0.04 7.56
CA GLN A 61 -12.65 1.30 7.73
C GLN A 61 -11.93 2.21 8.74
N GLU A 62 -12.12 3.53 8.62
CA GLU A 62 -11.63 4.52 9.59
C GLU A 62 -12.35 4.37 10.95
N PRO A 63 -11.63 4.38 12.11
CA PRO A 63 -12.25 4.23 13.43
C PRO A 63 -13.12 5.44 13.83
N SER A 64 -12.78 6.64 13.35
CA SER A 64 -13.63 7.85 13.47
C SER A 64 -14.78 7.78 12.45
N SER A 65 -16.02 7.88 12.93
CA SER A 65 -17.24 7.77 12.11
C SER A 65 -18.44 8.47 12.79
N GLY A 66 -19.49 8.78 12.02
CA GLY A 66 -20.72 9.43 12.47
C GLY A 66 -21.77 9.57 11.37
N SER A 67 -22.95 10.13 11.72
CA SER A 67 -24.08 10.34 10.80
C SER A 67 -23.83 11.56 9.89
N SER A 68 -22.98 11.38 8.86
CA SER A 68 -22.58 12.40 7.88
C SER A 68 -22.17 11.75 6.55
N GLY A 69 -22.10 12.55 5.48
CA GLY A 69 -21.79 12.11 4.11
C GLY A 69 -22.96 11.40 3.41
N SER A 70 -22.64 10.63 2.37
CA SER A 70 -23.61 9.88 1.55
C SER A 70 -24.29 8.70 2.28
N SER A 71 -25.49 8.34 1.82
CA SER A 71 -26.27 7.18 2.29
C SER A 71 -25.71 5.83 1.82
N GLY A 72 -26.23 4.72 2.36
CA GLY A 72 -25.85 3.36 1.97
C GLY A 72 -24.54 2.84 2.59
N SER A 73 -24.16 3.36 3.77
CA SER A 73 -22.96 2.97 4.52
C SER A 73 -23.24 2.93 6.04
N SER A 74 -22.60 1.99 6.75
CA SER A 74 -22.75 1.73 8.19
C SER A 74 -21.54 0.96 8.75
N GLY A 75 -21.41 0.89 10.08
CA GLY A 75 -20.33 0.17 10.77
C GLY A 75 -20.60 -0.09 12.26
N SER A 76 -19.80 -0.96 12.86
CA SER A 76 -19.91 -1.38 14.26
C SER A 76 -19.61 -0.26 15.28
N SER A 77 -20.11 -0.41 16.51
CA SER A 77 -19.88 0.51 17.63
C SER A 77 -18.40 0.63 18.03
N GLY A 78 -18.02 1.77 18.60
CA GLY A 78 -16.65 2.05 19.06
C GLY A 78 -16.19 1.22 20.26
N GLN A 79 -14.87 1.17 20.47
CA GLN A 79 -14.18 0.41 21.53
C GLN A 79 -13.04 1.23 22.17
N ARG A 80 -12.49 0.75 23.29
CA ARG A 80 -11.38 1.41 24.02
C ARG A 80 -10.11 1.58 23.13
N PRO A 81 -9.34 2.67 23.30
CA PRO A 81 -8.19 2.97 22.44
C PRO A 81 -6.97 2.07 22.67
N GLY A 82 -6.83 1.46 23.86
CA GLY A 82 -5.65 0.68 24.25
C GLY A 82 -4.41 1.55 24.46
N ASP A 83 -3.22 1.00 24.16
CA ASP A 83 -1.94 1.72 24.14
C ASP A 83 -1.80 2.80 23.03
N PRO A 84 -1.07 3.91 23.28
CA PRO A 84 -0.86 4.97 22.30
C PRO A 84 0.02 4.54 21.12
N GLN A 85 -0.08 5.27 20.00
CA GLN A 85 0.72 5.07 18.79
C GLN A 85 2.23 5.27 19.04
N SER A 86 3.08 4.48 18.37
CA SER A 86 4.54 4.46 18.57
C SER A 86 5.29 4.00 17.31
N ALA A 87 6.63 4.01 17.39
CA ALA A 87 7.53 3.53 16.33
C ALA A 87 7.35 2.04 15.96
N GLN A 88 6.61 1.26 16.75
CA GLN A 88 6.23 -0.12 16.41
C GLN A 88 5.40 -0.23 15.12
N ASP A 89 4.81 0.87 14.64
CA ASP A 89 4.20 0.94 13.31
C ASP A 89 5.14 0.59 12.14
N LYS A 90 6.45 0.86 12.29
CA LYS A 90 7.49 0.47 11.34
C LYS A 90 7.68 -1.06 11.32
N ALA A 91 7.76 -1.68 12.49
CA ALA A 91 7.83 -3.13 12.63
C ALA A 91 6.56 -3.82 12.09
N ARG A 92 5.38 -3.19 12.24
CA ARG A 92 4.13 -3.65 11.61
C ARG A 92 4.24 -3.64 10.08
N MET A 93 4.56 -2.51 9.45
CA MET A 93 4.64 -2.47 7.99
C MET A 93 5.77 -3.34 7.42
N ASP A 94 6.86 -3.52 8.15
CA ASP A 94 7.90 -4.51 7.79
C ASP A 94 7.36 -5.94 7.72
N LYS A 95 6.62 -6.40 8.74
CA LYS A 95 6.03 -7.73 8.77
C LYS A 95 4.84 -7.89 7.82
N GLU A 96 4.00 -6.88 7.64
CA GLU A 96 2.93 -6.91 6.62
C GLU A 96 3.51 -6.90 5.19
N TYR A 97 4.67 -6.26 4.98
CA TYR A 97 5.42 -6.34 3.72
C TYR A 97 5.97 -7.73 3.42
N LEU A 98 6.60 -8.35 4.42
CA LEU A 98 7.03 -9.76 4.37
C LEU A 98 5.84 -10.69 4.08
N SER A 99 4.69 -10.43 4.69
CA SER A 99 3.46 -11.20 4.49
C SER A 99 2.89 -11.06 3.06
N LEU A 100 2.90 -9.85 2.49
CA LEU A 100 2.49 -9.62 1.10
C LEU A 100 3.41 -10.38 0.13
N MET A 101 4.73 -10.20 0.28
CA MET A 101 5.71 -10.83 -0.59
C MET A 101 5.68 -12.36 -0.50
N ALA A 102 5.53 -12.93 0.70
CA ALA A 102 5.37 -14.37 0.90
C ALA A 102 4.09 -14.94 0.25
N GLU A 103 2.98 -14.20 0.28
CA GLU A 103 1.73 -14.58 -0.39
C GLU A 103 1.80 -14.51 -1.93
N LEU A 104 2.59 -13.57 -2.47
CA LEU A 104 2.90 -13.48 -3.90
C LEU A 104 3.97 -14.51 -4.36
N GLY A 105 4.69 -15.13 -3.43
CA GLY A 105 5.81 -16.03 -3.69
C GLY A 105 7.12 -15.30 -4.05
N GLU A 106 7.22 -14.00 -3.75
CA GLU A 106 8.36 -13.13 -4.04
C GLU A 106 9.40 -13.11 -2.90
N ALA A 107 10.68 -13.11 -3.29
CA ALA A 107 11.89 -13.10 -2.44
C ALA A 107 12.06 -14.31 -1.48
N PRO A 108 13.31 -14.68 -1.10
CA PRO A 108 13.56 -15.67 -0.04
C PRO A 108 13.15 -15.13 1.33
N VAL A 109 12.76 -16.02 2.25
CA VAL A 109 12.40 -15.67 3.63
C VAL A 109 13.62 -15.21 4.46
N PRO A 110 13.46 -14.27 5.41
CA PRO A 110 14.55 -13.82 6.29
C PRO A 110 15.00 -14.92 7.26
N ALA A 111 16.28 -14.87 7.66
CA ALA A 111 16.94 -15.82 8.56
C ALA A 111 18.08 -15.15 9.38
N GLY A 1 -0.98 -11.38 -18.95
CA GLY A 1 -0.02 -11.26 -17.83
C GLY A 1 -0.73 -11.26 -16.49
N GLU A 2 -0.16 -11.92 -15.48
CA GLU A 2 -0.77 -12.14 -14.15
C GLU A 2 -0.60 -10.98 -13.16
N VAL A 3 -0.17 -9.80 -13.62
CA VAL A 3 0.07 -8.59 -12.82
C VAL A 3 -1.17 -8.12 -12.04
N ARG A 4 -2.38 -8.35 -12.58
CA ARG A 4 -3.65 -7.99 -11.92
C ARG A 4 -3.79 -8.59 -10.50
N ASN A 5 -3.29 -9.81 -10.29
CA ASN A 5 -3.31 -10.47 -8.98
C ASN A 5 -2.37 -9.78 -7.98
N ILE A 6 -1.18 -9.39 -8.45
CA ILE A 6 -0.19 -8.63 -7.65
C ILE A 6 -0.75 -7.26 -7.30
N VAL A 7 -1.40 -6.58 -8.26
CA VAL A 7 -2.08 -5.29 -8.05
C VAL A 7 -3.17 -5.42 -7.00
N ASP A 8 -4.07 -6.39 -7.13
CA ASP A 8 -5.14 -6.67 -6.16
C ASP A 8 -4.66 -6.85 -4.70
N LYS A 9 -3.68 -7.74 -4.50
CA LYS A 9 -3.13 -8.00 -3.17
C LYS A 9 -2.33 -6.81 -2.62
N THR A 10 -1.49 -6.18 -3.44
CA THR A 10 -0.75 -4.96 -3.05
C THR A 10 -1.70 -3.82 -2.67
N ALA A 11 -2.76 -3.58 -3.45
CA ALA A 11 -3.76 -2.57 -3.13
C ALA A 11 -4.49 -2.85 -1.81
N SER A 12 -4.79 -4.12 -1.51
CA SER A 12 -5.43 -4.53 -0.25
C SER A 12 -4.51 -4.23 0.94
N PHE A 13 -3.24 -4.60 0.83
CA PHE A 13 -2.21 -4.31 1.82
C PHE A 13 -1.87 -2.83 2.04
N VAL A 14 -1.76 -2.05 0.96
CA VAL A 14 -1.49 -0.60 1.02
C VAL A 14 -2.70 0.14 1.61
N ALA A 15 -3.93 -0.17 1.18
CA ALA A 15 -5.15 0.44 1.72
C ALA A 15 -5.28 0.25 3.25
N ARG A 16 -4.88 -0.93 3.74
CA ARG A 16 -4.92 -1.29 5.16
C ARG A 16 -3.78 -0.70 5.98
N ASN A 17 -2.54 -0.83 5.51
CA ASN A 17 -1.33 -0.39 6.20
C ASN A 17 -0.95 1.11 6.01
N GLY A 18 -1.55 1.80 5.04
CA GLY A 18 -1.41 3.24 4.81
C GLY A 18 -0.45 3.64 3.66
N PRO A 19 -0.37 4.94 3.31
CA PRO A 19 0.33 5.44 2.12
C PRO A 19 1.83 5.18 2.09
N GLU A 20 2.48 5.13 3.26
CA GLU A 20 3.92 4.84 3.36
C GLU A 20 4.25 3.40 2.89
N PHE A 21 3.29 2.47 3.00
CA PHE A 21 3.46 1.08 2.59
C PHE A 21 3.58 1.03 1.04
N GLU A 22 2.94 1.94 0.29
CA GLU A 22 3.16 2.08 -1.15
C GLU A 22 4.59 2.56 -1.46
N ALA A 23 5.04 3.63 -0.80
CA ALA A 23 6.37 4.21 -1.01
C ALA A 23 7.49 3.19 -0.70
N ARG A 24 7.31 2.36 0.32
CA ARG A 24 8.20 1.23 0.66
C ARG A 24 8.38 0.28 -0.51
N ILE A 25 7.28 -0.27 -1.04
CA ILE A 25 7.31 -1.22 -2.16
C ILE A 25 7.82 -0.55 -3.44
N ARG A 26 7.35 0.68 -3.73
CA ARG A 26 7.78 1.44 -4.91
C ARG A 26 9.28 1.71 -4.93
N GLN A 27 9.91 2.01 -3.79
CA GLN A 27 11.37 2.21 -3.75
C GLN A 27 12.16 0.89 -3.77
N ASN A 28 11.71 -0.13 -3.02
CA ASN A 28 12.40 -1.42 -2.93
C ASN A 28 12.37 -2.24 -4.23
N GLU A 29 11.25 -2.17 -4.96
CA GLU A 29 10.99 -2.91 -6.20
C GLU A 29 10.93 -1.98 -7.44
N ILE A 30 11.61 -0.83 -7.40
CA ILE A 30 11.47 0.25 -8.40
C ILE A 30 11.84 -0.20 -9.83
N ASN A 31 12.81 -1.11 -9.97
CA ASN A 31 13.26 -1.69 -11.24
C ASN A 31 12.54 -3.00 -11.60
N ASN A 32 11.73 -3.57 -10.71
CA ASN A 32 11.03 -4.84 -10.92
C ASN A 32 9.84 -4.62 -11.89
N PRO A 33 9.79 -5.30 -13.05
CA PRO A 33 8.75 -5.05 -14.06
C PRO A 33 7.34 -5.39 -13.56
N LYS A 34 7.20 -6.32 -12.60
CA LYS A 34 5.90 -6.66 -11.98
C LYS A 34 5.33 -5.52 -11.15
N PHE A 35 6.18 -4.72 -10.49
CA PHE A 35 5.80 -3.63 -9.57
C PHE A 35 5.67 -2.22 -10.17
N ASN A 36 5.85 -2.10 -11.49
CA ASN A 36 5.77 -0.81 -12.21
C ASN A 36 4.41 -0.11 -12.11
N PHE A 37 3.32 -0.80 -11.74
CA PHE A 37 1.99 -0.20 -11.58
C PHE A 37 1.90 0.89 -10.50
N LEU A 38 2.86 0.95 -9.58
CA LEU A 38 2.96 2.01 -8.57
C LEU A 38 3.43 3.35 -9.17
N ASN A 39 4.04 3.33 -10.37
CA ASN A 39 4.32 4.53 -11.15
C ASN A 39 3.05 5.06 -11.86
N PRO A 40 2.81 6.38 -11.91
CA PRO A 40 1.57 6.95 -12.44
C PRO A 40 1.36 6.79 -13.95
N ASN A 41 2.40 6.43 -14.70
CA ASN A 41 2.36 6.26 -16.16
C ASN A 41 1.72 4.94 -16.65
N ASP A 42 1.55 3.93 -15.77
CA ASP A 42 1.07 2.60 -16.16
C ASP A 42 -0.44 2.45 -16.43
N PRO A 43 -0.87 1.58 -17.38
CA PRO A 43 -2.29 1.22 -17.54
C PRO A 43 -2.88 0.60 -16.26
N TYR A 44 -2.07 -0.22 -15.57
CA TYR A 44 -2.43 -0.77 -14.26
C TYR A 44 -2.61 0.22 -13.11
N HIS A 45 -2.06 1.44 -13.21
CA HIS A 45 -2.13 2.43 -12.14
C HIS A 45 -3.58 2.87 -11.86
N ALA A 46 -4.40 3.05 -12.91
CA ALA A 46 -5.81 3.40 -12.78
C ALA A 46 -6.60 2.32 -12.00
N TYR A 47 -6.37 1.04 -12.33
CA TYR A 47 -6.93 -0.09 -11.59
C TYR A 47 -6.42 -0.20 -10.15
N TYR A 48 -5.10 -0.07 -9.97
CA TYR A 48 -4.45 -0.01 -8.66
C TYR A 48 -5.01 1.03 -7.70
N ARG A 49 -5.05 2.30 -8.13
CA ARG A 49 -5.58 3.44 -7.37
C ARG A 49 -7.07 3.26 -7.02
N HIS A 50 -7.86 2.72 -7.96
CA HIS A 50 -9.26 2.38 -7.72
C HIS A 50 -9.39 1.26 -6.68
N LYS A 51 -8.60 0.20 -6.79
CA LYS A 51 -8.60 -0.92 -5.84
C LYS A 51 -8.19 -0.48 -4.43
N VAL A 52 -7.21 0.42 -4.29
CA VAL A 52 -6.80 0.97 -2.99
C VAL A 52 -7.98 1.73 -2.36
N SER A 53 -8.62 2.59 -3.15
CA SER A 53 -9.80 3.36 -2.71
C SER A 53 -10.99 2.47 -2.32
N GLU A 54 -11.21 1.38 -3.07
CA GLU A 54 -12.22 0.37 -2.76
C GLU A 54 -11.88 -0.41 -1.47
N PHE A 55 -10.63 -0.85 -1.32
CA PHE A 55 -10.13 -1.48 -0.10
C PHE A 55 -10.13 -0.61 1.16
N LYS A 56 -9.96 0.71 1.00
CA LYS A 56 -10.03 1.71 2.07
C LYS A 56 -11.43 1.85 2.68
N GLU A 57 -12.47 1.87 1.85
CA GLU A 57 -13.87 1.88 2.31
C GLU A 57 -14.40 0.49 2.69
N GLY A 58 -13.81 -0.57 2.12
CA GLY A 58 -14.03 -1.96 2.51
C GLY A 58 -15.49 -2.42 2.43
N LYS A 59 -16.03 -2.87 3.58
CA LYS A 59 -17.39 -3.44 3.72
C LYS A 59 -18.52 -2.41 3.50
N ALA A 60 -18.25 -1.11 3.61
CA ALA A 60 -19.27 -0.06 3.52
C ALA A 60 -20.03 -0.06 2.18
N GLN A 61 -21.36 -0.15 2.25
CA GLN A 61 -22.25 -0.19 1.09
C GLN A 61 -22.40 1.19 0.42
N GLU A 62 -22.56 1.18 -0.92
CA GLU A 62 -22.56 2.34 -1.84
C GLU A 62 -21.21 3.12 -1.88
N PRO A 63 -20.60 3.36 -3.07
CA PRO A 63 -19.32 4.05 -3.17
C PRO A 63 -19.42 5.53 -2.74
N SER A 64 -18.74 5.87 -1.64
CA SER A 64 -18.68 7.22 -1.06
C SER A 64 -17.46 7.36 -0.14
N SER A 65 -16.89 8.56 -0.03
CA SER A 65 -15.70 8.84 0.78
C SER A 65 -15.99 8.85 2.28
N GLY A 66 -15.18 8.13 3.06
CA GLY A 66 -15.24 8.08 4.52
C GLY A 66 -13.91 7.71 5.22
N SER A 67 -12.98 7.05 4.53
CA SER A 67 -11.62 6.77 5.00
C SER A 67 -10.77 8.05 5.11
N SER A 68 -9.82 8.07 6.06
CA SER A 68 -8.91 9.20 6.31
C SER A 68 -7.60 8.73 6.94
N GLY A 69 -6.50 9.46 6.72
CA GLY A 69 -5.16 9.15 7.22
C GLY A 69 -4.97 9.34 8.73
N SER A 70 -4.11 8.53 9.34
CA SER A 70 -3.73 8.61 10.75
C SER A 70 -2.74 9.75 11.06
N SER A 71 -2.66 10.16 12.33
CA SER A 71 -1.70 11.17 12.82
C SER A 71 -0.25 10.62 12.86
N GLY A 72 0.74 11.51 12.78
CA GLY A 72 2.17 11.17 12.79
C GLY A 72 3.09 12.40 12.85
N SER A 73 4.41 12.16 12.78
CA SER A 73 5.51 13.12 12.99
C SER A 73 5.61 13.66 14.43
N SER A 74 6.82 14.08 14.82
CA SER A 74 7.08 14.79 16.09
C SER A 74 6.68 16.27 16.05
N GLY A 75 6.40 16.82 14.86
CA GLY A 75 6.05 18.24 14.66
C GLY A 75 7.22 19.20 14.93
N SER A 76 6.90 20.45 15.29
CA SER A 76 7.87 21.53 15.57
C SER A 76 8.52 21.40 16.96
N SER A 77 9.28 20.33 17.19
CA SER A 77 10.02 20.08 18.44
C SER A 77 11.19 21.06 18.68
N GLY A 78 11.69 21.71 17.63
CA GLY A 78 12.64 22.83 17.69
C GLY A 78 13.96 22.49 18.39
N GLN A 79 14.15 23.05 19.59
CA GLN A 79 15.33 22.84 20.44
C GLN A 79 15.46 21.40 20.98
N ARG A 80 14.38 20.61 20.99
CA ARG A 80 14.36 19.18 21.34
C ARG A 80 14.30 18.27 20.11
N PRO A 81 14.84 17.03 20.18
CA PRO A 81 14.85 16.07 19.06
C PRO A 81 13.48 15.42 18.76
N GLY A 82 12.49 15.59 19.65
CA GLY A 82 11.16 14.95 19.55
C GLY A 82 11.10 13.54 20.17
N ASP A 83 9.92 12.94 20.12
CA ASP A 83 9.62 11.59 20.60
C ASP A 83 10.25 10.42 19.79
N PRO A 84 10.56 9.27 20.42
CA PRO A 84 11.08 8.08 19.74
C PRO A 84 9.97 7.33 18.97
N GLN A 85 9.50 7.91 17.86
CA GLN A 85 8.43 7.36 17.01
C GLN A 85 8.85 6.12 16.18
N SER A 86 10.13 5.73 16.22
CA SER A 86 10.71 4.49 15.66
C SER A 86 10.32 3.19 16.41
N ALA A 87 9.12 3.17 17.02
CA ALA A 87 8.55 2.07 17.78
C ALA A 87 8.04 0.91 16.89
N GLN A 88 7.24 0.01 17.45
CA GLN A 88 6.70 -1.19 16.80
C GLN A 88 5.85 -0.91 15.53
N ASP A 89 5.49 0.34 15.25
CA ASP A 89 4.89 0.74 13.97
C ASP A 89 5.71 0.33 12.74
N LYS A 90 7.05 0.38 12.84
CA LYS A 90 7.97 -0.16 11.83
C LYS A 90 7.91 -1.69 11.75
N ALA A 91 7.98 -2.39 12.89
CA ALA A 91 7.93 -3.86 12.94
C ALA A 91 6.61 -4.41 12.37
N ARG A 92 5.51 -3.68 12.52
CA ARG A 92 4.19 -4.01 11.95
C ARG A 92 4.24 -3.96 10.41
N MET A 93 4.74 -2.87 9.81
CA MET A 93 4.89 -2.81 8.35
C MET A 93 5.99 -3.74 7.82
N ASP A 94 7.05 -4.02 8.59
CA ASP A 94 8.07 -5.01 8.24
C ASP A 94 7.48 -6.41 8.01
N LYS A 95 6.69 -6.91 8.96
CA LYS A 95 6.06 -8.22 8.86
C LYS A 95 4.89 -8.26 7.87
N GLU A 96 4.13 -7.17 7.74
CA GLU A 96 3.12 -7.02 6.67
C GLU A 96 3.75 -7.08 5.27
N TYR A 97 4.91 -6.45 5.09
CA TYR A 97 5.66 -6.47 3.83
C TYR A 97 6.20 -7.86 3.50
N LEU A 98 6.80 -8.54 4.49
CA LEU A 98 7.20 -9.94 4.38
C LEU A 98 5.99 -10.85 4.04
N SER A 99 4.83 -10.59 4.65
CA SER A 99 3.61 -11.36 4.42
C SER A 99 3.04 -11.16 3.02
N LEU A 100 3.06 -9.93 2.48
CA LEU A 100 2.66 -9.63 1.11
C LEU A 100 3.56 -10.38 0.12
N MET A 101 4.88 -10.25 0.26
CA MET A 101 5.85 -10.90 -0.62
C MET A 101 5.74 -12.43 -0.57
N ALA A 102 5.61 -13.02 0.62
CA ALA A 102 5.42 -14.46 0.80
C ALA A 102 4.12 -14.98 0.15
N GLU A 103 3.02 -14.23 0.24
CA GLU A 103 1.76 -14.58 -0.43
C GLU A 103 1.80 -14.46 -1.96
N LEU A 104 2.62 -13.57 -2.51
CA LEU A 104 2.91 -13.46 -3.95
C LEU A 104 3.96 -14.49 -4.44
N GLY A 105 4.66 -15.17 -3.53
CA GLY A 105 5.78 -16.08 -3.85
C GLY A 105 7.09 -15.35 -4.18
N GLU A 106 7.20 -14.06 -3.82
CA GLU A 106 8.37 -13.20 -4.02
C GLU A 106 9.42 -13.33 -2.90
N ALA A 107 10.68 -13.04 -3.24
CA ALA A 107 11.90 -13.21 -2.42
C ALA A 107 12.23 -14.68 -2.05
N PRO A 108 13.53 -15.04 -1.87
CA PRO A 108 13.94 -16.38 -1.45
C PRO A 108 13.54 -16.69 0.01
N VAL A 109 13.37 -17.97 0.31
CA VAL A 109 13.04 -18.45 1.68
C VAL A 109 14.18 -18.20 2.68
N PRO A 110 13.92 -17.66 3.90
CA PRO A 110 14.95 -17.45 4.92
C PRO A 110 15.67 -18.74 5.36
N ALA A 111 16.94 -18.60 5.78
CA ALA A 111 17.77 -19.68 6.31
C ALA A 111 17.28 -20.22 7.68
N GLY A 1 2.75 -12.23 -17.66
CA GLY A 1 1.42 -11.62 -17.40
C GLY A 1 1.04 -11.73 -15.93
N GLU A 2 -0.26 -11.89 -15.64
CA GLU A 2 -0.84 -12.11 -14.30
C GLU A 2 -0.60 -10.99 -13.26
N VAL A 3 -0.22 -9.78 -13.71
CA VAL A 3 0.05 -8.61 -12.85
C VAL A 3 -1.20 -8.14 -12.08
N ARG A 4 -2.41 -8.36 -12.62
CA ARG A 4 -3.69 -8.00 -11.98
C ARG A 4 -3.85 -8.60 -10.56
N ASN A 5 -3.33 -9.80 -10.34
CA ASN A 5 -3.34 -10.48 -9.03
C ASN A 5 -2.39 -9.79 -8.02
N ILE A 6 -1.20 -9.39 -8.49
CA ILE A 6 -0.22 -8.65 -7.70
C ILE A 6 -0.78 -7.26 -7.33
N VAL A 7 -1.43 -6.59 -8.29
CA VAL A 7 -2.10 -5.29 -8.08
C VAL A 7 -3.20 -5.42 -7.02
N ASP A 8 -4.09 -6.41 -7.13
CA ASP A 8 -5.14 -6.67 -6.15
C ASP A 8 -4.65 -6.86 -4.70
N LYS A 9 -3.66 -7.75 -4.51
CA LYS A 9 -3.09 -8.02 -3.20
C LYS A 9 -2.29 -6.82 -2.66
N THR A 10 -1.46 -6.19 -3.48
CA THR A 10 -0.72 -4.97 -3.09
C THR A 10 -1.67 -3.83 -2.71
N ALA A 11 -2.73 -3.61 -3.47
CA ALA A 11 -3.75 -2.60 -3.15
C ALA A 11 -4.44 -2.86 -1.80
N SER A 12 -4.71 -4.13 -1.48
CA SER A 12 -5.31 -4.53 -0.20
C SER A 12 -4.36 -4.21 0.97
N PHE A 13 -3.09 -4.60 0.83
CA PHE A 13 -2.03 -4.31 1.79
C PHE A 13 -1.65 -2.82 1.99
N VAL A 14 -1.65 -2.04 0.90
CA VAL A 14 -1.41 -0.58 0.94
C VAL A 14 -2.61 0.13 1.56
N ALA A 15 -3.85 -0.22 1.20
CA ALA A 15 -5.05 0.37 1.79
C ALA A 15 -5.14 0.15 3.32
N ARG A 16 -4.66 -1.02 3.78
CA ARG A 16 -4.55 -1.40 5.19
C ARG A 16 -3.47 -0.61 5.94
N ASN A 17 -2.24 -0.62 5.41
CA ASN A 17 -1.04 -0.10 6.09
C ASN A 17 -0.68 1.37 5.79
N GLY A 18 -1.35 2.02 4.83
CA GLY A 18 -1.23 3.45 4.51
C GLY A 18 -0.27 3.80 3.36
N PRO A 19 -0.19 5.10 2.96
CA PRO A 19 0.57 5.55 1.78
C PRO A 19 2.08 5.30 1.84
N GLU A 20 2.65 5.25 3.04
CA GLU A 20 4.07 4.89 3.24
C GLU A 20 4.37 3.45 2.78
N PHE A 21 3.39 2.55 2.82
CA PHE A 21 3.54 1.15 2.41
C PHE A 21 3.65 1.10 0.86
N GLU A 22 2.96 2.00 0.13
CA GLU A 22 3.18 2.16 -1.32
C GLU A 22 4.60 2.64 -1.61
N ALA A 23 5.06 3.70 -0.93
CA ALA A 23 6.40 4.25 -1.11
C ALA A 23 7.50 3.22 -0.80
N ARG A 24 7.30 2.38 0.23
CA ARG A 24 8.18 1.26 0.59
C ARG A 24 8.38 0.27 -0.57
N ILE A 25 7.28 -0.25 -1.12
CA ILE A 25 7.32 -1.20 -2.24
C ILE A 25 7.86 -0.52 -3.50
N ARG A 26 7.39 0.70 -3.80
CA ARG A 26 7.83 1.48 -4.97
C ARG A 26 9.34 1.73 -4.96
N GLN A 27 9.95 2.01 -3.81
CA GLN A 27 11.40 2.22 -3.73
C GLN A 27 12.20 0.92 -3.78
N ASN A 28 11.73 -0.13 -3.09
CA ASN A 28 12.42 -1.43 -3.02
C ASN A 28 12.37 -2.21 -4.34
N GLU A 29 11.30 -2.07 -5.12
CA GLU A 29 11.02 -2.79 -6.37
C GLU A 29 10.93 -1.84 -7.58
N ILE A 30 11.63 -0.70 -7.54
CA ILE A 30 11.48 0.42 -8.48
C ILE A 30 11.76 0.06 -9.95
N ASN A 31 12.66 -0.90 -10.20
CA ASN A 31 13.02 -1.41 -11.53
C ASN A 31 12.31 -2.74 -11.91
N ASN A 32 11.54 -3.32 -10.98
CA ASN A 32 10.91 -4.62 -11.16
C ASN A 32 9.71 -4.53 -12.13
N PRO A 33 9.65 -5.32 -13.23
CA PRO A 33 8.56 -5.25 -14.20
C PRO A 33 7.18 -5.59 -13.61
N LYS A 34 7.13 -6.42 -12.55
CA LYS A 34 5.88 -6.77 -11.86
C LYS A 34 5.28 -5.61 -11.06
N PHE A 35 6.13 -4.76 -10.48
CA PHE A 35 5.75 -3.66 -9.56
C PHE A 35 5.61 -2.26 -10.15
N ASN A 36 5.83 -2.11 -11.46
CA ASN A 36 5.79 -0.82 -12.16
C ASN A 36 4.42 -0.11 -12.09
N PHE A 37 3.32 -0.80 -11.75
CA PHE A 37 1.99 -0.21 -11.60
C PHE A 37 1.88 0.88 -10.51
N LEU A 38 2.84 0.94 -9.57
CA LEU A 38 2.92 2.00 -8.57
C LEU A 38 3.36 3.35 -9.16
N ASN A 39 3.98 3.35 -10.35
CA ASN A 39 4.26 4.56 -11.12
C ASN A 39 2.98 5.07 -11.83
N PRO A 40 2.73 6.39 -11.89
CA PRO A 40 1.52 6.95 -12.49
C PRO A 40 1.42 6.78 -14.01
N ASN A 41 2.52 6.40 -14.68
CA ASN A 41 2.60 6.20 -16.13
C ASN A 41 1.91 4.90 -16.62
N ASP A 42 1.65 3.92 -15.75
CA ASP A 42 1.17 2.59 -16.14
C ASP A 42 -0.34 2.43 -16.41
N PRO A 43 -0.77 1.56 -17.35
CA PRO A 43 -2.18 1.22 -17.54
C PRO A 43 -2.81 0.60 -16.28
N TYR A 44 -2.04 -0.21 -15.55
CA TYR A 44 -2.43 -0.77 -14.26
C TYR A 44 -2.65 0.22 -13.11
N HIS A 45 -2.09 1.44 -13.20
CA HIS A 45 -2.17 2.43 -12.13
C HIS A 45 -3.61 2.85 -11.84
N ALA A 46 -4.44 3.03 -12.88
CA ALA A 46 -5.85 3.38 -12.73
C ALA A 46 -6.64 2.30 -11.95
N TYR A 47 -6.42 1.03 -12.28
CA TYR A 47 -6.98 -0.10 -11.53
C TYR A 47 -6.45 -0.20 -10.10
N TYR A 48 -5.14 -0.07 -9.93
CA TYR A 48 -4.46 -0.02 -8.64
C TYR A 48 -5.01 1.03 -7.65
N ARG A 49 -5.06 2.29 -8.09
CA ARG A 49 -5.57 3.44 -7.31
C ARG A 49 -7.04 3.27 -6.94
N HIS A 50 -7.85 2.74 -7.86
CA HIS A 50 -9.25 2.41 -7.59
C HIS A 50 -9.38 1.29 -6.55
N LYS A 51 -8.59 0.22 -6.68
CA LYS A 51 -8.59 -0.90 -5.73
C LYS A 51 -8.15 -0.48 -4.33
N VAL A 52 -7.18 0.42 -4.19
CA VAL A 52 -6.75 0.95 -2.88
C VAL A 52 -7.92 1.70 -2.24
N SER A 53 -8.58 2.57 -3.00
CA SER A 53 -9.74 3.34 -2.53
C SER A 53 -10.93 2.44 -2.16
N GLU A 54 -11.15 1.36 -2.91
CA GLU A 54 -12.17 0.35 -2.60
C GLU A 54 -11.82 -0.46 -1.34
N PHE A 55 -10.56 -0.88 -1.19
CA PHE A 55 -10.05 -1.53 0.01
C PHE A 55 -10.06 -0.67 1.29
N LYS A 56 -9.88 0.64 1.13
CA LYS A 56 -9.96 1.64 2.22
C LYS A 56 -11.38 1.76 2.81
N GLU A 57 -12.39 1.80 1.95
CA GLU A 57 -13.80 1.83 2.36
C GLU A 57 -14.33 0.44 2.79
N GLY A 58 -13.83 -0.64 2.18
CA GLY A 58 -14.34 -2.00 2.36
C GLY A 58 -15.68 -2.25 1.63
N LYS A 59 -16.12 -3.52 1.62
CA LYS A 59 -17.37 -3.96 0.97
C LYS A 59 -18.61 -3.31 1.62
N ALA A 60 -19.62 -2.98 0.80
CA ALA A 60 -20.80 -2.22 1.21
C ALA A 60 -21.67 -2.93 2.27
N GLN A 61 -21.59 -4.26 2.38
CA GLN A 61 -22.32 -5.05 3.39
C GLN A 61 -21.86 -4.79 4.84
N GLU A 62 -20.58 -4.45 5.03
CA GLU A 62 -19.99 -4.07 6.32
C GLU A 62 -18.68 -3.27 6.08
N PRO A 63 -18.74 -1.93 5.94
CA PRO A 63 -17.59 -1.08 5.67
C PRO A 63 -16.48 -1.16 6.73
N SER A 64 -15.24 -0.86 6.32
CA SER A 64 -14.04 -0.95 7.16
C SER A 64 -14.03 0.07 8.31
N SER A 65 -13.53 -0.35 9.48
CA SER A 65 -13.27 0.51 10.64
C SER A 65 -12.03 1.40 10.45
N GLY A 66 -11.05 0.95 9.63
CA GLY A 66 -9.79 1.66 9.37
C GLY A 66 -8.79 1.72 10.53
N SER A 67 -9.04 0.97 11.61
CA SER A 67 -8.20 0.94 12.83
C SER A 67 -6.84 0.24 12.61
N SER A 68 -5.83 0.65 13.39
CA SER A 68 -4.49 0.02 13.43
C SER A 68 -4.46 -1.26 14.30
N GLY A 69 -3.54 -2.18 13.98
CA GLY A 69 -3.34 -3.41 14.73
C GLY A 69 -2.43 -3.23 15.96
N SER A 70 -2.96 -3.48 17.15
CA SER A 70 -2.21 -3.46 18.43
C SER A 70 -1.39 -4.74 18.68
N SER A 71 -1.79 -5.86 18.06
CA SER A 71 -1.16 -7.19 18.18
C SER A 71 -1.56 -8.09 16.99
N GLY A 72 -0.87 -9.24 16.85
CA GLY A 72 -1.15 -10.24 15.81
C GLY A 72 -0.28 -11.49 15.91
N SER A 73 -0.61 -12.52 15.12
CA SER A 73 0.14 -13.78 15.03
C SER A 73 1.56 -13.57 14.46
N SER A 74 2.54 -14.32 14.98
CA SER A 74 3.97 -14.20 14.64
C SER A 74 4.54 -12.79 14.86
N GLY A 75 4.05 -12.07 15.89
CA GLY A 75 4.47 -10.73 16.29
C GLY A 75 5.69 -10.67 17.24
N SER A 76 6.41 -11.78 17.39
CA SER A 76 7.52 -11.96 18.35
C SER A 76 8.60 -12.90 17.80
N SER A 77 9.87 -12.56 18.01
CA SER A 77 11.05 -13.37 17.64
C SER A 77 11.53 -14.27 18.79
N GLY A 78 10.59 -14.82 19.56
CA GLY A 78 10.84 -15.49 20.85
C GLY A 78 11.02 -14.51 22.02
N GLN A 79 10.95 -13.20 21.72
CA GLN A 79 10.94 -12.06 22.64
C GLN A 79 10.28 -10.86 21.93
N ARG A 80 9.59 -10.00 22.68
CA ARG A 80 8.90 -8.80 22.15
C ARG A 80 9.93 -7.77 21.64
N PRO A 81 9.73 -7.12 20.47
CA PRO A 81 10.69 -6.16 19.91
C PRO A 81 10.87 -4.88 20.75
N GLY A 82 9.93 -4.57 21.65
CA GLY A 82 9.99 -3.47 22.61
C GLY A 82 8.69 -3.35 23.41
N ASP A 83 8.58 -2.31 24.24
CA ASP A 83 7.31 -1.93 24.90
C ASP A 83 6.26 -1.33 23.95
N PRO A 84 4.95 -1.27 24.34
CA PRO A 84 3.92 -0.60 23.54
C PRO A 84 4.24 0.88 23.29
N GLN A 85 4.38 1.24 22.01
CA GLN A 85 4.71 2.59 21.50
C GLN A 85 4.11 2.81 20.11
N SER A 86 3.97 4.06 19.68
CA SER A 86 3.61 4.42 18.29
C SER A 86 4.62 3.85 17.26
N ALA A 87 5.89 3.73 17.65
CA ALA A 87 6.96 3.13 16.86
C ALA A 87 6.74 1.65 16.48
N GLN A 88 5.85 0.92 17.18
CA GLN A 88 5.48 -0.46 16.82
C GLN A 88 4.76 -0.55 15.46
N ASP A 89 4.26 0.56 14.91
CA ASP A 89 3.78 0.65 13.53
C ASP A 89 4.80 0.17 12.48
N LYS A 90 6.09 0.43 12.72
CA LYS A 90 7.20 0.01 11.85
C LYS A 90 7.37 -1.52 11.84
N ALA A 91 7.34 -2.17 13.00
CA ALA A 91 7.37 -3.63 13.11
C ALA A 91 6.13 -4.29 12.47
N ARG A 92 4.97 -3.64 12.55
CA ARG A 92 3.74 -4.11 11.89
C ARG A 92 3.88 -4.04 10.36
N MET A 93 4.29 -2.90 9.78
CA MET A 93 4.53 -2.83 8.33
C MET A 93 5.70 -3.70 7.85
N ASP A 94 6.74 -3.92 8.67
CA ASP A 94 7.80 -4.88 8.36
C ASP A 94 7.28 -6.30 8.10
N LYS A 95 6.48 -6.82 9.03
CA LYS A 95 5.92 -8.17 8.91
C LYS A 95 4.77 -8.27 7.91
N GLU A 96 3.99 -7.21 7.72
CA GLU A 96 3.00 -7.10 6.63
C GLU A 96 3.68 -7.13 5.25
N TYR A 97 4.82 -6.45 5.09
CA TYR A 97 5.60 -6.45 3.85
C TYR A 97 6.18 -7.82 3.52
N LEU A 98 6.77 -8.49 4.52
CA LEU A 98 7.18 -9.89 4.42
C LEU A 98 6.00 -10.81 4.05
N SER A 99 4.82 -10.58 4.64
CA SER A 99 3.62 -11.36 4.38
C SER A 99 3.06 -11.16 2.96
N LEU A 100 3.10 -9.93 2.43
CA LEU A 100 2.69 -9.63 1.05
C LEU A 100 3.60 -10.39 0.07
N MET A 101 4.92 -10.25 0.22
CA MET A 101 5.89 -10.90 -0.65
C MET A 101 5.77 -12.43 -0.59
N ALA A 102 5.66 -13.02 0.61
CA ALA A 102 5.47 -14.45 0.79
C ALA A 102 4.17 -14.98 0.14
N GLU A 103 3.07 -14.23 0.21
CA GLU A 103 1.80 -14.59 -0.45
C GLU A 103 1.84 -14.48 -1.98
N LEU A 104 2.66 -13.58 -2.53
CA LEU A 104 2.96 -13.49 -3.98
C LEU A 104 4.00 -14.53 -4.45
N GLY A 105 4.65 -15.24 -3.52
CA GLY A 105 5.73 -16.20 -3.80
C GLY A 105 7.11 -15.55 -4.02
N GLU A 106 7.26 -14.28 -3.67
CA GLU A 106 8.48 -13.48 -3.77
C GLU A 106 9.33 -13.58 -2.49
N ALA A 107 10.65 -13.75 -2.64
CA ALA A 107 11.60 -13.70 -1.52
C ALA A 107 12.00 -12.23 -1.19
N PRO A 108 12.15 -11.86 0.10
CA PRO A 108 12.70 -10.57 0.49
C PRO A 108 14.20 -10.47 0.18
N VAL A 109 14.69 -9.25 -0.08
CA VAL A 109 16.08 -8.96 -0.48
C VAL A 109 16.62 -7.73 0.27
N PRO A 110 17.95 -7.57 0.40
CA PRO A 110 18.57 -6.38 1.00
C PRO A 110 18.25 -5.07 0.26
N ALA A 111 18.28 -3.94 0.99
CA ALA A 111 18.11 -2.58 0.46
C ALA A 111 19.31 -2.13 -0.41
N GLY A 1 -0.71 -12.43 -17.78
CA GLY A 1 0.34 -12.01 -16.82
C GLY A 1 -0.24 -11.81 -15.42
N GLU A 2 0.58 -12.04 -14.38
CA GLU A 2 0.15 -12.00 -12.97
C GLU A 2 -0.08 -10.59 -12.37
N VAL A 3 0.24 -9.53 -13.12
CA VAL A 3 0.21 -8.14 -12.63
C VAL A 3 -1.12 -7.73 -12.00
N ARG A 4 -2.27 -8.09 -12.60
CA ARG A 4 -3.59 -7.80 -12.02
C ARG A 4 -3.76 -8.40 -10.60
N ASN A 5 -3.27 -9.61 -10.39
CA ASN A 5 -3.36 -10.33 -9.11
C ASN A 5 -2.38 -9.75 -8.07
N ILE A 6 -1.18 -9.35 -8.52
CA ILE A 6 -0.19 -8.64 -7.69
C ILE A 6 -0.74 -7.26 -7.28
N VAL A 7 -1.37 -6.53 -8.21
CA VAL A 7 -2.03 -5.23 -8.00
C VAL A 7 -3.14 -5.38 -6.96
N ASP A 8 -4.03 -6.37 -7.10
CA ASP A 8 -5.08 -6.65 -6.13
C ASP A 8 -4.61 -6.84 -4.68
N LYS A 9 -3.64 -7.75 -4.49
CA LYS A 9 -3.07 -8.01 -3.16
C LYS A 9 -2.28 -6.81 -2.62
N THR A 10 -1.45 -6.17 -3.44
CA THR A 10 -0.71 -4.96 -3.05
C THR A 10 -1.65 -3.83 -2.65
N ALA A 11 -2.73 -3.59 -3.42
CA ALA A 11 -3.74 -2.58 -3.09
C ALA A 11 -4.44 -2.87 -1.75
N SER A 12 -4.72 -4.14 -1.44
CA SER A 12 -5.32 -4.54 -0.17
C SER A 12 -4.38 -4.23 1.01
N PHE A 13 -3.10 -4.60 0.86
CA PHE A 13 -2.05 -4.32 1.83
C PHE A 13 -1.67 -2.83 2.04
N VAL A 14 -1.66 -2.03 0.96
CA VAL A 14 -1.43 -0.57 1.01
C VAL A 14 -2.65 0.13 1.63
N ALA A 15 -3.88 -0.23 1.25
CA ALA A 15 -5.10 0.33 1.84
C ALA A 15 -5.18 0.10 3.36
N ARG A 16 -4.69 -1.06 3.82
CA ARG A 16 -4.59 -1.44 5.24
C ARG A 16 -3.51 -0.66 6.00
N ASN A 17 -2.28 -0.66 5.48
CA ASN A 17 -1.08 -0.15 6.15
C ASN A 17 -0.71 1.32 5.88
N GLY A 18 -1.35 1.98 4.90
CA GLY A 18 -1.21 3.40 4.60
C GLY A 18 -0.24 3.76 3.45
N PRO A 19 -0.13 5.05 3.07
CA PRO A 19 0.58 5.50 1.87
C PRO A 19 2.10 5.24 1.89
N GLU A 20 2.72 5.19 3.06
CA GLU A 20 4.15 4.85 3.18
C GLU A 20 4.46 3.40 2.77
N PHE A 21 3.46 2.50 2.88
CA PHE A 21 3.59 1.10 2.47
C PHE A 21 3.70 1.04 0.93
N GLU A 22 3.03 1.93 0.18
CA GLU A 22 3.24 2.09 -1.27
C GLU A 22 4.67 2.57 -1.58
N ALA A 23 5.13 3.62 -0.89
CA ALA A 23 6.47 4.18 -1.09
C ALA A 23 7.58 3.15 -0.80
N ARG A 24 7.39 2.30 0.22
CA ARG A 24 8.28 1.18 0.56
C ARG A 24 8.45 0.21 -0.62
N ILE A 25 7.36 -0.32 -1.15
CA ILE A 25 7.37 -1.27 -2.27
C ILE A 25 7.90 -0.59 -3.53
N ARG A 26 7.45 0.65 -3.82
CA ARG A 26 7.90 1.43 -4.97
C ARG A 26 9.40 1.68 -4.97
N GLN A 27 10.01 1.94 -3.81
CA GLN A 27 11.47 2.15 -3.72
C GLN A 27 12.26 0.82 -3.78
N ASN A 28 11.79 -0.22 -3.08
CA ASN A 28 12.46 -1.52 -3.01
C ASN A 28 12.43 -2.30 -4.33
N GLU A 29 11.36 -2.15 -5.11
CA GLU A 29 11.09 -2.87 -6.37
C GLU A 29 11.00 -1.90 -7.57
N ILE A 30 11.72 -0.77 -7.51
CA ILE A 30 11.58 0.36 -8.46
C ILE A 30 11.89 -0.01 -9.93
N ASN A 31 12.79 -0.97 -10.15
CA ASN A 31 13.18 -1.48 -11.48
C ASN A 31 12.44 -2.77 -11.87
N ASN A 32 11.63 -3.36 -10.98
CA ASN A 32 10.97 -4.64 -11.18
C ASN A 32 9.77 -4.48 -12.15
N PRO A 33 9.70 -5.26 -13.26
CA PRO A 33 8.60 -5.16 -14.22
C PRO A 33 7.22 -5.49 -13.63
N LYS A 34 7.16 -6.33 -12.59
CA LYS A 34 5.90 -6.68 -11.91
C LYS A 34 5.32 -5.53 -11.08
N PHE A 35 6.18 -4.68 -10.50
CA PHE A 35 5.80 -3.60 -9.57
C PHE A 35 5.67 -2.18 -10.15
N ASN A 36 5.88 -2.03 -11.46
CA ASN A 36 5.82 -0.75 -12.16
C ASN A 36 4.46 -0.03 -12.09
N PHE A 37 3.36 -0.73 -11.74
CA PHE A 37 2.03 -0.14 -11.59
C PHE A 37 1.92 0.94 -10.50
N LEU A 38 2.88 0.99 -9.56
CA LEU A 38 2.96 2.04 -8.55
C LEU A 38 3.39 3.40 -9.13
N ASN A 39 4.00 3.41 -10.33
CA ASN A 39 4.26 4.63 -11.11
C ASN A 39 2.98 5.10 -11.83
N PRO A 40 2.71 6.42 -11.91
CA PRO A 40 1.49 6.95 -12.51
C PRO A 40 1.37 6.76 -14.04
N ASN A 41 2.47 6.37 -14.71
CA ASN A 41 2.54 6.17 -16.15
C ASN A 41 1.85 4.87 -16.65
N ASP A 42 1.61 3.89 -15.78
CA ASP A 42 1.12 2.56 -16.17
C ASP A 42 -0.40 2.40 -16.40
N PRO A 43 -0.87 1.55 -17.34
CA PRO A 43 -2.29 1.21 -17.48
C PRO A 43 -2.86 0.58 -16.20
N TYR A 44 -2.07 -0.25 -15.51
CA TYR A 44 -2.43 -0.80 -14.21
C TYR A 44 -2.62 0.17 -13.06
N HIS A 45 -2.06 1.39 -13.16
CA HIS A 45 -2.14 2.39 -12.09
C HIS A 45 -3.58 2.83 -11.81
N ALA A 46 -4.41 2.98 -12.85
CA ALA A 46 -5.83 3.32 -12.68
C ALA A 46 -6.61 2.25 -11.92
N TYR A 47 -6.39 0.97 -12.24
CA TYR A 47 -6.95 -0.17 -11.50
C TYR A 47 -6.42 -0.27 -10.06
N TYR A 48 -5.11 -0.13 -9.89
CA TYR A 48 -4.45 -0.06 -8.60
C TYR A 48 -5.00 1.00 -7.63
N ARG A 49 -5.04 2.26 -8.09
CA ARG A 49 -5.57 3.42 -7.34
C ARG A 49 -7.04 3.24 -6.95
N HIS A 50 -7.85 2.70 -7.86
CA HIS A 50 -9.24 2.37 -7.59
C HIS A 50 -9.37 1.27 -6.54
N LYS A 51 -8.57 0.19 -6.65
CA LYS A 51 -8.57 -0.92 -5.70
C LYS A 51 -8.15 -0.49 -4.30
N VAL A 52 -7.19 0.42 -4.15
CA VAL A 52 -6.77 0.95 -2.84
C VAL A 52 -7.94 1.67 -2.17
N SER A 53 -8.60 2.57 -2.91
CA SER A 53 -9.78 3.30 -2.43
C SER A 53 -10.93 2.35 -2.06
N GLU A 54 -11.17 1.32 -2.87
CA GLU A 54 -12.20 0.30 -2.62
C GLU A 54 -11.87 -0.58 -1.41
N PHE A 55 -10.61 -0.97 -1.23
CA PHE A 55 -10.13 -1.62 -0.01
C PHE A 55 -10.20 -0.78 1.26
N LYS A 56 -10.01 0.55 1.13
CA LYS A 56 -10.20 1.53 2.21
C LYS A 56 -11.67 1.68 2.63
N GLU A 57 -12.58 1.76 1.65
CA GLU A 57 -14.04 1.87 1.88
C GLU A 57 -14.72 0.54 2.23
N GLY A 58 -14.07 -0.61 1.98
CA GLY A 58 -14.64 -1.95 2.19
C GLY A 58 -15.67 -2.35 1.13
N LYS A 59 -15.36 -2.08 -0.15
CA LYS A 59 -16.20 -2.23 -1.36
C LYS A 59 -17.48 -1.36 -1.31
N ALA A 60 -17.36 -0.15 -1.84
CA ALA A 60 -18.45 0.84 -1.95
C ALA A 60 -19.40 0.56 -3.14
N GLN A 61 -20.57 1.20 -3.13
CA GLN A 61 -21.49 1.25 -4.27
C GLN A 61 -20.96 2.19 -5.37
N GLU A 62 -21.10 1.80 -6.64
CA GLU A 62 -20.69 2.61 -7.80
C GLU A 62 -21.58 3.87 -7.95
N PRO A 63 -21.02 5.10 -7.95
CA PRO A 63 -21.80 6.33 -8.11
C PRO A 63 -22.25 6.55 -9.56
N SER A 64 -23.40 7.22 -9.74
CA SER A 64 -23.90 7.67 -11.05
C SER A 64 -23.15 8.91 -11.59
N SER A 65 -22.66 9.78 -10.68
CA SER A 65 -21.86 10.96 -10.98
C SER A 65 -20.36 10.67 -11.14
N GLY A 66 -19.65 11.57 -11.84
CA GLY A 66 -18.18 11.55 -11.95
C GLY A 66 -17.46 12.09 -10.70
N SER A 67 -16.14 11.90 -10.65
CA SER A 67 -15.28 12.31 -9.53
C SER A 67 -13.84 12.62 -9.95
N SER A 68 -13.12 13.40 -9.14
CA SER A 68 -11.70 13.73 -9.33
C SER A 68 -10.76 12.55 -9.07
N GLY A 69 -9.60 12.54 -9.72
CA GLY A 69 -8.51 11.58 -9.47
C GLY A 69 -7.77 11.79 -8.14
N SER A 70 -7.96 12.94 -7.47
CA SER A 70 -7.32 13.25 -6.17
C SER A 70 -8.11 14.20 -5.26
N SER A 71 -8.96 15.07 -5.82
CA SER A 71 -9.64 16.21 -5.17
C SER A 71 -8.70 17.27 -4.55
N GLY A 72 -7.40 17.23 -4.87
CA GLY A 72 -6.37 18.11 -4.31
C GLY A 72 -6.17 17.93 -2.79
N SER A 73 -5.65 18.96 -2.13
CA SER A 73 -5.56 19.04 -0.66
C SER A 73 -6.94 19.26 -0.02
N SER A 74 -7.53 18.19 0.53
CA SER A 74 -8.88 18.19 1.12
C SER A 74 -9.04 17.10 2.19
N GLY A 75 -9.84 17.38 3.23
CA GLY A 75 -10.12 16.48 4.34
C GLY A 75 -8.97 16.33 5.37
N SER A 76 -9.27 15.67 6.48
CA SER A 76 -8.32 15.34 7.56
C SER A 76 -8.85 14.19 8.42
N SER A 77 -7.97 13.30 8.90
CA SER A 77 -8.32 12.09 9.66
C SER A 77 -7.58 11.99 11.00
N GLY A 78 -6.29 11.65 10.98
CA GLY A 78 -5.48 11.30 12.16
C GLY A 78 -4.99 12.47 13.03
N GLN A 79 -5.30 13.72 12.65
CA GLN A 79 -4.93 14.92 13.43
C GLN A 79 -5.74 15.11 14.73
N ARG A 80 -6.86 14.39 14.88
CA ARG A 80 -7.73 14.40 16.07
C ARG A 80 -7.07 13.73 17.29
N PRO A 81 -7.37 14.17 18.53
CA PRO A 81 -6.86 13.53 19.74
C PRO A 81 -7.43 12.12 19.95
N GLY A 82 -6.64 11.24 20.57
CA GLY A 82 -6.98 9.84 20.84
C GLY A 82 -5.77 8.97 21.17
N ASP A 83 -5.96 7.66 21.32
CA ASP A 83 -4.87 6.69 21.52
C ASP A 83 -3.95 6.52 20.30
N PRO A 84 -2.62 6.30 20.48
CA PRO A 84 -1.65 6.21 19.39
C PRO A 84 -1.58 4.83 18.72
N GLN A 85 -1.10 4.80 17.47
CA GLN A 85 -0.74 3.59 16.71
C GLN A 85 0.74 3.57 16.26
N SER A 86 1.50 4.60 16.61
CA SER A 86 2.89 4.85 16.22
C SER A 86 3.92 4.01 17.00
N ALA A 87 5.20 4.09 16.59
CA ALA A 87 6.38 3.32 17.03
C ALA A 87 6.31 1.80 16.71
N GLN A 88 5.19 1.14 17.04
CA GLN A 88 4.90 -0.23 16.63
C GLN A 88 4.53 -0.34 15.14
N ASP A 89 4.16 0.78 14.50
CA ASP A 89 3.91 0.88 13.06
C ASP A 89 5.03 0.36 12.17
N LYS A 90 6.29 0.55 12.58
CA LYS A 90 7.50 0.05 11.89
C LYS A 90 7.55 -1.48 11.82
N ALA A 91 7.34 -2.16 12.95
CA ALA A 91 7.22 -3.62 13.02
C ALA A 91 5.95 -4.14 12.30
N ARG A 92 4.86 -3.37 12.35
CA ARG A 92 3.59 -3.67 11.67
C ARG A 92 3.79 -3.70 10.16
N MET A 93 4.39 -2.65 9.57
CA MET A 93 4.71 -2.63 8.13
C MET A 93 5.80 -3.62 7.73
N ASP A 94 6.77 -3.92 8.60
CA ASP A 94 7.79 -4.94 8.32
C ASP A 94 7.21 -6.33 8.07
N LYS A 95 6.40 -6.83 9.00
CA LYS A 95 5.79 -8.16 8.87
C LYS A 95 4.67 -8.20 7.83
N GLU A 96 3.90 -7.13 7.66
CA GLU A 96 2.93 -7.02 6.57
C GLU A 96 3.59 -7.05 5.19
N TYR A 97 4.75 -6.41 5.04
CA TYR A 97 5.55 -6.44 3.81
C TYR A 97 6.11 -7.82 3.49
N LEU A 98 6.70 -8.48 4.51
CA LEU A 98 7.13 -9.88 4.42
C LEU A 98 5.96 -10.82 4.03
N SER A 99 4.78 -10.59 4.61
CA SER A 99 3.58 -11.39 4.36
C SER A 99 3.01 -11.18 2.95
N LEU A 100 3.04 -9.95 2.42
CA LEU A 100 2.65 -9.65 1.05
C LEU A 100 3.56 -10.40 0.07
N MET A 101 4.87 -10.26 0.23
CA MET A 101 5.86 -10.90 -0.64
C MET A 101 5.75 -12.43 -0.59
N ALA A 102 5.63 -13.02 0.61
CA ALA A 102 5.44 -14.46 0.79
C ALA A 102 4.15 -15.00 0.13
N GLU A 103 3.05 -14.25 0.19
CA GLU A 103 1.78 -14.60 -0.47
C GLU A 103 1.82 -14.49 -2.00
N LEU A 104 2.64 -13.59 -2.55
CA LEU A 104 2.93 -13.47 -3.99
C LEU A 104 3.97 -14.50 -4.47
N GLY A 105 4.65 -15.21 -3.56
CA GLY A 105 5.74 -16.14 -3.86
C GLY A 105 7.09 -15.47 -4.11
N GLU A 106 7.21 -14.18 -3.77
CA GLU A 106 8.43 -13.38 -3.88
C GLU A 106 9.34 -13.52 -2.65
N ALA A 107 10.65 -13.62 -2.86
CA ALA A 107 11.64 -13.72 -1.78
C ALA A 107 11.84 -12.37 -1.04
N PRO A 108 12.06 -12.37 0.29
CA PRO A 108 12.42 -11.18 1.04
C PRO A 108 13.85 -10.71 0.73
N VAL A 109 14.16 -9.44 1.02
CA VAL A 109 15.51 -8.86 0.87
C VAL A 109 16.54 -9.46 1.85
N PRO A 110 17.86 -9.48 1.51
CA PRO A 110 18.91 -9.99 2.40
C PRO A 110 19.03 -9.22 3.73
N ALA A 111 19.50 -9.91 4.76
CA ALA A 111 19.72 -9.38 6.12
C ALA A 111 20.89 -10.09 6.84
#